data_7P3S
#
_entry.id   7P3S
#
_cell.length_a   70.390
_cell.length_b   70.390
_cell.length_c   97.940
_cell.angle_alpha   78.050
_cell.angle_beta   75.570
_cell.angle_gamma   85.690
#
_symmetry.space_group_name_H-M   'P 1'
#
loop_
_entity.id
_entity.type
_entity.pdbx_description
1 polymer 'Histone deacetylase'
2 non-polymer 'ZINC ION'
3 non-polymer 'POTASSIUM ION'
4 non-polymer GLYCEROL
5 non-polymer ~{N}-[2-methoxy-5-(oxidanylcarbamoyl)phenyl]dibenzofuran-4-carboxamide
6 water water
#
_entity_poly.entity_id   1
_entity_poly.type   'polypeptide(L)'
_entity_poly.pdbx_seq_one_letter_code
;HMSVGIVYGDQYRQLCCSSPKFGDRYALVMDLINAYKLIPELSRVPPLQWDSPSRMYEAVTAFHSTEYVDALKKLQMLHC
EEKELTADDELLMDSFSLNYDCPGFPSVFDYSLAAVQGSLAAASALICRHCEVVINWGGGWHHAKRSEASGFCYLNDIVL
AIHRLVSSTPPETSPNRQTRVLYVDLDLHHGDGVEEAFWYSPRVVTFSVHHASPGFFPGTGTWNMVDNDKLPIFLNGAGR
GRFSAFNLPLEEGINDLDWSNAIGPILDSLNIVIQPSYVVVQCGADCLATDPHRIFRLTNFYPNLNLDSDCDSECSLSGY
LYAIKKILSWKVPTLILGGGGYNFPDTARLWTRVTALTIEEVKGKKMTISPEIPEHSYFSRYGPDFELDIDYFPHESHNK
TLDSIQKHHRRILEQLRNYADLNKLIYDYDQVYQLYNLTGMGSLVPR
;
_entity_poly.pdbx_strand_id   A,B,C,D
#
loop_
_chem_comp.id
_chem_comp.type
_chem_comp.name
_chem_comp.formula
5IB non-polymer ~{N}-[2-methoxy-5-(oxidanylcarbamoyl)phenyl]dibenzofuran-4-carboxamide 'C21 H16 N2 O5'
GOL non-polymer GLYCEROL 'C3 H8 O3'
K non-polymer 'POTASSIUM ION' 'K 1'
ZN non-polymer 'ZINC ION' 'Zn 2'
#
# COMPACT_ATOMS: atom_id res chain seq x y z
N SER A 3 -7.59 -35.11 -11.70
CA SER A 3 -6.25 -35.66 -11.87
C SER A 3 -5.42 -35.39 -10.63
N VAL A 4 -4.29 -36.08 -10.52
CA VAL A 4 -3.32 -35.82 -9.45
C VAL A 4 -2.18 -35.00 -10.04
N GLY A 5 -1.93 -33.83 -9.44
CA GLY A 5 -0.85 -32.98 -9.88
C GLY A 5 0.38 -33.12 -9.01
N ILE A 6 1.53 -32.74 -9.56
CA ILE A 6 2.77 -32.73 -8.80
C ILE A 6 3.64 -31.58 -9.28
N VAL A 7 4.27 -30.89 -8.35
CA VAL A 7 5.03 -29.68 -8.67
C VAL A 7 6.46 -30.08 -9.01
N TYR A 8 6.91 -29.70 -10.20
CA TYR A 8 8.32 -29.80 -10.53
C TYR A 8 8.62 -28.91 -11.73
N GLY A 9 9.89 -28.88 -12.09
CA GLY A 9 10.43 -28.05 -13.13
C GLY A 9 11.93 -27.98 -12.99
N ASP A 10 12.61 -27.62 -14.07
CA ASP A 10 14.06 -27.67 -14.08
C ASP A 10 14.66 -26.70 -13.07
N GLN A 11 14.27 -25.43 -13.14
CA GLN A 11 14.83 -24.47 -12.18
C GLN A 11 14.32 -24.73 -10.78
N TYR A 12 13.06 -25.16 -10.67
CA TYR A 12 12.51 -25.53 -9.36
C TYR A 12 13.37 -26.60 -8.71
N ARG A 13 13.70 -27.64 -9.47
CA ARG A 13 14.56 -28.70 -8.95
C ARG A 13 15.90 -28.13 -8.50
N GLN A 14 16.52 -27.29 -9.33
CA GLN A 14 17.82 -26.73 -8.98
C GLN A 14 17.74 -25.95 -7.67
N LEU A 15 16.71 -25.10 -7.53
CA LEU A 15 16.59 -24.30 -6.31
C LEU A 15 16.29 -25.18 -5.09
N CYS A 16 15.41 -26.17 -5.25
CA CYS A 16 15.09 -27.05 -4.13
C CYS A 16 16.28 -27.90 -3.70
N CYS A 17 17.29 -28.05 -4.56
CA CYS A 17 18.49 -28.82 -4.25
C CYS A 17 19.66 -27.93 -3.85
N SER A 18 19.41 -26.64 -3.60
CA SER A 18 20.49 -25.69 -3.39
C SER A 18 20.79 -25.43 -1.90
N SER A 19 20.12 -26.15 -0.97
CA SER A 19 20.34 -25.79 0.43
C SER A 19 21.38 -26.71 1.08
N PRO A 20 22.11 -26.22 2.08
CA PRO A 20 23.07 -27.12 2.75
C PRO A 20 22.40 -28.25 3.51
N LYS A 21 21.25 -28.01 4.15
CA LYS A 21 20.65 -29.04 5.00
C LYS A 21 20.05 -30.16 4.17
N PHE A 22 19.29 -29.81 3.14
CA PHE A 22 18.55 -30.84 2.42
C PHE A 22 19.21 -31.28 1.13
N GLY A 23 20.30 -30.62 0.74
CA GLY A 23 21.12 -31.14 -0.35
C GLY A 23 20.31 -31.51 -1.57
N ASP A 24 20.57 -32.70 -2.12
CA ASP A 24 19.87 -33.15 -3.32
C ASP A 24 18.66 -34.03 -3.00
N ARG A 25 18.10 -33.92 -1.81
CA ARG A 25 16.99 -34.81 -1.45
C ARG A 25 15.85 -34.73 -2.46
N TYR A 26 15.50 -33.52 -2.89
CA TYR A 26 14.36 -33.36 -3.79
C TYR A 26 14.62 -34.06 -5.12
N ALA A 27 15.87 -34.04 -5.57
CA ALA A 27 16.25 -34.74 -6.80
C ALA A 27 16.06 -36.24 -6.63
N LEU A 28 16.48 -36.80 -5.49
CA LEU A 28 16.28 -38.22 -5.25
C LEU A 28 14.80 -38.57 -5.28
N VAL A 29 13.98 -37.75 -4.60
CA VAL A 29 12.55 -37.99 -4.53
C VAL A 29 11.95 -38.01 -5.94
N MET A 30 12.18 -36.95 -6.69
CA MET A 30 11.54 -36.86 -8.00
C MET A 30 12.11 -37.88 -8.97
N ASP A 31 13.41 -38.18 -8.88
CA ASP A 31 13.98 -39.16 -9.79
C ASP A 31 13.53 -40.57 -9.46
N LEU A 32 13.23 -40.86 -8.19
CA LEU A 32 12.69 -42.19 -7.86
C LEU A 32 11.26 -42.32 -8.36
N ILE A 33 10.46 -41.26 -8.22
CA ILE A 33 9.13 -41.23 -8.81
C ILE A 33 9.22 -41.41 -10.33
N ASN A 34 10.19 -40.74 -10.95
CA ASN A 34 10.36 -40.87 -12.39
C ASN A 34 10.83 -42.27 -12.77
N ALA A 35 11.73 -42.85 -11.97
CA ALA A 35 12.24 -44.20 -12.27
C ALA A 35 11.15 -45.25 -12.19
N TYR A 36 10.13 -45.01 -11.38
CA TYR A 36 9.01 -45.93 -11.22
C TYR A 36 7.88 -45.66 -12.23
N LYS A 37 8.15 -44.84 -13.24
CA LYS A 37 7.22 -44.56 -14.35
C LYS A 37 5.93 -43.91 -13.88
N LEU A 38 6.00 -43.10 -12.81
CA LEU A 38 4.81 -42.42 -12.30
C LEU A 38 4.57 -41.07 -12.96
N ILE A 39 5.59 -40.45 -13.55
CA ILE A 39 5.42 -39.09 -14.06
C ILE A 39 4.35 -39.00 -15.13
N PRO A 40 4.24 -39.93 -16.08
CA PRO A 40 3.14 -39.84 -17.06
C PRO A 40 1.75 -39.94 -16.45
N GLU A 41 1.64 -40.41 -15.20
CA GLU A 41 0.35 -40.52 -14.53
C GLU A 41 -0.05 -39.25 -13.81
N LEU A 42 0.85 -38.28 -13.73
CA LEU A 42 0.67 -37.09 -12.92
C LEU A 42 0.64 -35.85 -13.82
N SER A 43 -0.12 -34.85 -13.36
CA SER A 43 -0.19 -33.56 -14.02
CA SER A 43 -0.17 -33.57 -14.04
C SER A 43 0.92 -32.67 -13.47
N ARG A 44 1.82 -32.21 -14.34
CA ARG A 44 2.85 -31.29 -13.85
C ARG A 44 2.20 -29.95 -13.53
N VAL A 45 2.44 -29.46 -12.32
CA VAL A 45 1.98 -28.15 -11.87
C VAL A 45 3.20 -27.24 -11.81
N PRO A 46 3.27 -26.20 -12.64
CA PRO A 46 4.46 -25.33 -12.65
C PRO A 46 4.45 -24.38 -11.46
N PRO A 47 5.61 -24.13 -10.86
CA PRO A 47 5.67 -23.16 -9.76
C PRO A 47 5.20 -21.78 -10.22
N LEU A 48 4.56 -21.07 -9.30
CA LEU A 48 4.06 -19.73 -9.57
C LEU A 48 5.22 -18.76 -9.76
N GLN A 49 5.13 -17.93 -10.80
CA GLN A 49 6.05 -16.81 -10.96
C GLN A 49 5.24 -15.52 -11.06
N TRP A 50 5.90 -14.39 -10.81
CA TRP A 50 5.20 -13.14 -10.61
C TRP A 50 5.58 -12.10 -11.67
N ASP A 51 4.68 -11.12 -11.82
CA ASP A 51 4.82 -10.08 -12.82
C ASP A 51 5.83 -9.01 -12.44
N SER A 52 6.23 -8.93 -11.18
CA SER A 52 7.10 -7.86 -10.70
C SER A 52 7.60 -8.22 -9.30
N PRO A 53 8.69 -7.60 -8.88
CA PRO A 53 9.06 -7.68 -7.45
C PRO A 53 7.92 -7.28 -6.53
N SER A 54 7.19 -6.23 -6.91
CA SER A 54 6.10 -5.78 -6.04
C SER A 54 5.05 -6.87 -5.86
N ARG A 55 4.70 -7.56 -6.94
CA ARG A 55 3.70 -8.64 -6.82
C ARG A 55 4.23 -9.79 -5.98
N MET A 56 5.51 -10.13 -6.13
CA MET A 56 6.10 -11.18 -5.30
C MET A 56 6.04 -10.79 -3.84
N TYR A 57 6.42 -9.54 -3.51
CA TYR A 57 6.35 -9.10 -2.12
C TYR A 57 4.92 -9.12 -1.59
N GLU A 58 3.95 -8.72 -2.42
CA GLU A 58 2.56 -8.77 -2.00
CA GLU A 58 2.56 -8.77 -1.99
C GLU A 58 2.15 -10.19 -1.63
N ALA A 59 2.62 -11.17 -2.40
CA ALA A 59 2.25 -12.56 -2.12
C ALA A 59 2.88 -13.04 -0.83
N VAL A 60 4.19 -12.77 -0.66
CA VAL A 60 4.88 -13.35 0.49
C VAL A 60 4.47 -12.63 1.77
N THR A 61 4.22 -11.32 1.69
CA THR A 61 3.85 -10.56 2.89
C THR A 61 2.38 -10.67 3.22
N ALA A 62 1.64 -11.52 2.50
CA ALA A 62 0.33 -11.94 3.01
C ALA A 62 0.47 -12.66 4.35
N PHE A 63 1.67 -13.19 4.66
CA PHE A 63 1.92 -13.74 5.99
C PHE A 63 3.14 -13.10 6.64
N HIS A 64 4.26 -13.04 5.91
CA HIS A 64 5.50 -12.58 6.50
C HIS A 64 5.58 -11.07 6.53
N SER A 65 6.34 -10.53 7.48
CA SER A 65 6.51 -9.09 7.53
C SER A 65 7.46 -8.62 6.44
N THR A 66 7.25 -7.38 5.98
CA THR A 66 8.13 -6.79 4.99
CA THR A 66 8.14 -6.84 4.97
C THR A 66 9.58 -6.80 5.46
N GLU A 67 9.80 -6.43 6.73
CA GLU A 67 11.17 -6.32 7.22
C GLU A 67 11.85 -7.68 7.29
N TYR A 68 11.09 -8.74 7.55
CA TYR A 68 11.67 -10.07 7.55
C TYR A 68 12.03 -10.50 6.13
N VAL A 69 11.12 -10.28 5.17
CA VAL A 69 11.43 -10.60 3.78
C VAL A 69 12.64 -9.79 3.29
N ASP A 70 12.68 -8.50 3.63
CA ASP A 70 13.83 -7.67 3.32
C ASP A 70 15.11 -8.28 3.85
N ALA A 71 15.08 -8.72 5.12
CA ALA A 71 16.27 -9.29 5.74
C ALA A 71 16.68 -10.60 5.08
N LEU A 72 15.70 -11.44 4.74
CA LEU A 72 16.01 -12.70 4.08
C LEU A 72 16.64 -12.47 2.71
N LYS A 73 16.14 -11.50 1.96
CA LYS A 73 16.76 -11.15 0.68
C LYS A 73 18.16 -10.58 0.87
N LYS A 74 18.35 -9.75 1.90
CA LYS A 74 19.68 -9.22 2.15
C LYS A 74 20.66 -10.32 2.54
N LEU A 75 20.20 -11.30 3.32
CA LEU A 75 21.07 -12.41 3.72
C LEU A 75 21.60 -13.16 2.50
N GLN A 76 20.72 -13.42 1.52
CA GLN A 76 21.15 -14.02 0.27
C GLN A 76 22.19 -13.15 -0.42
N MET A 77 21.91 -11.85 -0.56
CA MET A 77 22.84 -10.94 -1.22
C MET A 77 24.20 -10.94 -0.51
N LEU A 78 24.18 -10.90 0.82
CA LEU A 78 25.43 -10.89 1.57
C LEU A 78 26.21 -12.19 1.37
N HIS A 79 25.51 -13.32 1.25
CA HIS A 79 26.20 -14.58 1.06
C HIS A 79 26.66 -14.81 -0.36
N CYS A 80 26.24 -13.97 -1.30
CA CYS A 80 26.79 -14.01 -2.66
C CYS A 80 28.00 -13.10 -2.83
N GLU A 81 28.41 -12.40 -1.77
CA GLU A 81 29.67 -11.68 -1.74
C GLU A 81 30.68 -12.47 -0.92
N GLU A 82 31.95 -12.11 -1.09
CA GLU A 82 32.99 -12.82 -0.37
C GLU A 82 33.20 -12.28 1.03
N LYS A 83 32.89 -11.01 1.27
CA LYS A 83 33.19 -10.38 2.55
C LYS A 83 32.28 -10.92 3.66
N GLU A 84 32.83 -10.96 4.87
CA GLU A 84 32.06 -11.31 6.05
C GLU A 84 30.97 -10.28 6.32
N LEU A 85 29.97 -10.67 7.11
CA LEU A 85 28.94 -9.73 7.53
C LEU A 85 29.51 -8.72 8.52
N THR A 86 29.01 -7.49 8.42
CA THR A 86 29.30 -6.48 9.44
C THR A 86 28.63 -6.87 10.76
N ALA A 87 29.09 -6.27 11.85
CA ALA A 87 28.47 -6.49 13.15
C ALA A 87 27.00 -6.09 13.12
N ASP A 88 26.68 -4.95 12.48
CA ASP A 88 25.28 -4.54 12.39
C ASP A 88 24.46 -5.53 11.58
N ASP A 89 25.03 -6.08 10.52
CA ASP A 89 24.23 -7.04 9.76
C ASP A 89 24.08 -8.36 10.52
N GLU A 90 25.08 -8.77 11.29
CA GLU A 90 24.90 -9.95 12.15
C GLU A 90 23.75 -9.73 13.13
N LEU A 91 23.68 -8.54 13.73
CA LEU A 91 22.60 -8.26 14.68
CA LEU A 91 22.61 -8.26 14.68
C LEU A 91 21.25 -8.25 14.00
N LEU A 92 21.19 -7.69 12.79
CA LEU A 92 19.95 -7.69 12.03
C LEU A 92 19.49 -9.12 11.79
N MET A 93 20.38 -9.97 11.29
CA MET A 93 19.96 -11.35 11.00
C MET A 93 19.54 -12.06 12.28
N ASP A 94 20.28 -11.83 13.37
CA ASP A 94 19.92 -12.44 14.66
C ASP A 94 18.53 -12.05 15.08
N SER A 95 18.11 -10.81 14.78
CA SER A 95 16.80 -10.33 15.18
CA SER A 95 16.80 -10.33 15.17
C SER A 95 15.67 -11.08 14.46
N PHE A 96 15.98 -11.80 13.38
CA PHE A 96 15.00 -12.60 12.66
C PHE A 96 15.30 -14.09 12.77
N SER A 97 16.22 -14.47 13.65
CA SER A 97 16.67 -15.87 13.83
C SER A 97 17.23 -16.46 12.54
N LEU A 98 17.77 -15.59 11.67
CA LEU A 98 18.48 -16.03 10.48
C LEU A 98 19.93 -16.37 10.83
N ASN A 99 20.07 -17.42 11.64
CA ASN A 99 21.35 -17.86 12.17
C ASN A 99 21.18 -19.28 12.69
N TYR A 100 22.26 -19.82 13.26
CA TYR A 100 22.24 -21.14 13.88
C TYR A 100 21.63 -22.19 12.94
N ASP A 101 20.43 -22.69 13.21
CA ASP A 101 19.87 -23.74 12.36
C ASP A 101 19.19 -23.20 11.11
N CYS A 102 19.09 -21.89 10.95
CA CYS A 102 18.59 -21.24 9.74
C CYS A 102 19.65 -20.30 9.19
N PRO A 103 20.82 -20.82 8.82
CA PRO A 103 21.91 -19.95 8.36
C PRO A 103 21.63 -19.39 6.98
N GLY A 104 22.46 -18.40 6.60
CA GLY A 104 22.49 -17.97 5.23
C GLY A 104 23.29 -18.89 4.34
N PHE A 105 22.99 -18.83 3.06
CA PHE A 105 23.77 -19.47 2.01
C PHE A 105 23.46 -18.73 0.71
N PRO A 106 24.24 -18.96 -0.35
CA PRO A 106 24.12 -18.07 -1.52
C PRO A 106 22.72 -18.05 -2.13
N SER A 107 21.92 -19.10 -1.96
CA SER A 107 20.60 -19.15 -2.57
C SER A 107 19.46 -19.15 -1.53
N VAL A 108 19.69 -18.66 -0.31
CA VAL A 108 18.69 -18.88 0.74
C VAL A 108 17.34 -18.27 0.38
N PHE A 109 17.32 -17.09 -0.23
CA PHE A 109 16.03 -16.49 -0.58
C PHE A 109 15.36 -17.23 -1.73
N ASP A 110 16.10 -17.49 -2.80
CA ASP A 110 15.54 -18.20 -3.95
C ASP A 110 15.08 -19.60 -3.56
N TYR A 111 15.84 -20.26 -2.68
CA TYR A 111 15.46 -21.58 -2.18
C TYR A 111 14.15 -21.53 -1.42
N SER A 112 14.04 -20.62 -0.45
CA SER A 112 12.84 -20.55 0.37
CA SER A 112 12.82 -20.63 0.35
C SER A 112 11.63 -20.07 -0.43
N LEU A 113 11.87 -19.12 -1.34
CA LEU A 113 10.78 -18.62 -2.18
C LEU A 113 10.27 -19.71 -3.12
N ALA A 114 11.18 -20.55 -3.60
CA ALA A 114 10.76 -21.61 -4.53
C ALA A 114 9.68 -22.48 -3.89
N ALA A 115 9.84 -22.84 -2.61
CA ALA A 115 8.83 -23.67 -1.96
C ALA A 115 7.49 -22.96 -1.93
N VAL A 116 7.49 -21.64 -1.69
CA VAL A 116 6.27 -20.85 -1.74
C VAL A 116 5.67 -20.87 -3.13
N GLN A 117 6.50 -20.63 -4.16
CA GLN A 117 6.02 -20.69 -5.54
C GLN A 117 5.34 -22.03 -5.84
N GLY A 118 5.94 -23.13 -5.39
CA GLY A 118 5.36 -24.44 -5.66
C GLY A 118 4.04 -24.66 -4.95
N SER A 119 3.96 -24.29 -3.66
CA SER A 119 2.76 -24.57 -2.90
C SER A 119 1.62 -23.63 -3.26
N LEU A 120 1.94 -22.38 -3.63
CA LEU A 120 0.90 -21.48 -4.14
C LEU A 120 0.33 -21.98 -5.46
N ALA A 121 1.19 -22.42 -6.37
CA ALA A 121 0.68 -22.99 -7.63
C ALA A 121 -0.15 -24.24 -7.36
N ALA A 122 0.28 -25.06 -6.40
CA ALA A 122 -0.51 -26.24 -6.07
C ALA A 122 -1.89 -25.86 -5.56
N ALA A 123 -1.97 -24.85 -4.67
CA ALA A 123 -3.30 -24.42 -4.19
C ALA A 123 -4.16 -23.92 -5.35
N SER A 124 -3.57 -23.16 -6.26
CA SER A 124 -4.34 -22.63 -7.39
C SER A 124 -4.89 -23.74 -8.27
N ALA A 125 -4.12 -24.80 -8.48
CA ALA A 125 -4.57 -25.91 -9.31
C ALA A 125 -5.75 -26.64 -8.66
N LEU A 126 -5.77 -26.69 -7.33
CA LEU A 126 -6.94 -27.21 -6.63
C LEU A 126 -8.14 -26.27 -6.78
N ILE A 127 -7.91 -24.96 -6.58
CA ILE A 127 -9.00 -23.99 -6.56
C ILE A 127 -9.76 -24.01 -7.88
N CYS A 128 -9.05 -24.03 -9.00
CA CYS A 128 -9.70 -24.03 -10.31
C CYS A 128 -10.14 -25.42 -10.74
N ARG A 129 -9.96 -26.42 -9.88
CA ARG A 129 -10.40 -27.80 -10.10
C ARG A 129 -9.66 -28.48 -11.25
N HIS A 130 -8.49 -27.98 -11.65
CA HIS A 130 -7.69 -28.73 -12.60
C HIS A 130 -7.22 -30.05 -12.01
N CYS A 131 -6.92 -30.07 -10.71
CA CYS A 131 -6.43 -31.26 -10.03
C CYS A 131 -7.29 -31.52 -8.81
N GLU A 132 -7.53 -32.80 -8.51
CA GLU A 132 -8.22 -33.17 -7.27
C GLU A 132 -7.26 -33.24 -6.10
N VAL A 133 -6.01 -33.59 -6.37
CA VAL A 133 -4.94 -33.61 -5.37
C VAL A 133 -3.70 -33.06 -6.05
N VAL A 134 -2.91 -32.28 -5.32
CA VAL A 134 -1.62 -31.85 -5.81
C VAL A 134 -0.56 -32.15 -4.75
N ILE A 135 0.58 -32.64 -5.22
CA ILE A 135 1.72 -33.02 -4.39
C ILE A 135 2.83 -31.99 -4.62
N ASN A 136 3.41 -31.48 -3.53
CA ASN A 136 4.63 -30.67 -3.63
C ASN A 136 5.69 -31.19 -2.67
N TRP A 137 6.60 -32.04 -3.16
CA TRP A 137 7.66 -32.54 -2.29
C TRP A 137 8.76 -31.51 -2.08
N GLY A 138 8.68 -30.33 -2.67
CA GLY A 138 9.59 -29.25 -2.32
C GLY A 138 9.05 -28.31 -1.28
N GLY A 139 7.85 -28.55 -0.75
CA GLY A 139 7.26 -27.67 0.24
C GLY A 139 7.04 -28.37 1.56
N GLY A 140 6.35 -27.69 2.47
CA GLY A 140 6.01 -28.24 3.78
C GLY A 140 6.78 -27.63 4.93
N TRP A 141 7.19 -26.37 4.81
CA TRP A 141 8.14 -25.76 5.76
C TRP A 141 7.38 -25.11 6.91
N HIS A 142 6.89 -25.97 7.81
CA HIS A 142 5.84 -25.60 8.74
C HIS A 142 6.30 -24.77 9.93
N HIS A 143 7.61 -24.59 10.16
CA HIS A 143 8.08 -23.86 11.33
C HIS A 143 8.25 -22.37 11.13
N ALA A 144 8.29 -21.88 9.89
CA ALA A 144 8.58 -20.46 9.71
C ALA A 144 7.44 -19.60 10.23
N LYS A 145 7.80 -18.50 10.89
CA LYS A 145 6.84 -17.59 11.48
CA LYS A 145 6.84 -17.59 11.48
C LYS A 145 6.83 -16.26 10.73
N ARG A 146 5.87 -15.41 11.10
CA ARG A 146 5.69 -14.13 10.41
C ARG A 146 7.02 -13.40 10.21
N SER A 147 7.84 -13.29 11.27
CA SER A 147 9.10 -12.56 11.19
C SER A 147 10.25 -13.37 11.78
N GLU A 148 10.24 -14.69 11.61
CA GLU A 148 11.27 -15.51 12.23
C GLU A 148 11.47 -16.80 11.44
N ALA A 149 12.71 -17.09 11.10
CA ALA A 149 13.07 -18.40 10.60
C ALA A 149 13.19 -19.37 11.76
N SER A 150 12.80 -20.62 11.49
CA SER A 150 12.84 -21.65 12.53
C SER A 150 13.02 -23.03 11.91
N GLY A 151 13.89 -23.85 12.48
CA GLY A 151 14.03 -25.24 12.05
C GLY A 151 14.26 -25.44 10.56
N PHE A 152 15.19 -24.67 9.98
CA PHE A 152 15.50 -24.62 8.55
C PHE A 152 14.28 -24.32 7.68
N CYS A 153 13.27 -23.67 8.25
CA CYS A 153 12.13 -23.14 7.51
C CYS A 153 12.28 -21.63 7.48
N TYR A 154 12.39 -21.07 6.28
CA TYR A 154 12.57 -19.63 6.16
C TYR A 154 11.30 -18.91 5.74
N LEU A 155 10.52 -19.51 4.84
CA LEU A 155 9.25 -18.93 4.43
C LEU A 155 8.19 -20.01 4.55
N ASN A 156 7.05 -19.67 5.13
CA ASN A 156 6.06 -20.70 5.41
C ASN A 156 5.15 -20.86 4.19
N ASP A 157 5.56 -21.76 3.30
CA ASP A 157 4.78 -22.04 2.09
C ASP A 157 3.41 -22.60 2.44
N ILE A 158 3.30 -23.29 3.58
CA ILE A 158 2.02 -23.89 3.94
C ILE A 158 1.01 -22.82 4.29
N VAL A 159 1.41 -21.88 5.14
CA VAL A 159 0.50 -20.81 5.54
C VAL A 159 0.04 -20.03 4.32
N LEU A 160 0.97 -19.73 3.41
CA LEU A 160 0.61 -18.96 2.22
C LEU A 160 -0.35 -19.75 1.32
N ALA A 161 -0.09 -21.04 1.11
CA ALA A 161 -1.03 -21.86 0.35
C ALA A 161 -2.39 -21.92 1.03
N ILE A 162 -2.42 -22.11 2.36
CA ILE A 162 -3.72 -22.18 3.03
C ILE A 162 -4.44 -20.85 2.91
N HIS A 163 -3.71 -19.75 3.09
CA HIS A 163 -4.33 -18.43 2.92
C HIS A 163 -4.96 -18.29 1.55
N ARG A 164 -4.28 -18.80 0.50
CA ARG A 164 -4.87 -18.75 -0.83
C ARG A 164 -6.14 -19.59 -0.90
N LEU A 165 -6.14 -20.76 -0.26
CA LEU A 165 -7.33 -21.62 -0.30
C LEU A 165 -8.51 -20.98 0.43
N VAL A 166 -8.30 -20.46 1.64
CA VAL A 166 -9.43 -19.90 2.38
C VAL A 166 -9.98 -18.68 1.66
N SER A 167 -9.11 -17.87 1.07
CA SER A 167 -9.53 -16.66 0.40
C SER A 167 -10.09 -16.91 -1.00
N SER A 168 -10.33 -18.17 -1.35
CA SER A 168 -10.85 -18.50 -2.68
C SER A 168 -12.38 -18.45 -2.69
N GLN A 178 -19.23 -21.21 3.32
CA GLN A 178 -17.96 -20.70 3.82
C GLN A 178 -16.84 -21.73 3.66
N THR A 179 -15.68 -21.24 3.22
CA THR A 179 -14.53 -22.11 2.98
C THR A 179 -13.86 -22.48 4.30
N ARG A 180 -13.65 -23.78 4.52
CA ARG A 180 -12.90 -24.24 5.68
C ARG A 180 -11.78 -25.15 5.20
N VAL A 181 -10.62 -25.04 5.84
CA VAL A 181 -9.48 -25.88 5.53
C VAL A 181 -9.14 -26.70 6.76
N LEU A 182 -8.93 -28.00 6.57
CA LEU A 182 -8.33 -28.86 7.58
C LEU A 182 -6.86 -29.08 7.25
N TYR A 183 -5.98 -28.73 8.19
CA TYR A 183 -4.54 -28.92 8.03
C TYR A 183 -4.10 -30.08 8.92
N VAL A 184 -3.40 -31.05 8.32
CA VAL A 184 -2.95 -32.25 9.01
C VAL A 184 -1.43 -32.31 8.89
N ASP A 185 -0.73 -32.36 10.02
CA ASP A 185 0.73 -32.26 10.05
C ASP A 185 1.28 -33.59 10.60
N LEU A 186 1.83 -34.43 9.72
CA LEU A 186 2.33 -35.75 10.08
C LEU A 186 3.82 -35.77 10.40
N ASP A 187 4.50 -34.63 10.28
CA ASP A 187 5.91 -34.51 10.56
C ASP A 187 6.21 -34.96 11.99
N LEU A 188 7.44 -35.42 12.21
CA LEU A 188 7.88 -35.77 13.56
C LEU A 188 7.78 -34.58 14.50
N HIS A 189 7.92 -33.36 13.98
CA HIS A 189 7.92 -32.14 14.79
C HIS A 189 6.57 -31.46 14.76
N HIS A 190 6.23 -30.81 15.87
CA HIS A 190 5.02 -30.00 15.98
C HIS A 190 4.95 -28.93 14.90
N GLY A 191 3.80 -28.84 14.24
CA GLY A 191 3.57 -27.82 13.22
C GLY A 191 3.25 -26.45 13.79
N ASP A 192 4.23 -25.85 14.48
CA ASP A 192 3.95 -24.65 15.28
C ASP A 192 3.68 -23.42 14.42
N GLY A 193 4.45 -23.23 13.35
CA GLY A 193 4.26 -22.02 12.54
C GLY A 193 2.87 -21.93 11.92
N VAL A 194 2.39 -23.06 11.38
CA VAL A 194 1.05 -23.07 10.78
C VAL A 194 -0.02 -22.89 11.86
N GLU A 195 0.13 -23.61 12.98
CA GLU A 195 -0.80 -23.48 14.09
C GLU A 195 -0.90 -22.04 14.56
N GLU A 196 0.24 -21.38 14.74
CA GLU A 196 0.26 -20.00 15.20
C GLU A 196 -0.41 -19.07 14.20
N ALA A 197 -0.10 -19.26 12.91
CA ALA A 197 -0.64 -18.36 11.89
C ALA A 197 -2.17 -18.34 11.91
N PHE A 198 -2.79 -19.45 12.30
CA PHE A 198 -4.24 -19.59 12.24
C PHE A 198 -4.85 -19.73 13.62
N TRP A 199 -4.09 -19.36 14.65
CA TRP A 199 -4.50 -19.50 16.05
C TRP A 199 -5.86 -18.87 16.32
N TYR A 200 -6.14 -17.74 15.68
CA TYR A 200 -7.37 -16.99 15.90
C TYR A 200 -8.43 -17.25 14.84
N SER A 201 -8.22 -18.22 13.95
CA SER A 201 -9.16 -18.42 12.85
CA SER A 201 -9.12 -18.44 12.82
C SER A 201 -9.85 -19.76 12.96
N PRO A 202 -11.18 -19.77 13.11
CA PRO A 202 -11.91 -21.04 13.12
C PRO A 202 -12.00 -21.69 11.75
N ARG A 203 -11.72 -20.96 10.67
CA ARG A 203 -11.90 -21.51 9.34
C ARG A 203 -10.76 -22.42 8.91
N VAL A 204 -9.60 -22.33 9.58
CA VAL A 204 -8.48 -23.21 9.31
C VAL A 204 -8.25 -24.01 10.60
N VAL A 205 -8.66 -25.27 10.60
CA VAL A 205 -8.46 -26.14 11.76
C VAL A 205 -7.14 -26.86 11.55
N THR A 206 -6.22 -26.74 12.50
CA THR A 206 -4.93 -27.39 12.40
C THR A 206 -4.87 -28.59 13.32
N PHE A 207 -4.19 -29.65 12.87
CA PHE A 207 -4.04 -30.88 13.66
C PHE A 207 -2.63 -31.39 13.41
N SER A 208 -1.80 -31.38 14.45
CA SER A 208 -0.44 -31.89 14.37
C SER A 208 -0.35 -33.11 15.26
N VAL A 209 0.23 -34.19 14.73
CA VAL A 209 0.69 -35.32 15.52
C VAL A 209 2.21 -35.32 15.44
N HIS A 210 2.86 -35.54 16.58
CA HIS A 210 4.31 -35.29 16.64
C HIS A 210 4.87 -35.92 17.89
N HIS A 211 6.19 -36.00 17.94
CA HIS A 211 6.84 -36.27 19.21
C HIS A 211 6.95 -34.97 20.02
N ALA A 212 6.73 -35.07 21.32
CA ALA A 212 7.08 -33.99 22.23
C ALA A 212 7.70 -34.59 23.48
N SER A 213 8.74 -33.94 23.98
CA SER A 213 9.42 -34.35 25.20
C SER A 213 10.34 -33.21 25.63
N PRO A 214 10.80 -33.21 26.88
CA PRO A 214 11.56 -32.05 27.36
C PRO A 214 12.82 -31.82 26.54
N GLY A 215 12.99 -30.57 26.09
CA GLY A 215 14.11 -30.19 25.26
C GLY A 215 13.99 -30.54 23.79
N PHE A 216 12.94 -31.24 23.37
CA PHE A 216 12.77 -31.62 21.96
C PHE A 216 12.12 -30.48 21.19
N PHE A 217 12.69 -30.16 20.02
CA PHE A 217 12.23 -29.09 19.15
C PHE A 217 10.79 -29.30 18.65
N PRO A 218 9.97 -28.24 18.60
CA PRO A 218 10.22 -26.86 19.03
C PRO A 218 9.71 -26.61 20.44
N GLY A 219 9.10 -27.62 21.06
CA GLY A 219 8.68 -27.54 22.45
C GLY A 219 7.19 -27.41 22.66
N THR A 220 6.45 -27.08 21.61
CA THR A 220 5.02 -26.81 21.69
C THR A 220 4.22 -28.04 21.24
N GLY A 221 2.89 -27.89 21.17
CA GLY A 221 2.06 -29.01 20.79
C GLY A 221 1.81 -30.00 21.90
N THR A 222 1.92 -29.55 23.15
CA THR A 222 1.75 -30.44 24.27
C THR A 222 1.33 -29.61 25.47
N TRP A 223 1.24 -30.25 26.63
CA TRP A 223 0.81 -29.56 27.85
C TRP A 223 1.72 -28.38 28.13
N ASN A 224 1.11 -27.27 28.56
CA ASN A 224 1.80 -25.98 28.66
C ASN A 224 2.11 -25.61 30.10
N LEU A 231 -0.35 -25.73 37.29
CA LEU A 231 -0.78 -26.90 36.53
C LEU A 231 -0.72 -26.64 35.04
N PRO A 232 -0.33 -27.67 34.28
CA PRO A 232 -0.25 -27.54 32.82
C PRO A 232 -1.63 -27.59 32.18
N ILE A 233 -1.81 -26.77 31.15
CA ILE A 233 -3.03 -26.80 30.35
C ILE A 233 -2.66 -27.02 28.89
N PHE A 234 -3.64 -27.46 28.13
CA PHE A 234 -3.47 -27.67 26.69
C PHE A 234 -4.15 -26.53 25.95
N LEU A 235 -3.35 -25.59 25.44
CA LEU A 235 -3.90 -24.50 24.65
C LEU A 235 -4.37 -25.02 23.30
N ASN A 236 -5.39 -24.36 22.72
CA ASN A 236 -6.00 -24.90 21.51
C ASN A 236 -6.58 -23.83 20.60
N GLY A 237 -6.02 -22.63 20.64
CA GLY A 237 -6.54 -21.51 19.85
C GLY A 237 -7.14 -20.45 20.74
N ALA A 238 -7.40 -19.29 20.14
CA ALA A 238 -7.89 -18.16 20.93
C ALA A 238 -8.84 -17.30 20.11
N GLY A 239 -9.56 -16.43 20.82
CA GLY A 239 -10.58 -15.63 20.18
C GLY A 239 -11.63 -16.50 19.54
N ARG A 240 -12.02 -16.12 18.32
CA ARG A 240 -12.95 -16.96 17.59
C ARG A 240 -12.31 -18.25 17.11
N GLY A 241 -10.98 -18.38 17.24
CA GLY A 241 -10.28 -19.62 16.97
C GLY A 241 -10.12 -20.54 18.16
N ARG A 242 -10.80 -20.28 19.27
CA ARG A 242 -10.71 -21.21 20.39
C ARG A 242 -11.18 -22.60 19.95
N PHE A 243 -10.45 -23.62 20.41
CA PHE A 243 -10.71 -25.04 20.14
C PHE A 243 -10.38 -25.45 18.70
N SER A 244 -9.73 -24.59 17.92
CA SER A 244 -9.52 -24.87 16.50
C SER A 244 -8.10 -25.36 16.19
N ALA A 245 -7.25 -25.51 17.21
CA ALA A 245 -5.89 -26.03 17.03
C ALA A 245 -5.77 -27.33 17.81
N PHE A 246 -5.58 -28.45 17.10
CA PHE A 246 -5.54 -29.78 17.69
C PHE A 246 -4.12 -30.32 17.67
N ASN A 247 -3.78 -31.05 18.73
CA ASN A 247 -2.44 -31.62 18.87
C ASN A 247 -2.51 -32.99 19.50
N LEU A 248 -1.68 -33.90 19.01
CA LEU A 248 -1.51 -35.23 19.59
C LEU A 248 -0.02 -35.51 19.77
N PRO A 249 0.51 -35.24 20.97
CA PRO A 249 1.92 -35.54 21.22
C PRO A 249 2.09 -37.00 21.64
N LEU A 250 3.12 -37.65 21.08
CA LEU A 250 3.32 -39.08 21.27
C LEU A 250 4.73 -39.35 21.79
N GLU A 251 4.83 -40.35 22.67
CA GLU A 251 6.13 -40.74 23.19
C GLU A 251 6.95 -41.47 22.12
N GLU A 252 8.26 -41.49 22.32
CA GLU A 252 9.14 -42.10 21.34
C GLU A 252 8.89 -43.60 21.24
N GLY A 253 9.20 -44.16 20.08
CA GLY A 253 9.14 -45.58 19.84
C GLY A 253 7.89 -46.10 19.14
N ILE A 254 6.90 -45.23 18.87
CA ILE A 254 5.62 -45.72 18.40
C ILE A 254 5.76 -46.30 17.00
N ASN A 255 5.04 -47.39 16.75
CA ASN A 255 5.13 -48.11 15.48
C ASN A 255 3.94 -47.76 14.57
N ASP A 256 3.93 -48.37 13.39
CA ASP A 256 2.90 -48.09 12.38
C ASP A 256 1.49 -48.30 12.94
N LEU A 257 1.25 -49.45 13.57
CA LEU A 257 -0.11 -49.78 14.00
C LEU A 257 -0.59 -48.85 15.10
N ASP A 258 0.24 -48.62 16.12
CA ASP A 258 -0.19 -47.78 17.22
C ASP A 258 -0.35 -46.32 16.80
N TRP A 259 0.51 -45.85 15.90
CA TRP A 259 0.36 -44.47 15.40
C TRP A 259 -0.91 -44.36 14.55
N SER A 260 -1.19 -45.39 13.75
CA SER A 260 -2.39 -45.40 12.92
C SER A 260 -3.66 -45.41 13.77
N ASN A 261 -3.68 -46.26 14.81
CA ASN A 261 -4.85 -46.28 15.69
C ASN A 261 -4.94 -45.00 16.50
N ALA A 262 -3.81 -44.34 16.76
CA ALA A 262 -3.84 -43.10 17.51
C ALA A 262 -4.47 -41.97 16.70
N ILE A 263 -4.16 -41.88 15.41
CA ILE A 263 -4.62 -40.73 14.64
CA ILE A 263 -4.58 -40.74 14.58
C ILE A 263 -5.86 -41.01 13.78
N GLY A 264 -6.17 -42.27 13.50
CA GLY A 264 -7.26 -42.62 12.63
C GLY A 264 -8.61 -42.06 13.04
N PRO A 265 -9.05 -42.35 14.26
CA PRO A 265 -10.34 -41.78 14.72
C PRO A 265 -10.34 -40.27 14.78
N ILE A 266 -9.21 -39.65 15.12
CA ILE A 266 -9.14 -38.20 15.15
C ILE A 266 -9.37 -37.64 13.75
N LEU A 267 -8.68 -38.21 12.75
CA LEU A 267 -8.83 -37.74 11.37
C LEU A 267 -10.28 -37.87 10.92
N ASP A 268 -10.87 -39.06 11.10
CA ASP A 268 -12.24 -39.25 10.67
C ASP A 268 -13.20 -38.32 11.40
N SER A 269 -12.96 -38.08 12.69
CA SER A 269 -13.84 -37.18 13.45
CA SER A 269 -13.84 -37.18 13.45
C SER A 269 -13.73 -35.74 12.96
N LEU A 270 -12.49 -35.28 12.69
CA LEU A 270 -12.31 -33.93 12.18
C LEU A 270 -13.01 -33.74 10.85
N ASN A 271 -12.91 -34.74 9.97
CA ASN A 271 -13.55 -34.63 8.66
C ASN A 271 -15.07 -34.58 8.80
N ILE A 272 -15.62 -35.41 9.70
CA ILE A 272 -17.08 -35.44 9.88
C ILE A 272 -17.58 -34.10 10.43
N VAL A 273 -16.88 -33.55 11.42
CA VAL A 273 -17.37 -32.33 12.06
C VAL A 273 -17.07 -31.09 11.23
N ILE A 274 -15.86 -30.98 10.67
CA ILE A 274 -15.45 -29.75 9.99
C ILE A 274 -16.01 -29.68 8.58
N GLN A 275 -16.21 -30.84 7.93
CA GLN A 275 -16.56 -30.93 6.52
C GLN A 275 -15.71 -29.96 5.72
N PRO A 276 -14.40 -30.18 5.67
CA PRO A 276 -13.52 -29.20 5.05
C PRO A 276 -13.73 -29.09 3.56
N SER A 277 -13.52 -27.88 3.05
CA SER A 277 -13.47 -27.60 1.62
C SER A 277 -12.17 -28.09 1.01
N TYR A 278 -11.07 -28.01 1.75
CA TYR A 278 -9.75 -28.47 1.34
C TYR A 278 -9.09 -29.14 2.53
N VAL A 279 -8.21 -30.11 2.23
CA VAL A 279 -7.30 -30.67 3.22
C VAL A 279 -5.87 -30.37 2.76
N VAL A 280 -5.03 -29.95 3.69
CA VAL A 280 -3.61 -29.74 3.42
C VAL A 280 -2.85 -30.65 4.37
N VAL A 281 -2.03 -31.55 3.82
CA VAL A 281 -1.29 -32.53 4.61
C VAL A 281 0.20 -32.25 4.47
N GLN A 282 0.87 -32.06 5.60
CA GLN A 282 2.31 -32.03 5.66
C GLN A 282 2.78 -33.45 5.98
N CYS A 283 3.64 -33.99 5.14
CA CYS A 283 4.02 -35.40 5.21
CA CYS A 283 4.04 -35.39 5.19
C CYS A 283 5.52 -35.57 5.48
N GLY A 284 6.07 -34.76 6.38
CA GLY A 284 7.46 -34.88 6.77
C GLY A 284 7.79 -36.31 7.11
N ALA A 285 8.91 -36.82 6.58
CA ALA A 285 9.25 -38.23 6.63
C ALA A 285 10.16 -38.58 7.80
N ASP A 286 10.28 -37.70 8.79
CA ASP A 286 11.21 -37.94 9.88
C ASP A 286 10.64 -38.81 10.99
N CYS A 287 9.41 -39.34 10.83
CA CYS A 287 8.89 -40.38 11.70
C CYS A 287 9.35 -41.77 11.30
N LEU A 288 10.04 -41.91 10.16
CA LEU A 288 10.48 -43.23 9.75
C LEU A 288 11.47 -43.78 10.76
N ALA A 289 11.41 -45.11 10.94
CA ALA A 289 12.30 -45.76 11.89
C ALA A 289 13.76 -45.51 11.54
N THR A 290 14.05 -45.29 10.26
CA THR A 290 15.40 -45.08 9.76
C THR A 290 15.80 -43.62 9.64
N ASP A 291 14.95 -42.69 10.07
CA ASP A 291 15.38 -41.30 10.12
C ASP A 291 16.46 -41.15 11.18
N PRO A 292 17.48 -40.31 10.96
CA PRO A 292 18.54 -40.14 11.97
C PRO A 292 18.04 -39.62 13.31
N HIS A 293 16.84 -39.03 13.38
CA HIS A 293 16.28 -38.67 14.69
C HIS A 293 16.05 -39.91 15.53
N ARG A 294 15.65 -41.01 14.91
CA ARG A 294 15.43 -42.29 15.58
C ARG A 294 14.48 -42.14 16.76
N ILE A 295 13.32 -41.54 16.50
CA ILE A 295 12.30 -41.30 17.53
C ILE A 295 11.10 -42.22 17.34
N PHE A 296 10.45 -42.14 16.19
CA PHE A 296 9.33 -43.03 15.90
C PHE A 296 9.82 -44.20 15.04
N ARG A 297 8.95 -45.20 14.88
CA ARG A 297 9.29 -46.41 14.14
C ARG A 297 8.30 -46.68 13.00
N LEU A 298 7.89 -45.63 12.29
CA LEU A 298 7.02 -45.81 11.14
CA LEU A 298 7.02 -45.81 11.14
C LEU A 298 7.83 -46.34 9.94
N THR A 299 7.13 -46.96 9.01
CA THR A 299 7.76 -47.48 7.81
C THR A 299 7.09 -46.89 6.58
N ASN A 300 7.56 -47.34 5.42
CA ASN A 300 6.86 -47.12 4.16
C ASN A 300 6.24 -48.41 3.62
N PHE A 301 6.01 -49.39 4.49
CA PHE A 301 5.55 -50.70 4.02
C PHE A 301 4.12 -50.62 3.51
N TYR A 302 3.84 -51.33 2.43
CA TYR A 302 2.51 -51.34 1.82
C TYR A 302 2.12 -52.77 1.50
N PRO A 303 1.64 -53.54 2.49
CA PRO A 303 1.29 -54.96 2.32
C PRO A 303 0.24 -55.20 1.24
N SER A 316 2.95 -55.02 8.29
CA SER A 316 2.44 -53.81 8.91
C SER A 316 2.30 -52.70 7.87
N LEU A 317 1.17 -51.99 7.88
CA LEU A 317 0.91 -50.91 6.95
C LEU A 317 1.49 -49.61 7.48
N SER A 318 2.35 -48.98 6.67
CA SER A 318 2.89 -47.66 6.94
C SER A 318 1.85 -46.71 7.52
N GLY A 319 2.13 -46.15 8.70
CA GLY A 319 1.22 -45.17 9.25
C GLY A 319 0.97 -44.01 8.30
N TYR A 320 2.02 -43.58 7.59
CA TYR A 320 1.89 -42.53 6.60
C TYR A 320 0.87 -42.92 5.52
N LEU A 321 1.03 -44.11 4.95
CA LEU A 321 0.13 -44.54 3.88
C LEU A 321 -1.30 -44.75 4.40
N TYR A 322 -1.44 -45.25 5.63
CA TYR A 322 -2.75 -45.35 6.26
C TYR A 322 -3.42 -43.98 6.35
N ALA A 323 -2.68 -42.98 6.82
CA ALA A 323 -3.24 -41.64 6.99
C ALA A 323 -3.62 -41.02 5.65
N ILE A 324 -2.72 -41.10 4.67
CA ILE A 324 -3.01 -40.51 3.36
C ILE A 324 -4.21 -41.20 2.72
N LYS A 325 -4.26 -42.54 2.79
CA LYS A 325 -5.37 -43.27 2.19
C LYS A 325 -6.69 -42.85 2.84
N LYS A 326 -6.70 -42.74 4.17
CA LYS A 326 -7.88 -42.29 4.89
C LYS A 326 -8.30 -40.89 4.44
N ILE A 327 -7.35 -39.95 4.42
CA ILE A 327 -7.67 -38.59 4.01
C ILE A 327 -8.23 -38.55 2.59
N LEU A 328 -7.60 -39.29 1.67
CA LEU A 328 -8.05 -39.28 0.29
C LEU A 328 -9.41 -39.94 0.11
N SER A 329 -9.79 -40.85 1.02
CA SER A 329 -11.11 -41.48 0.94
C SER A 329 -12.23 -40.47 1.14
N TRP A 330 -11.92 -39.29 1.68
CA TRP A 330 -12.95 -38.28 1.90
C TRP A 330 -13.37 -37.58 0.64
N LYS A 331 -12.59 -37.69 -0.44
CA LYS A 331 -12.89 -37.05 -1.72
C LYS A 331 -13.03 -35.54 -1.56
N VAL A 332 -12.10 -34.95 -0.81
CA VAL A 332 -11.99 -33.51 -0.62
C VAL A 332 -10.72 -33.08 -1.36
N PRO A 333 -10.72 -31.98 -2.10
CA PRO A 333 -9.47 -31.53 -2.75
C PRO A 333 -8.36 -31.35 -1.73
N THR A 334 -7.20 -31.97 -2.03
CA THR A 334 -6.15 -32.16 -1.03
C THR A 334 -4.79 -31.71 -1.55
N LEU A 335 -4.07 -30.96 -0.73
CA LEU A 335 -2.68 -30.61 -0.98
CA LEU A 335 -2.67 -30.61 -0.97
C LEU A 335 -1.79 -31.50 -0.13
N ILE A 336 -0.84 -32.19 -0.76
CA ILE A 336 0.11 -33.04 -0.03
C ILE A 336 1.50 -32.42 -0.16
N LEU A 337 2.12 -32.11 0.98
CA LEU A 337 3.41 -31.44 1.04
C LEU A 337 4.44 -32.34 1.72
N GLY A 338 5.72 -32.02 1.50
CA GLY A 338 6.81 -32.69 2.17
C GLY A 338 7.08 -32.07 3.54
N GLY A 339 8.34 -31.91 3.87
CA GLY A 339 8.73 -31.40 5.18
C GLY A 339 10.05 -32.03 5.59
N GLY A 340 10.15 -32.39 6.86
CA GLY A 340 11.34 -33.05 7.35
C GLY A 340 11.57 -34.39 6.67
N GLY A 341 12.71 -34.97 6.98
CA GLY A 341 13.11 -36.23 6.39
C GLY A 341 14.58 -36.19 6.07
N TYR A 342 15.40 -36.77 6.94
CA TYR A 342 16.84 -36.55 6.89
C TYR A 342 17.62 -37.78 6.45
N ASN A 343 16.92 -38.88 6.19
CA ASN A 343 17.47 -40.02 5.47
C ASN A 343 16.94 -39.87 4.05
N PHE A 344 17.75 -39.30 3.14
CA PHE A 344 17.21 -38.90 1.85
C PHE A 344 16.70 -40.09 1.02
N PRO A 345 17.45 -41.19 0.87
CA PRO A 345 16.89 -42.32 0.13
C PRO A 345 15.61 -42.85 0.73
N ASP A 346 15.52 -42.91 2.06
CA ASP A 346 14.31 -43.45 2.68
C ASP A 346 13.15 -42.47 2.60
N THR A 347 13.44 -41.17 2.61
CA THR A 347 12.39 -40.19 2.35
C THR A 347 11.87 -40.35 0.92
N ALA A 348 12.78 -40.57 -0.05
CA ALA A 348 12.34 -40.83 -1.41
C ALA A 348 11.54 -42.12 -1.50
N ARG A 349 11.98 -43.17 -0.78
CA ARG A 349 11.21 -44.41 -0.74
C ARG A 349 9.78 -44.17 -0.24
N LEU A 350 9.63 -43.43 0.86
CA LEU A 350 8.29 -43.17 1.39
C LEU A 350 7.46 -42.33 0.42
N TRP A 351 8.03 -41.22 -0.07
CA TRP A 351 7.21 -40.29 -0.82
C TRP A 351 6.87 -40.83 -2.20
N THR A 352 7.71 -41.73 -2.75
CA THR A 352 7.33 -42.44 -3.95
C THR A 352 6.12 -43.33 -3.68
N ARG A 353 6.11 -44.03 -2.54
CA ARG A 353 4.94 -44.81 -2.18
C ARG A 353 3.72 -43.93 -1.93
N VAL A 354 3.90 -42.77 -1.28
CA VAL A 354 2.74 -41.87 -1.12
C VAL A 354 2.22 -41.44 -2.49
N THR A 355 3.13 -41.14 -3.42
CA THR A 355 2.71 -40.63 -4.72
C THR A 355 1.92 -41.69 -5.49
N ALA A 356 2.43 -42.92 -5.49
CA ALA A 356 1.73 -44.02 -6.16
C ALA A 356 0.37 -44.27 -5.51
N LEU A 357 0.31 -44.27 -4.19
CA LEU A 357 -0.98 -44.46 -3.50
C LEU A 357 -1.97 -43.38 -3.90
N THR A 358 -1.52 -42.13 -3.97
CA THR A 358 -2.44 -41.05 -4.32
C THR A 358 -3.02 -41.26 -5.71
N ILE A 359 -2.19 -41.65 -6.68
CA ILE A 359 -2.69 -41.99 -8.01
C ILE A 359 -3.76 -43.08 -7.92
N GLU A 360 -3.46 -44.15 -7.19
CA GLU A 360 -4.39 -45.28 -7.08
C GLU A 360 -5.71 -44.85 -6.48
N GLU A 361 -5.67 -44.10 -5.38
CA GLU A 361 -6.91 -43.76 -4.67
C GLU A 361 -7.72 -42.73 -5.44
N VAL A 362 -7.08 -41.78 -6.11
CA VAL A 362 -7.81 -40.74 -6.82
C VAL A 362 -8.34 -41.23 -8.15
N LYS A 363 -7.51 -41.93 -8.92
CA LYS A 363 -7.89 -42.35 -10.26
C LYS A 363 -8.47 -43.76 -10.30
N GLY A 364 -8.34 -44.53 -9.22
CA GLY A 364 -8.78 -45.91 -9.26
C GLY A 364 -7.97 -46.79 -10.18
N LYS A 365 -6.74 -46.37 -10.48
CA LYS A 365 -5.85 -47.04 -11.41
C LYS A 365 -4.74 -47.71 -10.62
N LYS A 366 -4.63 -49.03 -10.74
CA LYS A 366 -3.62 -49.76 -9.99
C LYS A 366 -2.22 -49.31 -10.36
N MET A 367 -1.42 -48.97 -9.35
CA MET A 367 -0.01 -48.62 -9.55
C MET A 367 0.82 -49.75 -8.94
N THR A 368 1.31 -50.64 -9.79
CA THR A 368 2.16 -51.74 -9.37
C THR A 368 3.60 -51.24 -9.30
N ILE A 369 4.22 -51.39 -8.13
CA ILE A 369 5.53 -50.83 -7.86
C ILE A 369 6.47 -51.97 -7.46
N SER A 370 7.50 -52.20 -8.27
CA SER A 370 8.43 -53.30 -8.02
C SER A 370 9.11 -53.14 -6.66
N PRO A 371 9.20 -54.21 -5.86
CA PRO A 371 9.95 -54.12 -4.60
C PRO A 371 11.43 -53.79 -4.78
N GLU A 372 11.97 -53.88 -5.99
CA GLU A 372 13.36 -53.53 -6.25
C GLU A 372 13.47 -52.16 -6.88
N ILE A 373 14.41 -51.35 -6.39
CA ILE A 373 14.63 -50.02 -6.95
C ILE A 373 15.02 -50.13 -8.42
N PRO A 374 14.37 -49.42 -9.33
CA PRO A 374 14.76 -49.48 -10.73
C PRO A 374 16.06 -48.72 -10.95
N GLU A 375 16.78 -49.12 -12.00
CA GLU A 375 17.99 -48.41 -12.36
C GLU A 375 17.68 -46.99 -12.80
N HIS A 376 18.50 -46.05 -12.36
CA HIS A 376 18.36 -44.62 -12.65
C HIS A 376 19.61 -43.95 -12.08
N SER A 377 19.73 -42.64 -12.31
CA SER A 377 20.99 -41.96 -12.01
C SER A 377 21.37 -42.06 -10.54
N TYR A 378 20.37 -42.12 -9.64
CA TYR A 378 20.64 -42.17 -8.22
C TYR A 378 20.57 -43.58 -7.65
N PHE A 379 20.56 -44.61 -8.51
CA PHE A 379 20.41 -45.99 -8.04
C PHE A 379 21.40 -46.33 -6.92
N SER A 380 22.64 -45.83 -7.01
CA SER A 380 23.67 -46.21 -6.05
C SER A 380 23.36 -45.73 -4.65
N ARG A 381 22.48 -44.75 -4.49
CA ARG A 381 22.11 -44.22 -3.18
C ARG A 381 21.23 -45.19 -2.38
N TYR A 382 20.73 -46.24 -3.02
CA TYR A 382 19.78 -47.16 -2.41
C TYR A 382 20.40 -48.48 -2.01
N GLY A 383 21.73 -48.60 -2.09
CA GLY A 383 22.42 -49.78 -1.60
C GLY A 383 22.33 -49.92 -0.10
N PRO A 384 22.74 -51.07 0.45
CA PRO A 384 23.34 -52.19 -0.28
C PRO A 384 22.34 -53.11 -0.98
N ASP A 385 21.08 -53.05 -0.59
CA ASP A 385 20.10 -54.03 -1.06
C ASP A 385 19.18 -53.51 -2.17
N PHE A 386 19.05 -52.19 -2.34
CA PHE A 386 18.34 -51.62 -3.50
C PHE A 386 16.88 -52.05 -3.55
N GLU A 387 16.22 -52.10 -2.39
CA GLU A 387 14.81 -52.42 -2.32
C GLU A 387 14.01 -51.19 -1.93
N LEU A 388 12.71 -51.24 -2.19
CA LEU A 388 11.85 -50.08 -1.94
C LEU A 388 11.45 -49.97 -0.49
N ASP A 389 11.11 -51.10 0.15
CA ASP A 389 10.92 -51.11 1.59
C ASP A 389 12.14 -50.54 2.28
N ILE A 390 11.92 -49.70 3.30
CA ILE A 390 13.05 -49.32 4.12
C ILE A 390 13.59 -50.55 4.85
N ASP A 391 14.85 -50.45 5.26
CA ASP A 391 15.54 -51.58 5.89
C ASP A 391 15.29 -51.51 7.38
N TYR A 392 14.21 -52.13 7.83
CA TYR A 392 13.83 -52.08 9.24
C TYR A 392 13.00 -53.30 9.59
N PHE A 393 13.33 -53.93 10.71
CA PHE A 393 12.61 -55.09 11.21
C PHE A 393 11.76 -54.68 12.41
N PRO A 394 10.45 -54.46 12.24
CA PRO A 394 9.56 -54.11 13.35
C PRO A 394 9.22 -55.29 14.23
N ASP A 403 -3.76 -45.98 26.87
CA ASP A 403 -3.87 -45.33 28.18
C ASP A 403 -3.58 -43.83 28.04
N SER A 404 -2.31 -43.50 27.80
CA SER A 404 -1.95 -42.14 27.43
C SER A 404 -2.74 -41.69 26.21
N ILE A 405 -2.86 -42.56 25.21
CA ILE A 405 -3.52 -42.19 23.96
C ILE A 405 -5.02 -42.10 24.16
N GLN A 406 -5.59 -42.98 24.98
CA GLN A 406 -7.01 -42.90 25.28
C GLN A 406 -7.35 -41.60 26.00
N LYS A 407 -6.46 -41.13 26.88
CA LYS A 407 -6.67 -39.85 27.54
C LYS A 407 -6.68 -38.71 26.53
N HIS A 408 -5.72 -38.72 25.60
CA HIS A 408 -5.71 -37.73 24.53
C HIS A 408 -6.97 -37.81 23.68
N HIS A 409 -7.43 -39.03 23.39
CA HIS A 409 -8.63 -39.17 22.58
C HIS A 409 -9.82 -38.53 23.27
N ARG A 410 -9.98 -38.78 24.57
CA ARG A 410 -11.04 -38.13 25.33
C ARG A 410 -10.91 -36.61 25.27
N ARG A 411 -9.70 -36.10 25.46
CA ARG A 411 -9.46 -34.66 25.43
C ARG A 411 -9.79 -34.10 24.06
N ILE A 412 -9.36 -34.78 23.00
CA ILE A 412 -9.57 -34.25 21.66
C ILE A 412 -11.04 -34.30 21.28
N LEU A 413 -11.74 -35.37 21.65
CA LEU A 413 -13.17 -35.46 21.35
C LEU A 413 -13.95 -34.33 22.03
N GLU A 414 -13.61 -34.02 23.27
CA GLU A 414 -14.25 -32.91 23.97
C GLU A 414 -13.93 -31.58 23.29
N GLN A 415 -12.67 -31.39 22.86
CA GLN A 415 -12.32 -30.17 22.16
C GLN A 415 -13.09 -30.03 20.86
N LEU A 416 -13.29 -31.15 20.14
CA LEU A 416 -14.04 -31.11 18.89
C LEU A 416 -15.49 -30.75 19.14
N ARG A 417 -16.09 -31.32 20.19
CA ARG A 417 -17.43 -30.91 20.60
C ARG A 417 -17.47 -29.43 20.93
N ASN A 418 -16.45 -28.94 21.64
CA ASN A 418 -16.37 -27.51 21.98
C ASN A 418 -16.22 -26.66 20.74
N TYR A 419 -15.40 -27.10 19.79
CA TYR A 419 -15.25 -26.37 18.53
C TYR A 419 -16.57 -26.33 17.77
N ALA A 420 -17.26 -27.46 17.67
CA ALA A 420 -18.49 -27.51 16.91
C ALA A 420 -19.57 -26.65 17.57
N ASP A 421 -19.61 -26.63 18.90
CA ASP A 421 -20.58 -25.80 19.62
C ASP A 421 -20.31 -24.32 19.39
N LEU A 422 -19.05 -23.91 19.55
CA LEU A 422 -18.69 -22.50 19.40
C LEU A 422 -18.97 -22.02 17.98
N ASN A 423 -18.80 -22.88 16.99
CA ASN A 423 -18.97 -22.51 15.60
C ASN A 423 -20.33 -22.93 15.03
N LYS A 424 -21.26 -23.32 15.89
CA LYS A 424 -22.64 -23.65 15.50
C LYS A 424 -22.67 -24.67 14.36
N LEU A 425 -21.89 -25.73 14.50
CA LEU A 425 -21.81 -26.77 13.48
C LEU A 425 -22.72 -27.93 13.86
N ILE A 426 -23.32 -28.53 12.84
CA ILE A 426 -24.28 -29.63 13.01
C ILE A 426 -23.56 -30.94 12.75
N TYR A 427 -23.77 -31.91 13.64
CA TYR A 427 -23.04 -33.18 13.62
C TYR A 427 -23.62 -34.14 14.66
N ASP A 428 -23.53 -35.44 14.42
CA ASP A 428 -24.02 -36.44 15.36
C ASP A 428 -22.93 -36.76 16.37
N TYR A 429 -23.10 -36.30 17.61
CA TYR A 429 -22.06 -36.50 18.62
C TYR A 429 -21.78 -37.98 18.86
N ASP A 430 -22.79 -38.85 18.72
CA ASP A 430 -22.59 -40.25 19.04
C ASP A 430 -21.97 -41.04 17.89
N GLN A 431 -22.24 -40.65 16.64
CA GLN A 431 -21.52 -41.25 15.53
C GLN A 431 -20.03 -40.93 15.60
N VAL A 432 -19.69 -39.72 16.05
CA VAL A 432 -18.28 -39.34 16.21
C VAL A 432 -17.69 -40.06 17.41
N TYR A 433 -18.41 -40.05 18.54
CA TYR A 433 -17.94 -40.74 19.74
C TYR A 433 -17.64 -42.21 19.46
N GLN A 434 -18.48 -42.87 18.66
CA GLN A 434 -18.30 -44.29 18.40
C GLN A 434 -17.07 -44.57 17.53
N LEU A 435 -16.58 -43.58 16.79
CA LEU A 435 -15.33 -43.77 16.04
C LEU A 435 -14.20 -44.17 16.96
N TYR A 436 -14.11 -43.56 18.14
CA TYR A 436 -13.05 -43.84 19.10
C TYR A 436 -13.31 -45.14 19.86
N SER B 3 15.72 -1.47 -48.98
CA SER B 3 14.40 -2.06 -48.85
C SER B 3 14.15 -2.48 -47.42
N VAL B 4 13.15 -1.89 -46.77
CA VAL B 4 12.70 -2.32 -45.45
C VAL B 4 11.41 -3.10 -45.64
N GLY B 5 11.44 -4.37 -45.29
CA GLY B 5 10.26 -5.19 -45.38
C GLY B 5 9.47 -5.23 -44.09
N ILE B 6 8.20 -5.59 -44.21
CA ILE B 6 7.36 -5.77 -43.04
C ILE B 6 6.35 -6.87 -43.34
N VAL B 7 6.16 -7.78 -42.39
CA VAL B 7 5.29 -8.92 -42.59
C VAL B 7 3.85 -8.54 -42.29
N TYR B 8 2.96 -8.70 -43.27
CA TYR B 8 1.54 -8.59 -43.02
C TYR B 8 0.78 -9.26 -44.17
N GLY B 9 -0.51 -9.44 -43.94
CA GLY B 9 -1.42 -10.04 -44.91
C GLY B 9 -2.77 -10.14 -44.25
N ASP B 10 -3.82 -10.36 -45.05
CA ASP B 10 -5.16 -10.34 -44.46
C ASP B 10 -5.36 -11.50 -43.48
N GLN B 11 -5.07 -12.73 -43.91
CA GLN B 11 -5.29 -13.84 -43.01
C GLN B 11 -4.25 -13.83 -41.91
N TYR B 12 -3.03 -13.39 -42.21
CA TYR B 12 -2.01 -13.24 -41.18
C TYR B 12 -2.51 -12.34 -40.06
N ARG B 13 -3.07 -11.19 -40.42
CA ARG B 13 -3.62 -10.30 -39.42
C ARG B 13 -4.72 -10.98 -38.60
N GLN B 14 -5.63 -11.71 -39.26
CA GLN B 14 -6.71 -12.38 -38.52
C GLN B 14 -6.13 -13.37 -37.53
N LEU B 15 -5.15 -14.18 -37.96
CA LEU B 15 -4.56 -15.17 -37.07
C LEU B 15 -3.79 -14.52 -35.93
N CYS B 16 -3.01 -13.48 -36.23
CA CYS B 16 -2.25 -12.83 -35.17
C CYS B 16 -3.14 -12.13 -34.16
N CYS B 17 -4.41 -11.87 -34.51
CA CYS B 17 -5.35 -11.26 -33.59
C CYS B 17 -6.31 -12.25 -32.96
N SER B 18 -6.03 -13.55 -33.07
CA SER B 18 -7.01 -14.56 -32.69
C SER B 18 -6.74 -15.16 -31.30
N SER B 19 -5.69 -14.65 -30.59
CA SER B 19 -5.33 -15.24 -29.29
C SER B 19 -6.00 -14.48 -28.15
N PRO B 20 -6.31 -15.19 -27.06
CA PRO B 20 -6.93 -14.50 -25.92
C PRO B 20 -5.99 -13.51 -25.24
N LYS B 21 -4.69 -13.80 -25.21
CA LYS B 21 -3.79 -12.93 -24.47
C LYS B 21 -3.45 -11.65 -25.23
N PHE B 22 -3.19 -11.74 -26.53
CA PHE B 22 -2.76 -10.53 -27.23
C PHE B 22 -3.87 -9.88 -28.03
N GLY B 23 -5.06 -10.48 -28.05
CA GLY B 23 -6.22 -9.86 -28.66
C GLY B 23 -5.90 -9.19 -29.97
N ASP B 24 -6.30 -7.92 -30.13
CA ASP B 24 -6.13 -7.23 -31.39
C ASP B 24 -4.86 -6.37 -31.44
N ARG B 25 -3.88 -6.63 -30.58
CA ARG B 25 -2.69 -5.77 -30.53
C ARG B 25 -2.04 -5.60 -31.91
N TYR B 26 -1.86 -6.72 -32.63
CA TYR B 26 -1.21 -6.67 -33.94
C TYR B 26 -1.94 -5.73 -34.88
N ALA B 27 -3.27 -5.72 -34.81
CA ALA B 27 -4.06 -4.84 -35.66
C ALA B 27 -3.84 -3.39 -35.30
N LEU B 28 -3.79 -3.06 -33.99
CA LEU B 28 -3.48 -1.69 -33.61
C LEU B 28 -2.12 -1.28 -34.13
N VAL B 29 -1.13 -2.16 -33.95
CA VAL B 29 0.23 -1.88 -34.40
C VAL B 29 0.25 -1.58 -35.89
N MET B 30 -0.28 -2.51 -36.69
CA MET B 30 -0.21 -2.35 -38.13
C MET B 30 -1.08 -1.19 -38.61
N ASP B 31 -2.24 -0.96 -37.97
CA ASP B 31 -3.09 0.14 -38.41
C ASP B 31 -2.50 1.49 -38.02
N LEU B 32 -1.73 1.58 -36.93
CA LEU B 32 -1.10 2.86 -36.60
C LEU B 32 0.03 3.15 -37.58
N ILE B 33 0.80 2.13 -37.95
CA ILE B 33 1.80 2.27 -39.00
C ILE B 33 1.14 2.75 -40.29
N ASN B 34 -0.02 2.14 -40.63
CA ASN B 34 -0.75 2.56 -41.83
C ASN B 34 -1.29 3.98 -41.70
N ALA B 35 -1.82 4.34 -40.53
CA ALA B 35 -2.39 5.66 -40.35
C ALA B 35 -1.34 6.75 -40.52
N TYR B 36 -0.09 6.46 -40.15
CA TYR B 36 1.00 7.40 -40.32
C TYR B 36 1.59 7.36 -41.73
N LYS B 37 0.93 6.64 -42.65
CA LYS B 37 1.30 6.59 -44.06
C LYS B 37 2.65 5.94 -44.28
N LEU B 38 3.01 5.00 -43.42
CA LEU B 38 4.29 4.31 -43.57
C LEU B 38 4.20 3.10 -44.47
N ILE B 39 3.02 2.52 -44.68
CA ILE B 39 2.92 1.28 -45.48
C ILE B 39 3.50 1.47 -46.87
N PRO B 40 3.26 2.58 -47.58
CA PRO B 40 3.85 2.70 -48.92
C PRO B 40 5.38 2.78 -48.93
N GLU B 41 6.02 3.02 -47.79
CA GLU B 41 7.48 3.07 -47.70
C GLU B 41 8.10 1.69 -47.49
N LEU B 42 7.28 0.67 -47.28
CA LEU B 42 7.73 -0.64 -46.84
C LEU B 42 7.35 -1.66 -47.89
N SER B 43 8.15 -2.73 -47.94
CA SER B 43 7.93 -3.86 -48.82
CA SER B 43 7.91 -3.86 -48.82
C SER B 43 7.17 -4.93 -48.04
N ARG B 44 5.94 -5.23 -48.46
CA ARG B 44 5.20 -6.29 -47.79
C ARG B 44 5.89 -7.62 -48.03
N VAL B 45 6.24 -8.29 -46.94
CA VAL B 45 6.80 -9.64 -46.97
C VAL B 45 5.67 -10.60 -46.65
N PRO B 46 5.26 -11.47 -47.57
CA PRO B 46 4.14 -12.37 -47.30
C PRO B 46 4.57 -13.53 -46.41
N PRO B 47 3.73 -13.93 -45.46
CA PRO B 47 4.05 -15.10 -44.64
C PRO B 47 4.30 -16.33 -45.50
N LEU B 48 5.22 -17.15 -45.05
CA LEU B 48 5.55 -18.38 -45.76
C LEU B 48 4.41 -19.38 -45.69
N GLN B 49 4.09 -20.01 -46.82
CA GLN B 49 3.13 -21.09 -46.83
C GLN B 49 3.79 -22.30 -47.48
N TRP B 50 3.28 -23.48 -47.19
CA TRP B 50 3.95 -24.71 -47.57
C TRP B 50 3.14 -25.51 -48.59
N ASP B 51 3.85 -26.39 -49.30
CA ASP B 51 3.27 -27.20 -50.35
C ASP B 51 2.47 -28.38 -49.81
N SER B 52 2.61 -28.71 -48.53
CA SER B 52 1.96 -29.89 -47.99
C SER B 52 2.02 -29.84 -46.47
N PRO B 53 1.13 -30.58 -45.80
CA PRO B 53 1.30 -30.76 -44.35
C PRO B 53 2.69 -31.25 -43.98
N SER B 54 3.25 -32.18 -44.74
CA SER B 54 4.56 -32.72 -44.40
C SER B 54 5.64 -31.65 -44.47
N ARG B 55 5.56 -30.75 -45.45
CA ARG B 55 6.57 -29.68 -45.54
C ARG B 55 6.44 -28.71 -44.38
N MET B 56 5.20 -28.40 -43.97
CA MET B 56 5.03 -27.55 -42.78
C MET B 56 5.59 -28.25 -41.55
N TYR B 57 5.29 -29.54 -41.41
CA TYR B 57 5.72 -30.28 -40.23
C TYR B 57 7.24 -30.35 -40.17
N GLU B 58 7.87 -30.61 -41.33
CA GLU B 58 9.33 -30.60 -41.44
C GLU B 58 9.92 -29.26 -41.00
N ALA B 59 9.29 -28.15 -41.40
CA ALA B 59 9.81 -26.84 -41.04
C ALA B 59 9.76 -26.62 -39.53
N VAL B 60 8.62 -26.95 -38.91
CA VAL B 60 8.45 -26.65 -37.50
C VAL B 60 9.32 -27.58 -36.67
N THR B 61 9.52 -28.81 -37.13
CA THR B 61 10.31 -29.77 -36.36
C THR B 61 11.80 -29.67 -36.66
N ALA B 62 12.23 -28.64 -37.40
CA ALA B 62 13.63 -28.26 -37.35
C ALA B 62 14.06 -27.89 -35.94
N PHE B 63 13.12 -27.46 -35.10
CA PHE B 63 13.37 -27.18 -33.69
C PHE B 63 12.47 -27.98 -32.77
N HIS B 64 11.15 -27.90 -32.95
CA HIS B 64 10.22 -28.49 -32.00
C HIS B 64 10.11 -30.00 -32.18
N SER B 65 9.84 -30.70 -31.09
CA SER B 65 9.71 -32.15 -31.18
C SER B 65 8.42 -32.53 -31.88
N THR B 66 8.44 -33.70 -32.52
CA THR B 66 7.23 -34.22 -33.14
C THR B 66 6.10 -34.38 -32.13
N GLU B 67 6.40 -34.90 -30.94
CA GLU B 67 5.35 -35.14 -29.97
C GLU B 67 4.72 -33.83 -29.53
N TYR B 68 5.53 -32.77 -29.39
CA TYR B 68 4.99 -31.47 -29.00
C TYR B 68 4.15 -30.85 -30.11
N VAL B 69 4.67 -30.83 -31.35
CA VAL B 69 3.87 -30.32 -32.47
C VAL B 69 2.58 -31.10 -32.60
N ASP B 70 2.64 -32.43 -32.47
CA ASP B 70 1.43 -33.24 -32.53
C ASP B 70 0.43 -32.82 -31.45
N ALA B 71 0.92 -32.58 -30.23
CA ALA B 71 0.01 -32.22 -29.15
C ALA B 71 -0.60 -30.84 -29.38
N LEU B 72 0.20 -29.91 -29.89
CA LEU B 72 -0.32 -28.56 -30.15
C LEU B 72 -1.40 -28.60 -31.23
N LYS B 73 -1.20 -29.42 -32.26
CA LYS B 73 -2.25 -29.61 -33.27
C LYS B 73 -3.50 -30.21 -32.64
N LYS B 74 -3.34 -31.20 -31.77
CA LYS B 74 -4.48 -31.83 -31.12
C LYS B 74 -5.21 -30.85 -30.21
N LEU B 75 -4.45 -30.02 -29.48
CA LEU B 75 -5.06 -29.03 -28.60
C LEU B 75 -6.03 -28.12 -29.37
N GLN B 76 -5.60 -27.64 -30.54
CA GLN B 76 -6.46 -26.82 -31.38
C GLN B 76 -7.70 -27.60 -31.83
N MET B 77 -7.51 -28.85 -32.27
CA MET B 77 -8.67 -29.65 -32.69
C MET B 77 -9.66 -29.80 -31.53
N LEU B 78 -9.15 -30.13 -30.35
CA LEU B 78 -10.04 -30.29 -29.20
C LEU B 78 -10.81 -29.02 -28.89
N HIS B 79 -10.15 -27.87 -28.98
CA HIS B 79 -10.83 -26.63 -28.67
C HIS B 79 -11.80 -26.18 -29.76
N CYS B 80 -11.71 -26.75 -30.95
CA CYS B 80 -12.72 -26.54 -31.97
C CYS B 80 -13.89 -27.52 -31.85
N GLU B 81 -14.08 -28.11 -30.68
CA GLU B 81 -15.18 -29.04 -30.43
C GLU B 81 -15.99 -28.63 -29.21
N GLU B 84 -15.32 -31.53 -23.90
CA GLU B 84 -14.32 -31.52 -22.85
C GLU B 84 -13.21 -32.53 -23.12
N LEU B 85 -12.03 -32.26 -22.59
CA LEU B 85 -10.90 -33.15 -22.77
C LEU B 85 -11.06 -34.43 -21.95
N THR B 86 -10.49 -35.52 -22.43
CA THR B 86 -10.42 -36.71 -21.60
C THR B 86 -9.30 -36.54 -20.57
N ALA B 87 -9.33 -37.39 -19.55
CA ALA B 87 -8.31 -37.32 -18.51
C ALA B 87 -6.92 -37.60 -19.07
N ASP B 88 -6.83 -38.52 -20.05
CA ASP B 88 -5.54 -38.75 -20.69
C ASP B 88 -5.13 -37.57 -21.57
N ASP B 89 -6.08 -36.88 -22.19
CA ASP B 89 -5.74 -35.70 -22.98
C ASP B 89 -5.24 -34.57 -22.09
N GLU B 90 -5.86 -34.39 -20.92
CA GLU B 90 -5.38 -33.37 -19.99
C GLU B 90 -3.95 -33.67 -19.54
N LEU B 91 -3.64 -34.94 -19.23
CA LEU B 91 -2.26 -35.28 -18.86
C LEU B 91 -1.29 -34.99 -19.99
N LEU B 92 -1.68 -35.33 -21.23
CA LEU B 92 -0.82 -35.07 -22.39
C LEU B 92 -0.52 -33.59 -22.52
N MET B 93 -1.57 -32.75 -22.49
CA MET B 93 -1.36 -31.31 -22.62
C MET B 93 -0.52 -30.78 -21.46
N ASP B 94 -0.78 -31.25 -20.24
CA ASP B 94 0.00 -30.79 -19.10
C ASP B 94 1.48 -31.14 -19.27
N SER B 95 1.77 -32.32 -19.85
CA SER B 95 3.15 -32.74 -20.05
C SER B 95 3.90 -31.84 -21.03
N PHE B 96 3.20 -30.96 -21.76
CA PHE B 96 3.84 -30.00 -22.65
C PHE B 96 3.65 -28.58 -22.16
N SER B 97 3.15 -28.40 -20.93
CA SER B 97 2.83 -27.08 -20.38
C SER B 97 1.80 -26.35 -21.23
N LEU B 98 0.93 -27.09 -21.91
CA LEU B 98 -0.17 -26.51 -22.68
C LEU B 98 -1.38 -26.30 -21.77
N ASN B 99 -1.16 -25.43 -20.79
CA ASN B 99 -2.13 -25.15 -19.73
C ASN B 99 -1.69 -23.84 -19.08
N TYR B 100 -2.41 -23.45 -18.03
CA TYR B 100 -2.10 -22.26 -17.24
C TYR B 100 -1.86 -21.04 -18.13
N ASP B 101 -0.62 -20.54 -18.19
CA ASP B 101 -0.33 -19.36 -18.99
C ASP B 101 -0.22 -19.65 -20.47
N CYS B 102 -0.29 -20.91 -20.87
CA CYS B 102 -0.27 -21.30 -22.29
C CYS B 102 -1.50 -22.15 -22.59
N PRO B 103 -2.70 -21.61 -22.41
CA PRO B 103 -3.90 -22.42 -22.57
C PRO B 103 -4.19 -22.75 -24.03
N GLY B 104 -5.06 -23.74 -24.20
CA GLY B 104 -5.63 -23.95 -25.51
C GLY B 104 -6.67 -22.90 -25.85
N PHE B 105 -6.91 -22.75 -27.15
CA PHE B 105 -8.01 -21.95 -27.68
C PHE B 105 -8.22 -22.37 -29.12
N PRO B 106 -9.35 -22.01 -29.74
CA PRO B 106 -9.70 -22.64 -31.02
C PRO B 106 -8.66 -22.43 -32.12
N SER B 107 -7.83 -21.39 -32.05
CA SER B 107 -6.86 -21.13 -33.10
C SER B 107 -5.42 -21.29 -32.62
N VAL B 108 -5.17 -22.03 -31.54
CA VAL B 108 -3.86 -21.96 -30.89
C VAL B 108 -2.76 -22.44 -31.82
N PHE B 109 -3.02 -23.49 -32.63
CA PHE B 109 -1.99 -23.93 -33.55
C PHE B 109 -1.83 -22.95 -34.71
N ASP B 110 -2.94 -22.55 -35.33
CA ASP B 110 -2.84 -21.61 -36.45
C ASP B 110 -2.22 -20.29 -36.02
N TYR B 111 -2.57 -19.80 -34.83
CA TYR B 111 -1.98 -18.58 -34.29
C TYR B 111 -0.47 -18.71 -34.15
N SER B 112 -0.01 -19.77 -33.47
CA SER B 112 1.42 -19.97 -33.22
CA SER B 112 1.42 -19.86 -33.24
C SER B 112 2.18 -20.21 -34.51
N LEU B 113 1.59 -21.00 -35.40
CA LEU B 113 2.23 -21.26 -36.69
C LEU B 113 2.33 -19.98 -37.51
N ALA B 114 1.35 -19.08 -37.39
CA ALA B 114 1.42 -17.85 -38.18
C ALA B 114 2.70 -17.07 -37.88
N ALA B 115 3.04 -16.91 -36.59
CA ALA B 115 4.27 -16.20 -36.26
C ALA B 115 5.48 -16.84 -36.93
N VAL B 116 5.53 -18.18 -36.94
CA VAL B 116 6.59 -18.91 -37.62
C VAL B 116 6.60 -18.58 -39.10
N GLN B 117 5.42 -18.62 -39.73
CA GLN B 117 5.31 -18.30 -41.15
C GLN B 117 5.86 -16.93 -41.45
N GLY B 118 5.54 -15.96 -40.60
CA GLY B 118 6.01 -14.60 -40.85
C GLY B 118 7.50 -14.46 -40.66
N SER B 119 8.03 -15.06 -39.59
CA SER B 119 9.46 -14.88 -39.30
C SER B 119 10.34 -15.68 -40.26
N LEU B 120 9.88 -16.85 -40.73
CA LEU B 120 10.63 -17.57 -41.76
C LEU B 120 10.63 -16.80 -43.07
N ALA B 121 9.49 -16.23 -43.45
CA ALA B 121 9.46 -15.42 -44.66
C ALA B 121 10.39 -14.22 -44.54
N ALA B 122 10.42 -13.61 -43.35
CA ALA B 122 11.31 -12.49 -43.12
C ALA B 122 12.76 -12.91 -43.28
N ALA B 123 13.13 -14.07 -42.73
CA ALA B 123 14.49 -14.56 -42.89
C ALA B 123 14.82 -14.77 -44.36
N SER B 124 13.89 -15.37 -45.11
CA SER B 124 14.17 -15.64 -46.52
CA SER B 124 14.14 -15.65 -46.53
C SER B 124 14.36 -14.36 -47.31
N ALA B 125 13.61 -13.30 -46.97
CA ALA B 125 13.76 -12.04 -47.69
C ALA B 125 15.13 -11.40 -47.41
N LEU B 126 15.69 -11.63 -46.22
CA LEU B 126 17.04 -11.14 -45.97
C LEU B 126 18.07 -11.97 -46.72
N ILE B 127 17.87 -13.29 -46.72
CA ILE B 127 18.82 -14.20 -47.36
C ILE B 127 18.97 -13.87 -48.83
N CYS B 128 17.85 -13.69 -49.53
CA CYS B 128 17.93 -13.41 -50.96
C CYS B 128 18.18 -11.94 -51.27
N ARG B 129 18.40 -11.11 -50.25
CA ARG B 129 18.78 -9.71 -50.40
C ARG B 129 17.64 -8.85 -50.97
N HIS B 130 16.40 -9.35 -50.92
CA HIS B 130 15.27 -8.51 -51.31
C HIS B 130 15.09 -7.34 -50.34
N CYS B 131 15.35 -7.57 -49.07
CA CYS B 131 15.24 -6.56 -48.02
C CYS B 131 16.54 -6.51 -47.23
N GLU B 132 16.95 -5.30 -46.82
CA GLU B 132 18.09 -5.15 -45.93
C GLU B 132 17.66 -5.33 -44.48
N VAL B 133 16.40 -5.02 -44.19
CA VAL B 133 15.79 -5.18 -42.88
C VAL B 133 14.37 -5.70 -43.10
N VAL B 134 13.90 -6.61 -42.24
CA VAL B 134 12.52 -7.03 -42.26
C VAL B 134 11.95 -6.96 -40.86
N ILE B 135 10.77 -6.38 -40.73
CA ILE B 135 10.06 -6.25 -39.45
C ILE B 135 8.94 -7.27 -39.41
N ASN B 136 8.79 -7.99 -38.28
CA ASN B 136 7.63 -8.85 -38.08
C ASN B 136 7.06 -8.58 -36.70
N TRP B 137 6.07 -7.70 -36.63
CA TRP B 137 5.45 -7.40 -35.34
C TRP B 137 4.49 -8.48 -34.88
N GLY B 138 4.31 -9.53 -35.67
CA GLY B 138 3.59 -10.71 -35.25
C GLY B 138 4.45 -11.81 -34.69
N GLY B 139 5.78 -11.62 -34.66
CA GLY B 139 6.70 -12.61 -34.18
C GLY B 139 7.40 -12.19 -32.89
N GLY B 140 8.38 -13.00 -32.50
CA GLY B 140 9.22 -12.69 -31.34
C GLY B 140 8.94 -13.53 -30.12
N TRP B 141 8.46 -14.76 -30.29
CA TRP B 141 7.95 -15.57 -29.16
C TRP B 141 9.08 -16.40 -28.57
N HIS B 142 9.94 -15.70 -27.81
CA HIS B 142 11.25 -16.19 -27.42
C HIS B 142 11.24 -17.25 -26.33
N HIS B 143 10.11 -17.49 -25.65
CA HIS B 143 10.14 -18.46 -24.54
C HIS B 143 9.84 -19.89 -24.97
N ALA B 144 9.30 -20.11 -26.16
CA ALA B 144 8.89 -21.46 -26.50
C ALA B 144 10.10 -22.39 -26.55
N LYS B 145 9.96 -23.59 -25.99
CA LYS B 145 11.06 -24.55 -25.99
C LYS B 145 10.77 -25.68 -26.97
N ARG B 146 11.78 -26.51 -27.19
CA ARG B 146 11.68 -27.65 -28.08
C ARG B 146 10.38 -28.44 -27.90
N SER B 147 10.06 -28.77 -26.64
CA SER B 147 8.91 -29.61 -26.33
C SER B 147 8.04 -29.00 -25.24
N GLU B 148 7.92 -27.67 -25.18
CA GLU B 148 7.23 -27.05 -24.06
C GLU B 148 6.78 -25.65 -24.46
N ALA B 149 5.51 -25.32 -24.22
CA ALA B 149 5.05 -23.94 -24.31
C ALA B 149 5.45 -23.18 -23.06
N SER B 150 5.70 -21.88 -23.21
CA SER B 150 6.12 -21.09 -22.06
C SER B 150 5.79 -19.62 -22.30
N GLY B 151 5.23 -18.97 -21.27
CA GLY B 151 4.96 -17.54 -21.34
C GLY B 151 4.16 -17.07 -22.56
N PHE B 152 3.06 -17.77 -22.84
CA PHE B 152 2.22 -17.60 -24.04
C PHE B 152 3.03 -17.63 -25.34
N CYS B 153 4.15 -18.34 -25.34
CA CYS B 153 4.88 -18.66 -26.56
C CYS B 153 4.73 -20.16 -26.81
N TYR B 154 4.13 -20.51 -27.94
CA TYR B 154 3.85 -21.91 -28.26
C TYR B 154 4.82 -22.49 -29.28
N LEU B 155 5.23 -21.69 -30.27
CA LEU B 155 6.23 -22.10 -31.24
C LEU B 155 7.26 -21.00 -31.34
N ASN B 156 8.53 -21.39 -31.41
CA ASN B 156 9.59 -20.40 -31.36
C ASN B 156 9.93 -19.97 -32.78
N ASP B 157 9.21 -18.94 -33.24
CA ASP B 157 9.47 -18.39 -34.57
C ASP B 157 10.88 -17.84 -34.66
N ILE B 158 11.44 -17.36 -33.54
CA ILE B 158 12.78 -16.79 -33.55
C ILE B 158 13.80 -17.86 -33.83
N VAL B 159 13.74 -18.96 -33.07
CA VAL B 159 14.68 -20.06 -33.28
C VAL B 159 14.63 -20.54 -34.71
N LEU B 160 13.41 -20.72 -35.25
CA LEU B 160 13.31 -21.25 -36.59
C LEU B 160 13.85 -20.27 -37.62
N ALA B 161 13.60 -18.97 -37.42
CA ALA B 161 14.15 -17.97 -38.33
C ALA B 161 15.68 -17.95 -38.27
N ILE B 162 16.23 -17.98 -37.06
CA ILE B 162 17.68 -17.97 -36.92
C ILE B 162 18.29 -19.20 -37.58
N HIS B 163 17.65 -20.37 -37.40
CA HIS B 163 18.16 -21.58 -38.03
C HIS B 163 18.20 -21.43 -39.54
N ARG B 164 17.19 -20.77 -40.12
CA ARG B 164 17.18 -20.57 -41.56
C ARG B 164 18.33 -19.64 -41.97
N LEU B 165 18.55 -18.58 -41.21
CA LEU B 165 19.64 -17.65 -41.51
C LEU B 165 20.99 -18.34 -41.41
N VAL B 166 21.24 -19.01 -40.29
CA VAL B 166 22.58 -19.52 -40.04
C VAL B 166 22.94 -20.64 -41.00
N SER B 167 21.95 -21.31 -41.60
CA SER B 167 22.24 -22.39 -42.53
CA SER B 167 22.17 -22.40 -42.53
C SER B 167 22.16 -21.94 -43.99
N SER B 168 22.17 -20.64 -44.24
CA SER B 168 22.14 -20.11 -45.60
C SER B 168 23.56 -19.91 -46.16
N THR B 179 29.12 -18.22 -41.51
CA THR B 179 27.89 -17.48 -41.17
C THR B 179 27.63 -17.49 -39.68
N ARG B 180 27.59 -16.32 -39.08
CA ARG B 180 27.23 -16.17 -37.68
C ARG B 180 26.04 -15.23 -37.56
N VAL B 181 25.17 -15.50 -36.59
CA VAL B 181 24.00 -14.68 -36.30
C VAL B 181 24.17 -14.13 -34.89
N LEU B 182 23.93 -12.84 -34.74
CA LEU B 182 23.85 -12.22 -33.43
C LEU B 182 22.39 -11.97 -33.09
N TYR B 183 21.92 -12.57 -32.00
CA TYR B 183 20.57 -12.40 -31.51
C TYR B 183 20.56 -11.44 -30.34
N VAL B 184 19.71 -10.43 -30.41
CA VAL B 184 19.63 -9.39 -29.40
C VAL B 184 18.20 -9.35 -28.88
N ASP B 185 18.04 -9.56 -27.57
CA ASP B 185 16.70 -9.69 -26.98
C ASP B 185 16.47 -8.52 -26.04
N LEU B 186 15.63 -7.56 -26.47
CA LEU B 186 15.40 -6.34 -25.69
C LEU B 186 14.16 -6.42 -24.83
N ASP B 187 13.44 -7.54 -24.89
CA ASP B 187 12.24 -7.73 -24.09
C ASP B 187 12.57 -7.57 -22.61
N LEU B 188 11.56 -7.20 -21.82
CA LEU B 188 11.73 -7.15 -20.36
C LEU B 188 12.17 -8.49 -19.78
N HIS B 189 11.78 -9.58 -20.42
CA HIS B 189 12.02 -10.94 -19.92
C HIS B 189 13.21 -11.58 -20.61
N HIS B 190 13.90 -12.43 -19.87
CA HIS B 190 15.02 -13.18 -20.41
C HIS B 190 14.64 -14.02 -21.61
N GLY B 191 15.43 -13.94 -22.68
CA GLY B 191 15.17 -14.74 -23.88
C GLY B 191 15.63 -16.18 -23.74
N ASP B 192 14.99 -16.92 -22.83
CA ASP B 192 15.50 -18.24 -22.42
C ASP B 192 15.36 -19.28 -23.53
N GLY B 193 14.23 -19.29 -24.26
CA GLY B 193 14.04 -20.33 -25.27
C GLY B 193 15.06 -20.24 -26.40
N VAL B 194 15.37 -19.02 -26.84
CA VAL B 194 16.35 -18.85 -27.90
C VAL B 194 17.74 -19.18 -27.39
N GLU B 195 18.07 -18.69 -26.18
CA GLU B 195 19.35 -19.03 -25.57
C GLU B 195 19.54 -20.54 -25.45
N GLU B 196 18.50 -21.24 -24.96
CA GLU B 196 18.59 -22.69 -24.77
C GLU B 196 18.76 -23.41 -26.10
N ALA B 197 18.03 -22.98 -27.13
CA ALA B 197 18.10 -23.63 -28.42
C ALA B 197 19.51 -23.63 -28.99
N PHE B 198 20.28 -22.59 -28.72
CA PHE B 198 21.60 -22.43 -29.32
C PHE B 198 22.71 -22.53 -28.29
N TRP B 199 22.43 -23.13 -27.13
CA TRP B 199 23.37 -23.20 -26.01
C TRP B 199 24.68 -23.87 -26.41
N TYR B 200 24.63 -24.84 -27.33
CA TYR B 200 25.78 -25.63 -27.75
C TYR B 200 26.36 -25.15 -29.07
N SER B 201 25.85 -24.03 -29.60
CA SER B 201 26.21 -23.59 -30.94
CA SER B 201 26.18 -23.58 -30.95
C SER B 201 26.96 -22.27 -30.88
N PRO B 202 28.22 -22.23 -31.33
CA PRO B 202 28.95 -20.97 -31.36
C PRO B 202 28.47 -20.02 -32.45
N ARG B 203 27.80 -20.52 -33.48
CA ARG B 203 27.50 -19.68 -34.63
C ARG B 203 26.31 -18.76 -34.40
N VAL B 204 25.55 -18.98 -33.34
CA VAL B 204 24.47 -18.06 -32.95
C VAL B 204 24.84 -17.53 -31.58
N VAL B 205 25.23 -16.26 -31.52
CA VAL B 205 25.53 -15.63 -30.26
C VAL B 205 24.26 -14.96 -29.78
N THR B 206 23.81 -15.29 -28.57
CA THR B 206 22.58 -14.71 -28.04
C THR B 206 22.94 -13.70 -26.97
N PHE B 207 22.23 -12.57 -26.97
CA PHE B 207 22.43 -11.52 -25.97
C PHE B 207 21.06 -11.04 -25.52
N SER B 208 20.73 -11.27 -24.25
CA SER B 208 19.47 -10.79 -23.69
C SER B 208 19.77 -9.79 -22.57
N VAL B 209 19.11 -8.62 -22.65
CA VAL B 209 19.03 -7.66 -21.55
C VAL B 209 17.62 -7.73 -21.01
N HIS B 210 17.47 -7.73 -19.70
CA HIS B 210 16.16 -8.05 -19.14
C HIS B 210 16.18 -7.71 -17.66
N HIS B 211 15.01 -7.69 -17.07
CA HIS B 211 14.92 -7.75 -15.61
C HIS B 211 15.07 -9.17 -15.11
N ALA B 212 15.78 -9.32 -13.99
CA ALA B 212 15.80 -10.57 -13.24
C ALA B 212 15.73 -10.24 -11.75
N SER B 213 14.93 -11.01 -11.04
CA SER B 213 14.76 -10.87 -9.60
C SER B 213 14.03 -12.12 -9.09
N PRO B 214 14.06 -12.38 -7.78
CA PRO B 214 13.50 -13.65 -7.28
C PRO B 214 12.00 -13.76 -7.54
N GLY B 215 11.60 -14.88 -8.14
CA GLY B 215 10.22 -15.10 -8.49
C GLY B 215 9.80 -14.52 -9.82
N PHE B 216 10.64 -13.70 -10.46
CA PHE B 216 10.26 -13.05 -11.72
C PHE B 216 10.50 -13.98 -12.90
N PHE B 217 9.49 -14.08 -13.77
CA PHE B 217 9.53 -14.95 -14.93
C PHE B 217 10.65 -14.59 -15.91
N PRO B 218 11.36 -15.58 -16.46
CA PRO B 218 11.24 -17.01 -16.20
C PRO B 218 12.27 -17.53 -15.20
N GLY B 219 13.14 -16.65 -14.69
CA GLY B 219 14.07 -17.00 -13.63
C GLY B 219 15.51 -17.10 -14.07
N THR B 220 15.77 -17.23 -15.36
CA THR B 220 17.11 -17.44 -15.88
C THR B 220 17.71 -16.11 -16.35
N GLY B 221 18.87 -16.18 -16.99
CA GLY B 221 19.55 -14.98 -17.44
C GLY B 221 20.26 -14.21 -16.36
N THR B 222 20.65 -14.87 -15.27
CA THR B 222 21.30 -14.16 -14.16
C THR B 222 22.19 -15.15 -13.40
N TRP B 223 22.73 -14.72 -12.27
CA TRP B 223 23.64 -15.52 -11.48
C TRP B 223 23.03 -16.88 -11.14
N ASN B 224 23.84 -17.92 -11.27
CA ASN B 224 23.42 -19.31 -11.06
C ASN B 224 23.54 -19.72 -9.60
N LEU B 231 31.17 -18.35 -4.80
CA LEU B 231 30.54 -17.23 -5.47
C LEU B 231 29.66 -17.70 -6.63
N PRO B 232 28.48 -17.12 -6.78
CA PRO B 232 27.63 -17.44 -7.94
C PRO B 232 28.31 -17.03 -9.24
N ILE B 233 27.92 -17.69 -10.32
CA ILE B 233 28.52 -17.46 -11.63
C ILE B 233 27.43 -17.43 -12.69
N PHE B 234 27.77 -16.79 -13.82
CA PHE B 234 26.93 -16.82 -15.01
C PHE B 234 27.30 -18.01 -15.86
N LEU B 235 26.33 -18.88 -16.12
CA LEU B 235 26.48 -19.82 -17.21
C LEU B 235 26.38 -19.06 -18.53
N ASN B 236 27.06 -19.59 -19.56
CA ASN B 236 27.21 -18.82 -20.79
C ASN B 236 27.30 -19.69 -22.04
N GLY B 237 26.74 -20.89 -22.01
CA GLY B 237 26.83 -21.83 -23.10
C GLY B 237 27.74 -23.00 -22.74
N ALA B 238 27.68 -24.04 -23.57
CA ALA B 238 28.43 -25.24 -23.25
C ALA B 238 29.01 -25.88 -24.51
N GLY B 239 30.04 -26.70 -24.30
CA GLY B 239 30.67 -27.37 -25.43
C GLY B 239 31.27 -26.36 -26.40
N ARG B 240 31.01 -26.57 -27.69
CA ARG B 240 31.45 -25.60 -28.69
C ARG B 240 30.77 -24.25 -28.48
N GLY B 241 29.65 -24.22 -27.77
CA GLY B 241 28.94 -22.99 -27.49
C GLY B 241 29.35 -22.28 -26.22
N ARG B 242 30.42 -22.71 -25.56
CA ARG B 242 30.88 -22.00 -24.37
C ARG B 242 31.16 -20.54 -24.72
N PHE B 243 30.76 -19.64 -23.83
CA PHE B 243 30.93 -18.19 -23.94
C PHE B 243 30.03 -17.54 -24.98
N SER B 244 29.09 -18.27 -25.58
CA SER B 244 28.30 -17.73 -26.68
C SER B 244 26.91 -17.26 -26.25
N ALA B 245 26.54 -17.41 -24.98
CA ALA B 245 25.25 -16.93 -24.48
C ALA B 245 25.53 -15.81 -23.49
N PHE B 246 25.13 -14.59 -23.86
CA PHE B 246 25.38 -13.38 -23.08
C PHE B 246 24.09 -12.91 -22.42
N ASN B 247 24.21 -12.39 -21.19
CA ASN B 247 23.08 -11.91 -20.42
C ASN B 247 23.46 -10.68 -19.60
N LEU B 248 22.54 -9.73 -19.56
CA LEU B 248 22.68 -8.55 -18.71
C LEU B 248 21.38 -8.39 -17.92
N PRO B 249 21.32 -8.91 -16.70
CA PRO B 249 20.14 -8.67 -15.86
C PRO B 249 20.23 -7.30 -15.21
N LEU B 250 19.09 -6.61 -15.14
CA LEU B 250 19.06 -5.25 -14.64
C LEU B 250 17.99 -5.12 -13.57
N GLU B 251 18.28 -4.32 -12.54
CA GLU B 251 17.30 -4.04 -11.50
C GLU B 251 16.16 -3.18 -12.05
N GLU B 252 15.04 -3.21 -11.34
CA GLU B 252 13.88 -2.47 -11.80
C GLU B 252 14.13 -0.96 -11.71
N GLY B 253 13.45 -0.22 -12.59
CA GLY B 253 13.46 1.23 -12.54
C GLY B 253 14.30 1.92 -13.60
N ILE B 254 15.02 1.18 -14.44
CA ILE B 254 16.01 1.80 -15.32
C ILE B 254 15.31 2.65 -16.37
N ASN B 255 15.89 3.82 -16.66
CA ASN B 255 15.31 4.75 -17.61
C ASN B 255 15.98 4.61 -18.99
N ASP B 256 15.54 5.47 -19.93
CA ASP B 256 16.02 5.40 -21.30
C ASP B 256 17.53 5.54 -21.38
N LEU B 257 18.08 6.60 -20.77
CA LEU B 257 19.50 6.89 -20.90
C LEU B 257 20.37 5.81 -20.28
N ASP B 258 20.00 5.35 -19.08
CA ASP B 258 20.84 4.37 -18.39
C ASP B 258 20.76 3.00 -19.09
N TRP B 259 19.60 2.64 -19.63
CA TRP B 259 19.48 1.40 -20.39
C TRP B 259 20.27 1.52 -21.69
N SER B 260 20.21 2.68 -22.33
CA SER B 260 21.00 2.93 -23.54
C SER B 260 22.49 2.79 -23.26
N ASN B 261 22.96 3.44 -22.20
CA ASN B 261 24.40 3.40 -21.89
C ASN B 261 24.81 2.03 -21.40
N ALA B 262 23.88 1.25 -20.86
CA ALA B 262 24.18 -0.12 -20.45
C ALA B 262 24.44 -1.01 -21.66
N ILE B 263 23.55 -1.01 -22.66
CA ILE B 263 23.69 -1.98 -23.72
C ILE B 263 24.42 -1.45 -24.95
N GLY B 264 24.50 -0.13 -25.13
CA GLY B 264 25.17 0.43 -26.29
C GLY B 264 26.57 -0.10 -26.55
N PRO B 265 27.46 0.03 -25.58
CA PRO B 265 28.85 -0.44 -25.81
C PRO B 265 28.94 -1.94 -25.93
N ILE B 266 28.07 -2.67 -25.22
CA ILE B 266 28.05 -4.12 -25.35
C ILE B 266 27.64 -4.52 -26.75
N LEU B 267 26.58 -3.89 -27.26
CA LEU B 267 26.13 -4.17 -28.62
C LEU B 267 27.24 -3.90 -29.63
N ASP B 268 27.89 -2.74 -29.54
CA ASP B 268 28.94 -2.40 -30.50
C ASP B 268 30.11 -3.36 -30.42
N SER B 269 30.47 -3.77 -29.20
CA SER B 269 31.56 -4.73 -29.03
C SER B 269 31.20 -6.09 -29.61
N LEU B 270 29.97 -6.55 -29.38
CA LEU B 270 29.52 -7.81 -29.99
C LEU B 270 29.64 -7.74 -31.50
N ASN B 271 29.21 -6.63 -32.11
CA ASN B 271 29.30 -6.50 -33.56
C ASN B 271 30.75 -6.56 -34.02
N ILE B 272 31.65 -5.83 -33.34
CA ILE B 272 33.06 -5.78 -33.73
C ILE B 272 33.68 -7.16 -33.70
N VAL B 273 33.43 -7.91 -32.62
CA VAL B 273 34.13 -9.17 -32.43
C VAL B 273 33.46 -10.30 -33.20
N ILE B 274 32.12 -10.39 -33.10
CA ILE B 274 31.44 -11.52 -33.75
C ILE B 274 31.34 -11.34 -35.26
N GLN B 275 31.32 -10.10 -35.75
CA GLN B 275 31.12 -9.80 -37.16
C GLN B 275 29.95 -10.60 -37.74
N PRO B 276 28.75 -10.46 -37.18
CA PRO B 276 27.61 -11.26 -37.62
C PRO B 276 27.24 -11.01 -39.08
N SER B 277 26.80 -12.07 -39.74
CA SER B 277 26.22 -11.96 -41.08
C SER B 277 24.77 -11.51 -41.04
N TYR B 278 24.10 -11.73 -39.91
CA TYR B 278 22.72 -11.31 -39.69
C TYR B 278 22.57 -10.96 -38.22
N VAL B 279 21.70 -9.99 -37.95
CA VAL B 279 21.29 -9.64 -36.59
C VAL B 279 19.80 -9.91 -36.50
N VAL B 280 19.37 -10.56 -35.42
CA VAL B 280 17.95 -10.75 -35.13
C VAL B 280 17.68 -10.05 -33.81
N VAL B 281 16.79 -9.07 -33.83
CA VAL B 281 16.45 -8.28 -32.66
C VAL B 281 15.02 -8.62 -32.23
N GLN B 282 14.84 -9.02 -30.98
CA GLN B 282 13.51 -9.14 -30.40
C GLN B 282 13.25 -7.83 -29.67
N CYS B 283 12.14 -7.16 -30.01
CA CYS B 283 11.91 -5.81 -29.52
CA CYS B 283 11.86 -5.81 -29.56
C CYS B 283 10.63 -5.75 -28.67
N GLY B 284 10.48 -6.73 -27.78
CA GLY B 284 9.35 -6.75 -26.87
C GLY B 284 9.21 -5.41 -26.18
N ALA B 285 7.98 -4.89 -26.14
CA ALA B 285 7.69 -3.53 -25.70
C ALA B 285 7.36 -3.45 -24.21
N ASP B 286 7.61 -4.52 -23.44
CA ASP B 286 7.20 -4.49 -22.04
C ASP B 286 8.21 -3.81 -21.12
N CYS B 287 9.29 -3.21 -21.67
CA CYS B 287 10.14 -2.32 -20.87
C CYS B 287 9.61 -0.91 -20.79
N LEU B 288 8.56 -0.58 -21.56
CA LEU B 288 7.98 0.76 -21.46
C LEU B 288 7.51 1.04 -20.03
N ALA B 289 7.65 2.30 -19.62
CA ALA B 289 7.23 2.72 -18.28
C ALA B 289 5.75 2.46 -18.04
N THR B 290 4.96 2.44 -19.10
CA THR B 290 3.53 2.29 -19.04
C THR B 290 3.08 0.85 -19.25
N ASP B 291 4.01 -0.08 -19.42
CA ASP B 291 3.60 -1.48 -19.49
C ASP B 291 3.06 -1.89 -18.13
N PRO B 292 1.99 -2.69 -18.08
CA PRO B 292 1.44 -3.06 -16.76
C PRO B 292 2.40 -3.84 -15.89
N HIS B 293 3.48 -4.42 -16.44
CA HIS B 293 4.51 -4.97 -15.56
C HIS B 293 5.10 -3.90 -14.66
N ARG B 294 5.26 -2.69 -15.19
CA ARG B 294 5.75 -1.54 -14.41
C ARG B 294 7.10 -1.84 -13.77
N ILE B 295 8.07 -2.24 -14.59
CA ILE B 295 9.39 -2.63 -14.11
C ILE B 295 10.48 -1.68 -14.59
N PHE B 296 10.65 -1.53 -15.89
CA PHE B 296 11.55 -0.53 -16.43
C PHE B 296 10.77 0.73 -16.78
N ARG B 297 11.51 1.78 -17.10
CA ARG B 297 10.90 3.10 -17.35
C ARG B 297 11.32 3.63 -18.71
N LEU B 298 11.36 2.77 -19.71
CA LEU B 298 11.67 3.21 -21.06
CA LEU B 298 11.67 3.21 -21.06
C LEU B 298 10.47 3.92 -21.67
N THR B 299 10.75 4.74 -22.69
CA THR B 299 9.70 5.47 -23.42
C THR B 299 9.83 5.15 -24.90
N ASN B 300 8.97 5.81 -25.70
CA ASN B 300 9.12 5.85 -27.16
C ASN B 300 9.50 7.24 -27.64
N PHE B 301 10.09 8.07 -26.78
CA PHE B 301 10.34 9.47 -27.14
C PHE B 301 11.44 9.56 -28.19
N TYR B 302 11.25 10.48 -29.14
CA TYR B 302 12.24 10.75 -30.18
C TYR B 302 12.44 12.26 -30.25
N PRO B 303 13.28 12.82 -29.38
CA PRO B 303 13.53 14.27 -29.36
C PRO B 303 14.01 14.84 -30.68
N CYS B 315 14.95 15.58 -22.75
CA CYS B 315 14.57 14.17 -22.80
C CYS B 315 15.58 13.35 -23.60
N SER B 316 15.96 12.19 -23.07
CA SER B 316 16.83 11.31 -23.82
C SER B 316 16.03 10.57 -24.88
N LEU B 317 16.75 10.10 -25.90
CA LEU B 317 16.14 9.22 -26.88
C LEU B 317 15.62 7.97 -26.19
N SER B 318 14.44 7.51 -26.62
CA SER B 318 13.94 6.18 -26.25
C SER B 318 15.07 5.16 -26.27
N GLY B 319 15.21 4.40 -25.19
CA GLY B 319 16.21 3.34 -25.19
C GLY B 319 16.04 2.38 -26.36
N TYR B 320 14.79 2.03 -26.67
CA TYR B 320 14.53 1.16 -27.82
C TYR B 320 15.04 1.77 -29.11
N LEU B 321 14.65 3.03 -29.39
CA LEU B 321 15.08 3.66 -30.62
C LEU B 321 16.60 3.81 -30.66
N TYR B 322 17.20 4.11 -29.51
CA TYR B 322 18.65 4.18 -29.43
C TYR B 322 19.28 2.86 -29.87
N ALA B 323 18.78 1.75 -29.33
CA ALA B 323 19.35 0.44 -29.64
C ALA B 323 19.11 0.04 -31.09
N ILE B 324 17.89 0.27 -31.60
CA ILE B 324 17.62 -0.06 -33.00
C ILE B 324 18.48 0.79 -33.93
N LYS B 325 18.59 2.09 -33.65
CA LYS B 325 19.40 2.94 -34.51
C LYS B 325 20.85 2.46 -34.52
N LYS B 326 21.36 2.08 -33.35
CA LYS B 326 22.74 1.59 -33.26
C LYS B 326 22.92 0.31 -34.07
N ILE B 327 22.00 -0.64 -33.90
CA ILE B 327 22.10 -1.90 -34.63
C ILE B 327 22.05 -1.66 -36.13
N LEU B 328 21.14 -0.78 -36.57
CA LEU B 328 21.02 -0.53 -38.01
C LEU B 328 22.26 0.15 -38.57
N SER B 329 23.01 0.89 -37.73
CA SER B 329 24.21 1.58 -38.19
C SER B 329 25.30 0.62 -38.62
N TRP B 330 25.24 -0.63 -38.16
CA TRP B 330 26.21 -1.64 -38.56
C TRP B 330 26.08 -2.07 -40.01
N LYS B 331 24.94 -1.80 -40.65
CA LYS B 331 24.70 -2.19 -42.04
C LYS B 331 24.83 -3.70 -42.22
N VAL B 332 24.27 -4.46 -41.28
CA VAL B 332 24.17 -5.91 -41.34
C VAL B 332 22.70 -6.25 -41.57
N PRO B 333 22.37 -7.17 -42.48
CA PRO B 333 20.96 -7.55 -42.66
C PRO B 333 20.34 -7.94 -41.33
N THR B 334 19.16 -7.39 -41.05
CA THR B 334 18.61 -7.42 -39.70
C THR B 334 17.13 -7.77 -39.73
N LEU B 335 16.73 -8.62 -38.79
CA LEU B 335 15.34 -8.97 -38.56
CA LEU B 335 15.33 -8.98 -38.54
C LEU B 335 14.91 -8.31 -37.26
N ILE B 336 13.79 -7.57 -37.30
CA ILE B 336 13.23 -6.93 -36.13
C ILE B 336 11.90 -7.59 -35.81
N LEU B 337 11.80 -8.19 -34.63
CA LEU B 337 10.61 -8.91 -34.21
C LEU B 337 9.94 -8.19 -33.03
N GLY B 338 8.67 -8.52 -32.81
CA GLY B 338 7.97 -8.05 -31.64
C GLY B 338 8.24 -8.92 -30.42
N GLY B 339 7.21 -9.24 -29.67
CA GLY B 339 7.34 -9.99 -28.44
C GLY B 339 6.34 -9.50 -27.41
N GLY B 340 6.80 -9.35 -26.17
CA GLY B 340 5.96 -8.82 -25.12
C GLY B 340 5.53 -7.38 -25.39
N GLY B 341 4.61 -6.91 -24.56
CA GLY B 341 4.03 -5.58 -24.72
C GLY B 341 2.54 -5.65 -24.42
N TYR B 342 2.15 -5.27 -23.20
CA TYR B 342 0.82 -5.58 -22.69
C TYR B 342 -0.04 -4.35 -22.53
N ASN B 343 0.51 -3.19 -22.84
CA ASN B 343 -0.25 -1.95 -23.03
C ASN B 343 -0.32 -1.83 -24.56
N PHE B 344 -1.44 -2.25 -25.14
CA PHE B 344 -1.48 -2.37 -26.60
C PHE B 344 -1.33 -1.04 -27.29
N PRO B 345 -2.03 0.03 -26.89
CA PRO B 345 -1.79 1.32 -27.56
C PRO B 345 -0.36 1.80 -27.45
N ASP B 346 0.26 1.66 -26.28
CA ASP B 346 1.63 2.17 -26.18
C ASP B 346 2.61 1.27 -26.92
N THR B 347 2.30 -0.03 -27.02
CA THR B 347 3.12 -0.91 -27.84
C THR B 347 3.05 -0.50 -29.31
N ALA B 348 1.85 -0.18 -29.79
CA ALA B 348 1.72 0.35 -31.13
C ALA B 348 2.45 1.67 -31.29
N ARG B 349 2.37 2.55 -30.28
CA ARG B 349 3.12 3.80 -30.33
C ARG B 349 4.61 3.57 -30.49
N LEU B 350 5.15 2.62 -29.72
CA LEU B 350 6.59 2.35 -29.78
C LEU B 350 6.98 1.75 -31.12
N TRP B 351 6.26 0.70 -31.54
CA TRP B 351 6.66 -0.01 -32.74
C TRP B 351 6.42 0.80 -33.99
N THR B 352 5.49 1.75 -33.96
CA THR B 352 5.36 2.67 -35.08
C THR B 352 6.60 3.55 -35.17
N ARG B 353 7.07 4.08 -34.04
CA ARG B 353 8.30 4.86 -34.06
C ARG B 353 9.49 4.01 -34.49
N VAL B 354 9.59 2.76 -34.01
CA VAL B 354 10.65 1.87 -34.48
C VAL B 354 10.58 1.68 -35.99
N THR B 355 9.37 1.49 -36.52
CA THR B 355 9.21 1.27 -37.95
C THR B 355 9.65 2.51 -38.73
N ALA B 356 9.24 3.68 -38.28
CA ALA B 356 9.62 4.92 -38.98
C ALA B 356 11.13 5.14 -38.89
N LEU B 357 11.71 4.89 -37.73
CA LEU B 357 13.16 5.04 -37.59
C LEU B 357 13.90 4.09 -38.52
N THR B 358 13.41 2.86 -38.66
CA THR B 358 14.07 1.89 -39.53
C THR B 358 14.07 2.37 -40.97
N ILE B 359 12.92 2.90 -41.44
CA ILE B 359 12.85 3.50 -42.77
C ILE B 359 13.86 4.64 -42.90
N GLU B 360 13.92 5.53 -41.89
CA GLU B 360 14.85 6.66 -41.94
C GLU B 360 16.29 6.20 -42.04
N GLU B 361 16.68 5.24 -41.20
CA GLU B 361 18.07 4.82 -41.14
C GLU B 361 18.47 4.04 -42.37
N VAL B 362 17.60 3.16 -42.85
CA VAL B 362 17.94 2.30 -43.98
C VAL B 362 17.85 3.07 -45.29
N LYS B 363 16.77 3.82 -45.49
CA LYS B 363 16.56 4.54 -46.75
C LYS B 363 17.20 5.92 -46.78
N GLY B 364 17.66 6.45 -45.64
CA GLY B 364 18.11 7.83 -45.60
C GLY B 364 17.01 8.82 -45.90
N LYS B 365 15.77 8.49 -45.55
CA LYS B 365 14.59 9.21 -45.98
C LYS B 365 13.81 9.67 -44.74
N LYS B 366 13.63 10.98 -44.58
CA LYS B 366 13.02 11.52 -43.37
C LYS B 366 11.58 11.07 -43.22
N MET B 367 11.25 10.54 -42.05
CA MET B 367 9.91 10.07 -41.73
C MET B 367 9.40 10.90 -40.56
N THR B 368 8.87 12.08 -40.87
CA THR B 368 8.36 12.96 -39.83
C THR B 368 6.98 12.50 -39.42
N ILE B 369 6.82 12.21 -38.14
CA ILE B 369 5.59 11.65 -37.60
CA ILE B 369 5.59 11.64 -37.60
C ILE B 369 4.89 12.74 -36.78
N SER B 370 3.63 13.00 -37.10
CA SER B 370 2.89 14.03 -36.37
C SER B 370 2.73 13.62 -34.90
N PRO B 371 2.86 14.56 -33.96
CA PRO B 371 2.61 14.21 -32.55
C PRO B 371 1.18 13.76 -32.28
N GLU B 372 0.21 14.22 -33.07
CA GLU B 372 -1.17 13.80 -32.91
C GLU B 372 -1.40 12.50 -33.65
N ILE B 373 -2.06 11.54 -33.00
CA ILE B 373 -2.43 10.30 -33.66
C ILE B 373 -3.33 10.61 -34.85
N PRO B 374 -3.10 10.03 -36.04
CA PRO B 374 -3.97 10.31 -37.18
C PRO B 374 -5.30 9.59 -37.06
N GLU B 375 -6.27 10.13 -37.79
CA GLU B 375 -7.55 9.48 -37.93
C GLU B 375 -7.39 8.06 -38.47
N HIS B 376 -8.01 7.11 -37.78
CA HIS B 376 -8.12 5.72 -38.24
C HIS B 376 -9.06 5.02 -37.27
N SER B 377 -9.45 3.77 -37.60
CA SER B 377 -10.56 3.18 -36.87
C SER B 377 -10.19 2.73 -35.45
N TYR B 378 -8.92 2.75 -35.08
CA TYR B 378 -8.52 2.55 -33.69
C TYR B 378 -8.15 3.85 -32.99
N PHE B 379 -8.48 5.01 -33.57
CA PHE B 379 -8.11 6.29 -32.96
C PHE B 379 -8.54 6.37 -31.50
N SER B 380 -9.74 5.85 -31.18
CA SER B 380 -10.24 5.98 -29.81
C SER B 380 -9.42 5.19 -28.80
N ARG B 381 -8.55 4.28 -29.23
CA ARG B 381 -7.72 3.54 -28.29
C ARG B 381 -6.56 4.37 -27.76
N TYR B 382 -6.34 5.57 -28.28
CA TYR B 382 -5.18 6.37 -27.92
C TYR B 382 -5.52 7.52 -26.99
N GLY B 383 -6.65 7.44 -26.31
CA GLY B 383 -7.06 8.46 -25.36
C GLY B 383 -6.29 8.43 -24.07
N PRO B 384 -6.44 9.47 -23.23
CA PRO B 384 -7.27 10.65 -23.48
C PRO B 384 -6.54 11.75 -24.25
N ASP B 385 -5.26 11.53 -24.53
CA ASP B 385 -4.40 12.54 -25.13
C ASP B 385 -4.36 12.47 -26.65
N PHE B 386 -4.49 11.27 -27.22
CA PHE B 386 -4.39 11.03 -28.67
C PHE B 386 -3.08 11.60 -29.24
N GLU B 387 -2.00 11.43 -28.47
CA GLU B 387 -0.66 11.78 -28.91
C GLU B 387 0.19 10.53 -29.06
N LEU B 388 1.27 10.68 -29.83
CA LEU B 388 2.14 9.54 -30.12
C LEU B 388 3.12 9.24 -28.99
N ASP B 389 3.62 10.28 -28.32
CA ASP B 389 4.43 10.06 -27.11
C ASP B 389 3.58 9.30 -26.09
N ILE B 390 4.19 8.31 -25.42
CA ILE B 390 3.47 7.66 -24.34
C ILE B 390 3.26 8.65 -23.20
N ASP B 391 2.20 8.42 -22.43
CA ASP B 391 1.78 9.34 -21.38
C ASP B 391 2.57 9.02 -20.12
N TYR B 392 3.81 9.50 -20.10
CA TYR B 392 4.72 9.22 -19.00
C TYR B 392 5.65 10.41 -18.84
N PHE B 393 6.01 10.70 -17.61
CA PHE B 393 6.86 11.86 -17.31
C PHE B 393 8.13 11.40 -16.63
N PRO B 394 9.23 11.24 -17.37
CA PRO B 394 10.49 10.77 -16.76
C PRO B 394 10.96 11.71 -15.68
N HIS B 395 11.52 11.14 -14.62
CA HIS B 395 11.86 11.93 -13.43
C HIS B 395 12.98 11.26 -12.67
N ASP B 403 24.11 2.05 -8.52
CA ASP B 403 23.21 1.41 -9.47
C ASP B 403 23.91 1.11 -10.81
N SER B 404 25.22 1.38 -10.86
CA SER B 404 25.97 1.18 -12.09
C SER B 404 26.21 -0.32 -12.31
N ILE B 405 26.68 -0.63 -13.52
CA ILE B 405 26.86 -2.02 -13.94
C ILE B 405 28.23 -2.21 -14.59
N GLN B 406 29.23 -1.46 -14.11
CA GLN B 406 30.53 -1.56 -14.77
C GLN B 406 31.17 -2.93 -14.57
N LYS B 407 30.87 -3.61 -13.46
CA LYS B 407 31.40 -4.98 -13.35
C LYS B 407 30.71 -5.92 -14.32
N HIS B 408 29.46 -5.63 -14.72
CA HIS B 408 28.84 -6.43 -15.77
C HIS B 408 29.52 -6.20 -17.11
N HIS B 409 29.84 -4.94 -17.44
CA HIS B 409 30.62 -4.65 -18.63
C HIS B 409 31.92 -5.44 -18.64
N ARG B 410 32.64 -5.41 -17.51
CA ARG B 410 33.91 -6.10 -17.45
C ARG B 410 33.73 -7.61 -17.63
N ARG B 411 32.69 -8.16 -17.01
CA ARG B 411 32.41 -9.59 -17.13
C ARG B 411 32.05 -9.96 -18.56
N ILE B 412 31.18 -9.17 -19.18
CA ILE B 412 30.71 -9.48 -20.52
C ILE B 412 31.85 -9.37 -21.53
N LEU B 413 32.72 -8.38 -21.35
CA LEU B 413 33.85 -8.24 -22.27
C LEU B 413 34.84 -9.38 -22.11
N GLU B 414 35.07 -9.83 -20.87
CA GLU B 414 35.91 -11.01 -20.66
C GLU B 414 35.29 -12.23 -21.34
N GLN B 415 33.98 -12.40 -21.20
CA GLN B 415 33.31 -13.48 -21.91
C GLN B 415 33.49 -13.35 -23.42
N LEU B 416 33.38 -12.13 -23.95
CA LEU B 416 33.53 -11.93 -25.39
C LEU B 416 34.96 -12.26 -25.84
N ARG B 417 35.95 -11.90 -25.03
CA ARG B 417 37.32 -12.27 -25.34
C ARG B 417 37.48 -13.79 -25.32
N ASN B 418 36.88 -14.46 -24.33
CA ASN B 418 36.92 -15.92 -24.28
C ASN B 418 36.24 -16.55 -25.47
N TYR B 419 35.10 -15.99 -25.88
CA TYR B 419 34.42 -16.47 -27.09
C TYR B 419 35.34 -16.35 -28.31
N ALA B 420 35.98 -15.19 -28.46
CA ALA B 420 36.85 -14.96 -29.61
C ALA B 420 38.01 -15.95 -29.62
N ASP B 421 38.61 -16.19 -28.47
CA ASP B 421 39.75 -17.10 -28.37
C ASP B 421 39.31 -18.53 -28.67
N LEU B 422 38.19 -18.96 -28.09
CA LEU B 422 37.72 -20.32 -28.36
C LEU B 422 37.45 -20.53 -29.83
N ASN B 423 36.89 -19.53 -30.50
CA ASN B 423 36.43 -19.67 -31.88
C ASN B 423 37.43 -19.14 -32.89
N LYS B 424 38.65 -18.78 -32.45
CA LYS B 424 39.74 -18.38 -33.33
C LYS B 424 39.35 -17.16 -34.17
N LEU B 425 38.71 -16.19 -33.52
CA LEU B 425 38.33 -14.94 -34.16
C LEU B 425 39.28 -13.82 -33.74
N ILE B 426 39.55 -12.91 -34.68
CA ILE B 426 40.32 -11.72 -34.33
C ILE B 426 39.60 -10.97 -33.23
N TYR B 427 40.32 -10.67 -32.18
CA TYR B 427 39.82 -9.84 -31.09
C TYR B 427 40.53 -8.49 -31.17
N ASP B 428 39.80 -7.48 -31.63
CA ASP B 428 40.39 -6.17 -31.91
C ASP B 428 40.33 -5.33 -30.64
N TYR B 429 41.33 -5.53 -29.79
CA TYR B 429 41.39 -4.82 -28.52
C TYR B 429 41.37 -3.31 -28.71
N ASP B 430 42.16 -2.79 -29.66
CA ASP B 430 42.23 -1.35 -29.84
C ASP B 430 40.87 -0.77 -30.21
N GLN B 431 40.10 -1.51 -31.00
CA GLN B 431 38.78 -1.02 -31.37
C GLN B 431 37.81 -1.07 -30.20
N VAL B 432 37.82 -2.18 -29.45
CA VAL B 432 36.92 -2.28 -28.30
C VAL B 432 37.31 -1.27 -27.22
N TYR B 433 38.62 -1.15 -26.95
CA TYR B 433 39.08 -0.15 -26.00
C TYR B 433 38.62 1.24 -26.42
N GLN B 434 38.82 1.61 -27.68
CA GLN B 434 38.46 2.95 -28.12
C GLN B 434 36.97 3.18 -27.97
N LEU B 435 36.17 2.15 -28.23
CA LEU B 435 34.73 2.22 -28.04
C LEU B 435 34.38 2.57 -26.60
N TYR B 436 34.97 1.84 -25.65
CA TYR B 436 34.67 2.08 -24.24
C TYR B 436 35.35 3.34 -23.72
N ASN B 437 36.50 3.70 -24.29
CA ASN B 437 37.18 4.93 -23.89
C ASN B 437 36.33 6.16 -24.18
N LEU B 438 35.35 6.07 -25.09
CA LEU B 438 34.48 7.20 -25.37
C LEU B 438 33.70 7.64 -24.14
N THR B 439 33.43 6.71 -23.21
CA THR B 439 32.79 7.03 -21.94
C THR B 439 33.76 6.93 -20.78
N GLY B 440 35.07 6.98 -21.05
CA GLY B 440 36.05 6.87 -20.00
C GLY B 440 36.08 5.53 -19.29
N MET B 441 35.66 4.46 -19.98
CA MET B 441 35.63 3.12 -19.40
C MET B 441 36.52 2.14 -20.15
N GLY B 442 37.53 2.66 -20.87
CA GLY B 442 38.45 1.77 -21.57
C GLY B 442 39.16 0.78 -20.67
N SER B 443 39.34 1.14 -19.39
CA SER B 443 39.99 0.24 -18.45
C SER B 443 39.20 -1.05 -18.22
N LEU B 444 37.92 -1.09 -18.61
CA LEU B 444 37.13 -2.29 -18.46
C LEU B 444 37.42 -3.33 -19.53
N VAL B 445 38.12 -2.95 -20.59
CA VAL B 445 38.35 -3.84 -21.73
C VAL B 445 39.55 -4.75 -21.48
N PRO B 446 39.39 -6.06 -21.58
CA PRO B 446 40.54 -6.96 -21.39
C PRO B 446 41.39 -7.04 -22.65
N ARG B 447 42.69 -7.27 -22.46
CA ARG B 447 43.60 -7.41 -23.59
C ARG B 447 43.36 -8.70 -24.34
N SER C 3 -36.81 0.90 35.64
CA SER C 3 -37.32 1.33 34.34
C SER C 3 -36.17 1.80 33.45
N VAL C 4 -35.99 1.15 32.31
CA VAL C 4 -35.05 1.60 31.29
C VAL C 4 -35.85 2.31 30.20
N GLY C 5 -35.57 3.62 30.03
CA GLY C 5 -36.21 4.38 28.98
C GLY C 5 -35.39 4.40 27.70
N ILE C 6 -36.06 4.71 26.61
CA ILE C 6 -35.39 4.89 25.32
C ILE C 6 -36.17 5.93 24.54
N VAL C 7 -35.46 6.87 23.92
CA VAL C 7 -36.09 7.97 23.20
C VAL C 7 -36.42 7.54 21.78
N TYR C 8 -37.70 7.63 21.41
CA TYR C 8 -38.10 7.45 20.03
C TYR C 8 -39.49 8.04 19.84
N GLY C 9 -39.86 8.16 18.57
CA GLY C 9 -41.13 8.71 18.16
C GLY C 9 -41.12 8.79 16.65
N ASP C 10 -42.33 8.87 16.06
CA ASP C 10 -42.39 8.80 14.61
C ASP C 10 -41.69 10.00 13.95
N GLN C 11 -42.01 11.21 14.41
CA GLN C 11 -41.36 12.36 13.81
C GLN C 11 -39.90 12.46 14.25
N TYR C 12 -39.62 12.08 15.49
CA TYR C 12 -38.23 11.99 15.94
C TYR C 12 -37.41 11.12 15.01
N ARG C 13 -37.95 9.94 14.68
CA ARG C 13 -37.24 9.03 13.79
C ARG C 13 -37.00 9.68 12.43
N GLN C 14 -38.03 10.32 11.87
CA GLN C 14 -37.90 10.99 10.58
C GLN C 14 -36.79 12.03 10.61
N LEU C 15 -36.77 12.86 11.66
CA LEU C 15 -35.77 13.93 11.75
C LEU C 15 -34.38 13.37 11.97
N CYS C 16 -34.26 12.33 12.80
CA CYS C 16 -32.94 11.73 13.04
C CYS C 16 -32.41 11.01 11.81
N CYS C 17 -33.26 10.69 10.84
CA CYS C 17 -32.84 10.06 9.61
C CYS C 17 -32.76 11.03 8.45
N SER C 18 -32.78 12.33 8.72
CA SER C 18 -32.92 13.30 7.64
C SER C 18 -31.60 13.94 7.24
N SER C 19 -30.44 13.52 7.87
CA SER C 19 -29.17 14.17 7.59
C SER C 19 -28.39 13.43 6.50
N PRO C 20 -27.58 14.16 5.73
CA PRO C 20 -26.79 13.50 4.70
C PRO C 20 -25.73 12.56 5.25
N LYS C 21 -25.12 12.88 6.38
CA LYS C 21 -24.01 12.05 6.85
C LYS C 21 -24.50 10.77 7.53
N PHE C 22 -25.54 10.85 8.35
CA PHE C 22 -25.94 9.67 9.10
C PHE C 22 -27.11 8.93 8.49
N GLY C 23 -27.70 9.45 7.42
CA GLY C 23 -28.71 8.74 6.66
C GLY C 23 -29.73 8.09 7.56
N ASP C 24 -30.00 6.81 7.30
CA ASP C 24 -31.01 6.07 8.04
C ASP C 24 -30.45 5.27 9.21
N ARG C 25 -29.26 5.61 9.72
CA ARG C 25 -28.65 4.83 10.80
C ARG C 25 -29.59 4.65 11.99
N TYR C 26 -30.22 5.75 12.43
CA TYR C 26 -31.10 5.68 13.59
C TYR C 26 -32.22 4.67 13.38
N ALA C 27 -32.77 4.62 12.15
CA ALA C 27 -33.82 3.67 11.84
C ALA C 27 -33.32 2.23 11.93
N LEU C 28 -32.12 1.96 11.39
CA LEU C 28 -31.58 0.60 11.55
C LEU C 28 -31.41 0.25 13.01
N VAL C 29 -30.87 1.17 13.81
CA VAL C 29 -30.63 0.92 15.22
C VAL C 29 -31.95 0.59 15.92
N MET C 30 -32.93 1.47 15.79
CA MET C 30 -34.20 1.27 16.49
C MET C 30 -34.95 0.06 15.94
N ASP C 31 -34.89 -0.21 14.64
CA ASP C 31 -35.61 -1.37 14.11
C ASP C 31 -34.92 -2.68 14.45
N LEU C 32 -33.59 -2.68 14.66
CA LEU C 32 -32.97 -3.92 15.12
C LEU C 32 -33.32 -4.20 16.57
N ILE C 33 -33.36 -3.15 17.40
CA ILE C 33 -33.86 -3.28 18.76
C ILE C 33 -35.29 -3.80 18.74
N ASN C 34 -36.12 -3.24 17.86
CA ASN C 34 -37.49 -3.72 17.71
C ASN C 34 -37.53 -5.18 17.25
N ALA C 35 -36.68 -5.53 16.30
CA ALA C 35 -36.73 -6.87 15.74
C ALA C 35 -36.38 -7.92 16.78
N TYR C 36 -35.50 -7.57 17.72
CA TYR C 36 -35.15 -8.47 18.80
C TYR C 36 -36.15 -8.44 19.95
N LYS C 37 -37.29 -7.78 19.75
CA LYS C 37 -38.40 -7.74 20.70
C LYS C 37 -38.01 -7.06 22.01
N LEU C 38 -37.10 -6.08 21.94
CA LEU C 38 -36.70 -5.34 23.12
C LEU C 38 -37.63 -4.16 23.43
N ILE C 39 -38.37 -3.66 22.43
CA ILE C 39 -39.18 -2.45 22.64
C ILE C 39 -40.20 -2.63 23.76
N PRO C 40 -40.91 -3.75 23.89
CA PRO C 40 -41.83 -3.89 25.04
C PRO C 40 -41.14 -3.91 26.39
N GLU C 41 -39.81 -4.10 26.44
CA GLU C 41 -39.07 -4.07 27.69
C GLU C 41 -38.71 -2.67 28.14
N LEU C 42 -38.91 -1.67 27.28
CA LEU C 42 -38.39 -0.34 27.44
C LEU C 42 -39.52 0.66 27.56
N SER C 43 -39.24 1.72 28.29
CA SER C 43 -40.16 2.84 28.48
CA SER C 43 -40.17 2.83 28.46
C SER C 43 -39.89 3.90 27.42
N ARG C 44 -40.85 4.14 26.53
CA ARG C 44 -40.63 5.17 25.54
C ARG C 44 -40.58 6.55 26.21
N VAL C 45 -39.51 7.27 25.95
CA VAL C 45 -39.34 8.64 26.43
C VAL C 45 -39.58 9.58 25.26
N PRO C 46 -40.66 10.35 25.27
CA PRO C 46 -40.96 11.22 24.13
C PRO C 46 -40.02 12.40 24.11
N PRO C 47 -39.56 12.80 22.94
CA PRO C 47 -38.73 14.00 22.85
C PRO C 47 -39.46 15.21 23.42
N LEU C 48 -38.68 16.10 24.01
CA LEU C 48 -39.24 17.32 24.60
C LEU C 48 -39.71 18.26 23.50
N GLN C 49 -40.90 18.84 23.69
CA GLN C 49 -41.36 19.92 22.82
C GLN C 49 -41.70 21.13 23.68
N TRP C 50 -41.77 22.30 23.04
CA TRP C 50 -41.84 23.55 23.80
C TRP C 50 -43.14 24.27 23.51
N ASP C 51 -43.48 25.19 24.43
CA ASP C 51 -44.71 25.95 24.35
C ASP C 51 -44.65 27.11 23.36
N SER C 52 -43.46 27.47 22.88
CA SER C 52 -43.32 28.65 22.04
C SER C 52 -41.92 28.64 21.44
N PRO C 53 -41.71 29.38 20.34
CA PRO C 53 -40.34 29.61 19.86
C PRO C 53 -39.43 30.19 20.93
N SER C 54 -39.93 31.12 21.73
CA SER C 54 -39.11 31.72 22.77
C SER C 54 -38.63 30.69 23.78
N ARG C 55 -39.51 29.76 24.17
CA ARG C 55 -39.10 28.72 25.12
C ARG C 55 -38.07 27.77 24.51
N MET C 56 -38.23 27.43 23.22
CA MET C 56 -37.22 26.59 22.58
C MET C 56 -35.89 27.32 22.51
N TYR C 57 -35.93 28.60 22.13
CA TYR C 57 -34.72 29.39 22.01
C TYR C 57 -34.04 29.55 23.36
N GLU C 58 -34.84 29.70 24.42
CA GLU C 58 -34.28 29.79 25.77
C GLU C 58 -33.58 28.49 26.16
N ALA C 59 -34.17 27.35 25.81
CA ALA C 59 -33.55 26.06 26.15
C ALA C 59 -32.22 25.88 25.42
N VAL C 60 -32.19 26.21 24.13
CA VAL C 60 -30.98 25.93 23.36
C VAL C 60 -29.88 26.92 23.71
N THR C 61 -30.24 28.17 24.00
CA THR C 61 -29.22 29.16 24.36
C THR C 61 -28.80 29.08 25.81
N ALA C 62 -29.27 28.08 26.57
CA ALA C 62 -28.62 27.78 27.83
C ALA C 62 -27.15 27.50 27.62
N PHE C 63 -26.78 26.98 26.46
CA PHE C 63 -25.39 26.78 26.06
C PHE C 63 -25.01 27.59 24.84
N HIS C 64 -25.76 27.47 23.75
CA HIS C 64 -25.34 28.07 22.48
C HIS C 64 -25.65 29.56 22.45
N SER C 65 -24.86 30.29 21.66
CA SER C 65 -25.11 31.72 21.56
C SER C 65 -26.35 31.99 20.72
N THR C 66 -27.01 33.11 21.02
CA THR C 66 -28.19 33.48 20.24
C THR C 66 -27.86 33.63 18.76
N GLU C 67 -26.71 34.24 18.47
CA GLU C 67 -26.34 34.50 17.09
C GLU C 67 -26.04 33.21 16.33
N TYR C 68 -25.48 32.20 17.02
CA TYR C 68 -25.24 30.92 16.37
C TYR C 68 -26.56 30.19 16.09
N VAL C 69 -27.46 30.14 17.07
CA VAL C 69 -28.76 29.53 16.84
C VAL C 69 -29.49 30.25 15.71
N ASP C 70 -29.43 31.59 15.69
CA ASP C 70 -30.01 32.36 14.61
C ASP C 70 -29.47 31.91 13.25
N ALA C 71 -28.14 31.80 13.15
CA ALA C 71 -27.52 31.42 11.88
C ALA C 71 -27.93 30.00 11.48
N LEU C 72 -28.01 29.10 12.45
CA LEU C 72 -28.37 27.72 12.14
C LEU C 72 -29.80 27.64 11.63
N LYS C 73 -30.72 28.40 12.23
CA LYS C 73 -32.08 28.47 11.72
C LYS C 73 -32.10 29.05 10.31
N LYS C 74 -31.32 30.12 10.08
CA LYS C 74 -31.25 30.73 8.76
C LYS C 74 -30.71 29.75 7.73
N LEU C 75 -29.68 28.99 8.11
CA LEU C 75 -29.11 28.00 7.19
C LEU C 75 -30.16 27.02 6.70
N GLN C 76 -31.02 26.55 7.60
CA GLN C 76 -32.07 25.63 7.19
C GLN C 76 -33.06 26.30 6.25
N MET C 77 -33.46 27.54 6.57
CA MET C 77 -34.38 28.23 5.69
C MET C 77 -33.79 28.41 4.29
N LEU C 78 -32.51 28.79 4.21
CA LEU C 78 -31.89 29.01 2.92
C LEU C 78 -31.84 27.71 2.12
N HIS C 79 -31.61 26.59 2.78
CA HIS C 79 -31.54 25.32 2.08
C HIS C 79 -32.90 24.77 1.71
N CYS C 80 -33.97 25.31 2.28
CA CYS C 80 -35.32 24.96 1.85
C CYS C 80 -35.81 25.82 0.68
N GLU C 81 -34.94 26.65 0.12
CA GLU C 81 -35.30 27.45 -1.05
C GLU C 81 -34.25 27.33 -2.15
N GLU C 84 -29.49 30.30 -4.21
CA GLU C 84 -28.09 30.40 -3.83
C GLU C 84 -27.89 31.43 -2.72
N LEU C 85 -27.01 31.13 -1.77
CA LEU C 85 -26.69 32.07 -0.71
C LEU C 85 -26.04 33.32 -1.27
N THR C 86 -26.26 34.45 -0.60
CA THR C 86 -25.52 35.66 -0.92
C THR C 86 -24.12 35.58 -0.35
N ALA C 87 -23.24 36.46 -0.83
CA ALA C 87 -21.87 36.48 -0.35
C ALA C 87 -21.80 36.78 1.15
N ASP C 88 -22.70 37.64 1.64
CA ASP C 88 -22.71 37.90 3.08
C ASP C 88 -23.29 36.73 3.86
N ASP C 89 -24.27 36.01 3.30
CA ASP C 89 -24.78 34.81 3.96
C ASP C 89 -23.68 33.75 4.06
N GLU C 90 -22.91 33.56 2.99
CA GLU C 90 -21.81 32.61 3.04
C GLU C 90 -20.83 32.99 4.13
N LEU C 91 -20.48 34.27 4.23
CA LEU C 91 -19.54 34.72 5.26
C LEU C 91 -20.10 34.49 6.65
N LEU C 92 -21.40 34.75 6.84
CA LEU C 92 -22.03 34.52 8.13
C LEU C 92 -21.94 33.04 8.51
N MET C 93 -22.32 32.14 7.60
CA MET C 93 -22.22 30.71 7.86
C MET C 93 -20.79 30.29 8.11
N ASP C 94 -19.83 30.83 7.35
CA ASP C 94 -18.43 30.47 7.57
C ASP C 94 -17.98 30.88 8.97
N SER C 95 -18.49 32.00 9.49
CA SER C 95 -18.12 32.49 10.81
C SER C 95 -18.60 31.57 11.94
N PHE C 96 -19.51 30.64 11.65
CA PHE C 96 -19.94 29.66 12.64
C PHE C 96 -19.55 28.24 12.26
N SER C 97 -18.67 28.10 11.26
CA SER C 97 -18.21 26.82 10.75
C SER C 97 -19.37 25.99 10.22
N LEU C 98 -20.40 26.65 9.68
CA LEU C 98 -21.53 25.95 9.07
C LEU C 98 -21.23 25.71 7.59
N ASN C 99 -20.20 24.90 7.38
CA ASN C 99 -19.68 24.61 6.06
C ASN C 99 -18.84 23.35 6.18
N TYR C 100 -18.20 22.96 5.06
CA TYR C 100 -17.31 21.81 5.01
C TYR C 100 -17.94 20.58 5.65
N ASP C 101 -17.42 20.12 6.79
CA ASP C 101 -17.95 18.90 7.41
C ASP C 101 -19.25 19.11 8.15
N CYS C 102 -19.69 20.36 8.28
CA CYS C 102 -20.96 20.69 8.92
C CYS C 102 -21.81 21.49 7.94
N PRO C 103 -22.14 20.93 6.78
CA PRO C 103 -22.86 21.69 5.76
C PRO C 103 -24.31 21.95 6.16
N GLY C 104 -24.92 22.86 5.42
CA GLY C 104 -26.35 22.99 5.49
C GLY C 104 -27.04 21.91 4.69
N PHE C 105 -28.28 21.65 5.08
CA PHE C 105 -29.19 20.81 4.34
C PHE C 105 -30.60 21.19 4.76
N PRO C 106 -31.63 20.76 4.03
CA PRO C 106 -32.97 21.32 4.27
C PRO C 106 -33.48 21.12 5.69
N SER C 107 -33.01 20.11 6.42
CA SER C 107 -33.51 19.86 7.76
C SER C 107 -32.46 20.12 8.85
N VAL C 108 -31.42 20.91 8.55
CA VAL C 108 -30.26 20.95 9.45
C VAL C 108 -30.64 21.42 10.84
N PHE C 109 -31.52 22.43 10.94
CA PHE C 109 -31.90 22.89 12.27
C PHE C 109 -32.81 21.90 12.98
N ASP C 110 -33.85 21.41 12.28
CA ASP C 110 -34.76 20.45 12.89
C ASP C 110 -34.04 19.17 13.28
N TYR C 111 -33.10 18.73 12.44
CA TYR C 111 -32.32 17.53 12.74
C TYR C 111 -31.50 17.72 14.02
N SER C 112 -30.78 18.85 14.11
CA SER C 112 -29.92 19.09 15.26
CA SER C 112 -29.92 19.03 15.28
C SER C 112 -30.73 19.32 16.53
N LEU C 113 -31.84 20.06 16.39
CA LEU C 113 -32.72 20.32 17.53
C LEU C 113 -33.32 19.04 18.05
N ALA C 114 -33.63 18.10 17.15
CA ALA C 114 -34.25 16.85 17.57
C ALA C 114 -33.38 16.12 18.59
N ALA C 115 -32.06 16.03 18.33
CA ALA C 115 -31.19 15.37 19.29
C ALA C 115 -31.28 16.05 20.65
N VAL C 116 -31.34 17.39 20.65
CA VAL C 116 -31.51 18.15 21.89
C VAL C 116 -32.83 17.79 22.57
N GLN C 117 -33.92 17.78 21.80
CA GLN C 117 -35.22 17.41 22.36
C GLN C 117 -35.17 16.03 23.01
N GLY C 118 -34.49 15.08 22.36
CA GLY C 118 -34.42 13.73 22.90
C GLY C 118 -33.59 13.66 24.15
N SER C 119 -32.43 14.33 24.17
CA SER C 119 -31.55 14.20 25.32
C SER C 119 -32.06 14.99 26.51
N LEU C 120 -32.74 16.13 26.26
CA LEU C 120 -33.35 16.85 27.37
C LEU C 120 -34.50 16.04 27.97
N ALA C 121 -35.33 15.42 27.14
CA ALA C 121 -36.38 14.56 27.69
C ALA C 121 -35.78 13.43 28.49
N ALA C 122 -34.68 12.86 27.99
CA ALA C 122 -34.03 11.76 28.71
C ALA C 122 -33.55 12.25 30.08
N ALA C 123 -32.92 13.42 30.13
CA ALA C 123 -32.48 13.97 31.40
C ALA C 123 -33.67 14.17 32.35
N SER C 124 -34.77 14.72 31.86
CA SER C 124 -35.94 14.94 32.71
C SER C 124 -36.50 13.62 33.25
N ALA C 125 -36.46 12.56 32.44
CA ALA C 125 -36.97 11.26 32.90
C ALA C 125 -36.11 10.70 34.03
N LEU C 126 -34.81 11.00 34.04
CA LEU C 126 -33.95 10.59 35.15
C LEU C 126 -34.22 11.44 36.40
N ILE C 127 -34.44 12.74 36.20
CA ILE C 127 -34.56 13.66 37.33
C ILE C 127 -35.79 13.31 38.16
N CYS C 128 -36.91 13.04 37.50
CA CYS C 128 -38.15 12.70 38.20
C CYS C 128 -38.23 11.24 38.58
N ARG C 129 -37.18 10.48 38.31
CA ARG C 129 -37.06 9.06 38.68
C ARG C 129 -38.08 8.19 37.96
N HIS C 130 -38.60 8.66 36.82
CA HIS C 130 -39.42 7.77 36.01
C HIS C 130 -38.60 6.61 35.45
N CYS C 131 -37.33 6.86 35.13
CA CYS C 131 -36.41 5.87 34.59
C CYS C 131 -35.12 5.88 35.40
N GLU C 132 -34.54 4.68 35.59
CA GLU C 132 -33.22 4.60 36.20
C GLU C 132 -32.13 4.86 35.19
N VAL C 133 -32.40 4.50 33.93
CA VAL C 133 -31.48 4.69 32.81
C VAL C 133 -32.33 5.12 31.62
N VAL C 134 -31.81 6.02 30.81
CA VAL C 134 -32.47 6.40 29.56
C VAL C 134 -31.44 6.35 28.45
N ILE C 135 -31.83 5.75 27.33
CA ILE C 135 -31.02 5.63 26.14
C ILE C 135 -31.53 6.59 25.09
N ASN C 136 -30.63 7.35 24.46
CA ASN C 136 -31.00 8.14 23.28
C ASN C 136 -30.00 7.88 22.16
N TRP C 137 -30.34 6.94 21.27
CA TRP C 137 -29.45 6.68 20.15
C TRP C 137 -29.52 7.75 19.05
N GLY C 138 -30.38 8.76 19.21
CA GLY C 138 -30.33 9.91 18.34
C GLY C 138 -29.49 11.06 18.85
N GLY C 139 -28.86 10.92 20.02
CA GLY C 139 -28.06 11.98 20.61
C GLY C 139 -26.60 11.60 20.69
N GLY C 140 -25.83 12.48 21.35
CA GLY C 140 -24.40 12.26 21.60
C GLY C 140 -23.46 13.14 20.81
N TRP C 141 -23.90 14.36 20.45
CA TRP C 141 -23.17 15.18 19.45
C TRP C 141 -22.16 16.08 20.14
N HIS C 142 -21.07 15.44 20.58
CA HIS C 142 -20.17 15.98 21.59
C HIS C 142 -19.25 17.09 21.07
N HIS C 143 -19.15 17.30 19.77
CA HIS C 143 -18.19 18.29 19.28
C HIS C 143 -18.76 19.70 19.18
N ALA C 144 -20.08 19.88 19.22
CA ALA C 144 -20.64 21.20 18.99
C ALA C 144 -20.23 22.16 20.10
N LYS C 145 -19.85 23.37 19.72
CA LYS C 145 -19.39 24.40 20.64
C LYS C 145 -20.44 25.51 20.77
N ARG C 146 -20.21 26.39 21.75
CA ARG C 146 -21.15 27.48 22.02
C ARG C 146 -21.60 28.19 20.74
N SER C 147 -20.67 28.56 19.87
CA SER C 147 -21.01 29.25 18.64
CA SER C 147 -21.02 29.25 18.64
C SER C 147 -20.29 28.65 17.45
N GLU C 148 -20.18 27.33 17.41
CA GLU C 148 -19.46 26.69 16.31
C GLU C 148 -19.95 25.27 16.13
N ALA C 149 -20.31 24.92 14.90
CA ALA C 149 -20.54 23.53 14.54
C ALA C 149 -19.21 22.82 14.33
N SER C 150 -19.14 21.54 14.68
CA SER C 150 -17.89 20.82 14.47
C SER C 150 -18.16 19.33 14.35
N GLY C 151 -17.53 18.70 13.37
CA GLY C 151 -17.63 17.24 13.22
C GLY C 151 -19.04 16.70 13.06
N PHE C 152 -19.81 17.35 12.20
CA PHE C 152 -21.25 17.09 11.97
C PHE C 152 -22.06 17.13 13.26
N CYS C 153 -21.59 17.88 14.25
CA CYS C 153 -22.35 18.20 15.46
C CYS C 153 -22.71 19.68 15.40
N TYR C 154 -24.00 19.96 15.39
CA TYR C 154 -24.50 21.33 15.23
C TYR C 154 -25.04 21.92 16.52
N LEU C 155 -25.71 21.12 17.33
CA LEU C 155 -26.12 21.54 18.66
C LEU C 155 -25.68 20.46 19.64
N ASN C 156 -25.16 20.90 20.78
CA ASN C 156 -24.60 19.95 21.74
C ASN C 156 -25.70 19.50 22.69
N ASP C 157 -26.39 18.43 22.27
CA ASP C 157 -27.43 17.86 23.11
C ASP C 157 -26.88 17.35 24.43
N ILE C 158 -25.63 16.91 24.45
CA ILE C 158 -25.03 16.42 25.68
C ILE C 158 -24.90 17.53 26.69
N VAL C 159 -24.32 18.67 26.27
CA VAL C 159 -24.11 19.77 27.20
C VAL C 159 -25.44 20.23 27.75
N LEU C 160 -26.46 20.32 26.89
CA LEU C 160 -27.76 20.79 27.37
C LEU C 160 -28.37 19.78 28.35
N ALA C 161 -28.21 18.48 28.08
CA ALA C 161 -28.74 17.49 29.00
C ALA C 161 -28.02 17.53 30.34
N ILE C 162 -26.69 17.65 30.31
CA ILE C 162 -25.93 17.72 31.55
C ILE C 162 -26.33 18.95 32.35
N HIS C 163 -26.50 20.08 31.66
CA HIS C 163 -26.90 21.30 32.35
C HIS C 163 -28.23 21.10 33.07
N ARG C 164 -29.16 20.39 32.43
CA ARG C 164 -30.42 20.12 33.09
C ARG C 164 -30.23 19.24 34.31
N LEU C 165 -29.39 18.19 34.19
CA LEU C 165 -29.13 17.32 35.32
C LEU C 165 -28.45 18.08 36.47
N VAL C 166 -27.41 18.85 36.15
CA VAL C 166 -26.62 19.43 37.22
C VAL C 166 -27.37 20.55 37.91
N SER C 167 -28.35 21.15 37.24
CA SER C 167 -29.15 22.21 37.83
CA SER C 167 -29.17 22.21 37.80
C SER C 167 -30.39 21.69 38.56
N SER C 168 -30.60 20.38 38.59
CA SER C 168 -31.75 19.81 39.27
C SER C 168 -31.43 19.59 40.75
N THR C 169 -32.48 19.39 41.53
CA THR C 169 -32.32 19.17 42.96
C THR C 169 -32.80 17.78 43.36
N GLN C 178 -24.19 20.37 45.39
CA GLN C 178 -23.87 19.02 45.82
C GLN C 178 -24.13 18.00 44.70
N THR C 179 -24.97 18.38 43.74
CA THR C 179 -25.22 17.52 42.57
C THR C 179 -24.00 17.55 41.66
N ARG C 180 -23.42 16.38 41.39
CA ARG C 180 -22.31 16.24 40.48
CA ARG C 180 -22.31 16.24 40.48
C ARG C 180 -22.68 15.28 39.36
N VAL C 181 -22.19 15.57 38.16
CA VAL C 181 -22.40 14.71 37.00
C VAL C 181 -21.05 14.20 36.54
N LEU C 182 -20.96 12.89 36.28
CA LEU C 182 -19.79 12.31 35.65
C LEU C 182 -20.13 12.02 34.19
N TYR C 183 -19.39 12.66 33.28
CA TYR C 183 -19.54 12.45 31.86
C TYR C 183 -18.44 11.51 31.37
N VAL C 184 -18.85 10.46 30.65
CA VAL C 184 -17.95 9.43 30.16
C VAL C 184 -18.11 9.35 28.65
N ASP C 185 -17.02 9.59 27.92
CA ASP C 185 -17.09 9.68 26.46
C ASP C 185 -16.27 8.53 25.86
N LEU C 186 -16.97 7.53 25.33
CA LEU C 186 -16.35 6.33 24.79
C LEU C 186 -16.12 6.37 23.28
N ASP C 187 -16.56 7.45 22.63
CA ASP C 187 -16.38 7.65 21.20
C ASP C 187 -14.91 7.56 20.84
N LEU C 188 -14.63 7.17 19.59
CA LEU C 188 -13.24 7.16 19.10
C LEU C 188 -12.58 8.52 19.22
N HIS C 189 -13.38 9.60 19.16
CA HIS C 189 -12.89 10.97 19.10
C HIS C 189 -13.00 11.64 20.46
N HIS C 190 -12.05 12.52 20.75
CA HIS C 190 -12.10 13.32 21.96
C HIS C 190 -13.40 14.10 22.09
N GLY C 191 -14.00 14.02 23.27
CA GLY C 191 -15.21 14.79 23.56
C GLY C 191 -14.93 16.24 23.88
N ASP C 192 -14.43 16.98 22.88
CA ASP C 192 -13.92 18.33 23.12
C ASP C 192 -15.02 19.33 23.47
N GLY C 193 -16.17 19.28 22.80
CA GLY C 193 -17.21 20.28 23.07
C GLY C 193 -17.76 20.18 24.47
N VAL C 194 -17.99 18.95 24.95
CA VAL C 194 -18.48 18.78 26.32
C VAL C 194 -17.41 19.17 27.32
N GLU C 195 -16.16 18.74 27.09
CA GLU C 195 -15.05 19.16 27.94
C GLU C 195 -14.96 20.69 28.04
N GLU C 196 -15.04 21.37 26.90
CA GLU C 196 -14.87 22.82 26.88
C GLU C 196 -16.02 23.51 27.61
N ALA C 197 -17.23 23.00 27.44
CA ALA C 197 -18.38 23.64 28.06
C ALA C 197 -18.27 23.64 29.57
N PHE C 198 -17.63 22.61 30.15
CA PHE C 198 -17.53 22.49 31.60
C PHE C 198 -16.10 22.64 32.11
N TRP C 199 -15.23 23.27 31.30
CA TRP C 199 -13.81 23.40 31.63
C TRP C 199 -13.60 24.07 32.99
N TYR C 200 -14.48 24.98 33.38
CA TYR C 200 -14.38 25.73 34.62
C TYR C 200 -15.33 25.24 35.70
N SER C 201 -15.98 24.09 35.48
CA SER C 201 -17.03 23.63 36.37
CA SER C 201 -17.03 23.63 36.36
C SER C 201 -16.61 22.36 37.09
N PRO C 202 -16.40 22.40 38.41
CA PRO C 202 -16.07 21.17 39.14
C PRO C 202 -17.23 20.20 39.26
N ARG C 203 -18.47 20.67 39.10
CA ARG C 203 -19.62 19.82 39.34
C ARG C 203 -19.91 18.90 38.18
N VAL C 204 -19.27 19.12 37.03
CA VAL C 204 -19.37 18.20 35.90
C VAL C 204 -17.96 17.73 35.60
N VAL C 205 -17.66 16.49 35.97
CA VAL C 205 -16.36 15.90 35.69
C VAL C 205 -16.45 15.18 34.34
N THR C 206 -15.59 15.53 33.40
CA THR C 206 -15.62 14.91 32.09
C THR C 206 -14.46 13.94 31.96
N PHE C 207 -14.72 12.80 31.32
CA PHE C 207 -13.68 11.80 31.08
C PHE C 207 -13.86 11.26 29.68
N SER C 208 -12.90 11.53 28.81
CA SER C 208 -12.92 11.01 27.43
C SER C 208 -11.76 10.05 27.25
N VAL C 209 -12.05 8.86 26.71
CA VAL C 209 -11.06 7.95 26.16
C VAL C 209 -11.23 7.96 24.65
N HIS C 210 -10.12 8.00 23.91
CA HIS C 210 -10.21 8.29 22.48
C HIS C 210 -8.86 8.02 21.86
N HIS C 211 -8.83 7.97 20.55
CA HIS C 211 -7.57 8.03 19.84
C HIS C 211 -7.12 9.47 19.69
N ALA C 212 -5.82 9.69 19.83
CA ALA C 212 -5.21 10.97 19.47
C ALA C 212 -3.90 10.68 18.77
N SER C 213 -3.65 11.43 17.69
CA SER C 213 -2.41 11.35 16.93
C SER C 213 -2.34 12.58 16.05
N PRO C 214 -1.16 12.91 15.52
CA PRO C 214 -1.02 14.16 14.75
C PRO C 214 -1.96 14.23 13.55
N GLY C 215 -2.71 15.32 13.46
CA GLY C 215 -3.65 15.48 12.37
C GLY C 215 -4.98 14.79 12.55
N PHE C 216 -5.15 14.00 13.60
CA PHE C 216 -6.39 13.28 13.80
C PHE C 216 -7.40 14.16 14.52
N PHE C 217 -8.63 14.17 14.02
CA PHE C 217 -9.70 15.04 14.54
C PHE C 217 -10.07 14.69 15.98
N PRO C 218 -10.32 15.69 16.83
CA PRO C 218 -10.27 17.14 16.65
C PRO C 218 -8.95 17.73 17.09
N GLY C 219 -8.05 16.89 17.59
CA GLY C 219 -6.69 17.27 17.90
C GLY C 219 -6.39 17.44 19.37
N THR C 220 -7.41 17.53 20.21
CA THR C 220 -7.31 17.78 21.62
C THR C 220 -7.41 16.48 22.41
N GLY C 221 -7.42 16.59 23.73
CA GLY C 221 -7.48 15.43 24.59
C GLY C 221 -6.16 14.72 24.77
N THR C 222 -5.05 15.43 24.62
CA THR C 222 -3.75 14.77 24.70
C THR C 222 -2.72 15.80 25.14
N TRP C 223 -1.46 15.40 25.12
CA TRP C 223 -0.39 16.26 25.64
C TRP C 223 -0.36 17.59 24.91
N ASN C 224 -0.03 18.64 25.68
CA ASN C 224 -0.05 20.02 25.22
C ASN C 224 1.32 20.46 24.70
N LEU C 231 8.94 19.94 29.08
CA LEU C 231 8.13 18.75 28.87
C LEU C 231 6.67 19.12 28.62
N PRO C 232 5.98 18.36 27.78
CA PRO C 232 4.55 18.57 27.58
C PRO C 232 3.75 18.12 28.79
N ILE C 233 2.55 18.69 28.93
CA ILE C 233 1.67 18.38 30.04
C ILE C 233 0.23 18.26 29.54
N PHE C 234 -0.61 17.67 30.38
CA PHE C 234 -2.04 17.58 30.13
C PHE C 234 -2.74 18.75 30.79
N LEU C 235 -3.44 19.55 30.00
CA LEU C 235 -4.39 20.48 30.59
C LEU C 235 -5.58 19.67 31.12
N ASN C 236 -6.18 20.15 32.21
CA ASN C 236 -7.20 19.32 32.87
C ASN C 236 -8.32 20.14 33.49
N GLY C 237 -8.59 21.33 32.95
CA GLY C 237 -9.55 22.25 33.52
C GLY C 237 -8.85 23.49 34.04
N ALA C 238 -9.65 24.52 34.29
CA ALA C 238 -9.08 25.77 34.77
C ALA C 238 -9.97 26.39 35.83
N GLY C 239 -9.38 27.28 36.63
CA GLY C 239 -10.15 28.00 37.61
C GLY C 239 -10.73 27.03 38.62
N ARG C 240 -12.03 27.20 38.91
CA ARG C 240 -12.68 26.29 39.84
C ARG C 240 -12.77 24.89 39.28
N GLY C 241 -12.62 24.73 37.96
CA GLY C 241 -12.63 23.44 37.31
C GLY C 241 -11.28 22.78 37.16
N ARG C 242 -10.23 23.28 37.77
CA ARG C 242 -8.94 22.60 37.64
C ARG C 242 -9.07 21.16 38.12
N PHE C 243 -8.41 20.24 37.38
CA PHE C 243 -8.38 18.80 37.62
C PHE C 243 -9.70 18.10 37.30
N SER C 244 -10.69 18.79 36.76
CA SER C 244 -12.00 18.19 36.55
C SER C 244 -12.23 17.69 35.12
N ALA C 245 -11.24 17.80 34.25
CA ALA C 245 -11.35 17.32 32.87
C ALA C 245 -10.30 16.23 32.66
N PHE C 246 -10.76 15.00 32.48
CA PHE C 246 -9.88 13.83 32.38
C PHE C 246 -9.82 13.33 30.94
N ASN C 247 -8.64 12.84 30.54
CA ASN C 247 -8.44 12.36 29.19
C ASN C 247 -7.49 11.18 29.18
N LEU C 248 -7.84 10.17 28.39
CA LEU C 248 -6.95 9.03 28.17
C LEU C 248 -6.82 8.84 26.67
N PRO C 249 -5.77 9.40 26.06
CA PRO C 249 -5.55 9.16 24.63
C PRO C 249 -4.85 7.83 24.42
N LEU C 250 -5.30 7.10 23.41
CA LEU C 250 -4.76 5.76 23.18
C LEU C 250 -4.25 5.63 21.75
N GLU C 251 -3.18 4.87 21.58
CA GLU C 251 -2.67 4.56 20.26
C GLU C 251 -3.64 3.64 19.50
N GLU C 252 -3.51 3.67 18.18
CA GLU C 252 -4.38 2.86 17.35
C GLU C 252 -4.12 1.37 17.56
N GLY C 253 -5.17 0.58 17.36
CA GLY C 253 -5.07 -0.87 17.37
C GLY C 253 -5.61 -1.56 18.60
N ILE C 254 -6.06 -0.82 19.62
CA ILE C 254 -6.36 -1.43 20.91
C ILE C 254 -7.58 -2.35 20.79
N ASN C 255 -7.52 -3.49 21.49
CA ASN C 255 -8.58 -4.48 21.42
C ASN C 255 -9.54 -4.35 22.63
N ASP C 256 -10.53 -5.26 22.68
CA ASP C 256 -11.55 -5.21 23.73
C ASP C 256 -10.92 -5.30 25.11
N LEU C 257 -10.08 -6.32 25.32
CA LEU C 257 -9.55 -6.56 26.66
C LEU C 257 -8.67 -5.40 27.13
N ASP C 258 -7.80 -4.90 26.25
CA ASP C 258 -6.87 -3.86 26.70
C ASP C 258 -7.59 -2.54 26.90
N TRP C 259 -8.59 -2.23 26.07
CA TRP C 259 -9.39 -1.04 26.28
C TRP C 259 -10.19 -1.15 27.58
N SER C 260 -10.71 -2.35 27.86
CA SER C 260 -11.45 -2.60 29.10
C SER C 260 -10.56 -2.41 30.32
N ASN C 261 -9.38 -3.01 30.30
CA ASN C 261 -8.46 -2.88 31.43
C ASN C 261 -7.90 -1.47 31.53
N ALA C 262 -7.86 -0.73 30.42
CA ALA C 262 -7.44 0.67 30.46
C ALA C 262 -8.47 1.51 31.22
N ILE C 263 -9.74 1.43 30.83
CA ILE C 263 -10.68 2.39 31.42
C ILE C 263 -11.42 1.87 32.64
N GLY C 264 -11.47 0.56 32.87
CA GLY C 264 -12.19 0.00 33.98
C GLY C 264 -11.83 0.56 35.35
N PRO C 265 -10.57 0.47 35.74
CA PRO C 265 -10.17 1.01 37.05
C PRO C 265 -10.31 2.52 37.14
N ILE C 266 -10.13 3.23 36.03
CA ILE C 266 -10.32 4.67 36.06
C ILE C 266 -11.78 5.01 36.32
N LEU C 267 -12.69 4.35 35.58
CA LEU C 267 -14.13 4.54 35.80
C LEU C 267 -14.52 4.28 37.25
N ASP C 268 -14.09 3.14 37.79
CA ASP C 268 -14.45 2.80 39.17
C ASP C 268 -13.89 3.82 40.15
N SER C 269 -12.67 4.31 39.90
CA SER C 269 -12.08 5.30 40.78
C SER C 269 -12.81 6.63 40.69
N LEU C 270 -13.17 7.04 39.48
CA LEU C 270 -13.95 8.27 39.32
C LEU C 270 -15.27 8.17 40.09
N ASN C 271 -15.93 7.01 40.03
CA ASN C 271 -17.18 6.86 40.76
C ASN C 271 -16.96 6.93 42.27
N ILE C 272 -15.92 6.25 42.77
CA ILE C 272 -15.62 6.26 44.21
C ILE C 272 -15.39 7.68 44.71
N VAL C 273 -14.56 8.45 44.00
CA VAL C 273 -14.14 9.75 44.52
C VAL C 273 -15.18 10.81 44.24
N ILE C 274 -15.77 10.80 43.04
CA ILE C 274 -16.69 11.88 42.68
C ILE C 274 -18.09 11.64 43.26
N GLN C 275 -18.48 10.40 43.46
CA GLN C 275 -19.81 10.06 43.95
C GLN C 275 -20.88 10.78 43.13
N PRO C 276 -20.90 10.61 41.81
CA PRO C 276 -21.81 11.38 40.97
C PRO C 276 -23.27 11.07 41.26
N SER C 277 -24.12 12.08 41.09
CA SER C 277 -25.56 11.91 41.20
C SER C 277 -26.15 11.41 39.88
N TYR C 278 -25.47 11.68 38.78
CA TYR C 278 -25.86 11.20 37.45
C TYR C 278 -24.60 10.88 36.67
N VAL C 279 -24.70 9.87 35.81
CA VAL C 279 -23.64 9.53 34.86
C VAL C 279 -24.21 9.73 33.47
N VAL C 280 -23.47 10.41 32.60
CA VAL C 280 -23.86 10.56 31.21
C VAL C 280 -22.78 9.90 30.35
N VAL C 281 -23.16 8.93 29.52
CA VAL C 281 -22.20 8.14 28.77
C VAL C 281 -22.45 8.38 27.29
N GLN C 282 -21.42 8.84 26.57
CA GLN C 282 -21.49 8.92 25.12
C GLN C 282 -20.91 7.61 24.59
N CYS C 283 -21.67 6.87 23.78
CA CYS C 283 -21.29 5.53 23.37
CA CYS C 283 -21.31 5.52 23.37
C CYS C 283 -21.09 5.43 21.86
N GLY C 284 -20.43 6.43 21.30
CA GLY C 284 -20.09 6.43 19.89
C GLY C 284 -19.45 5.13 19.48
N ALA C 285 -19.93 4.54 18.38
CA ALA C 285 -19.60 3.19 17.99
C ALA C 285 -18.42 3.13 17.06
N ASP C 286 -17.68 4.23 16.90
CA ASP C 286 -16.61 4.24 15.91
C ASP C 286 -15.30 3.63 16.42
N CYS C 287 -15.27 3.07 17.63
CA CYS C 287 -14.13 2.25 18.04
C CYS C 287 -14.24 0.81 17.58
N LEU C 288 -15.37 0.42 17.00
CA LEU C 288 -15.49 -0.93 16.46
C LEU C 288 -14.42 -1.19 15.41
N ALA C 289 -13.92 -2.44 15.40
CA ALA C 289 -12.90 -2.83 14.46
C ALA C 289 -13.36 -2.65 13.02
N THR C 290 -14.66 -2.68 12.79
CA THR C 290 -15.23 -2.60 11.46
C THR C 290 -15.71 -1.20 11.11
N ASP C 291 -15.46 -0.22 11.97
CA ASP C 291 -15.78 1.14 11.59
C ASP C 291 -14.83 1.57 10.48
N PRO C 292 -15.29 2.36 9.50
CA PRO C 292 -14.38 2.74 8.41
C PRO C 292 -13.21 3.61 8.85
N HIS C 293 -13.25 4.22 10.05
CA HIS C 293 -12.04 4.85 10.56
C HIS C 293 -10.91 3.84 10.72
N ARG C 294 -11.24 2.61 11.12
CA ARG C 294 -10.28 1.52 11.22
C ARG C 294 -9.12 1.91 12.14
N ILE C 295 -9.45 2.34 13.35
CA ILE C 295 -8.43 2.77 14.32
C ILE C 295 -8.36 1.83 15.53
N PHE C 296 -9.45 1.65 16.25
CA PHE C 296 -9.47 0.68 17.35
C PHE C 296 -10.08 -0.63 16.84
N ARG C 297 -9.98 -1.67 17.68
CA ARG C 297 -10.40 -3.01 17.31
C ARG C 297 -11.41 -3.58 18.30
N LEU C 298 -12.33 -2.73 18.76
CA LEU C 298 -13.38 -3.20 19.67
C LEU C 298 -14.40 -4.02 18.89
N THR C 299 -15.15 -4.85 19.62
CA THR C 299 -16.22 -5.64 19.04
C THR C 299 -17.52 -5.37 19.80
N ASN C 300 -18.58 -6.11 19.41
CA ASN C 300 -19.82 -6.16 20.16
C ASN C 300 -20.05 -7.55 20.77
N PHE C 301 -18.98 -8.35 20.89
CA PHE C 301 -19.12 -9.73 21.32
C PHE C 301 -19.56 -9.82 22.79
N TYR C 302 -20.39 -10.82 23.08
CA TYR C 302 -20.90 -11.04 24.44
C TYR C 302 -20.85 -12.53 24.69
N PRO C 303 -19.68 -13.06 25.08
CA PRO C 303 -19.46 -14.51 25.27
C PRO C 303 -20.36 -15.13 26.32
N CYS C 315 -12.74 -15.50 23.90
CA CYS C 315 -13.09 -14.15 23.47
C CYS C 315 -13.39 -13.26 24.68
N SER C 316 -12.89 -12.03 24.62
CA SER C 316 -13.18 -11.07 25.66
C SER C 316 -14.55 -10.44 25.43
N LEU C 317 -15.17 -10.01 26.52
CA LEU C 317 -16.32 -9.14 26.41
C LEU C 317 -15.95 -7.91 25.60
N SER C 318 -16.85 -7.53 24.67
CA SER C 318 -16.82 -6.20 24.06
C SER C 318 -16.41 -5.15 25.07
N GLY C 319 -15.41 -4.32 24.70
CA GLY C 319 -15.04 -3.24 25.57
C GLY C 319 -16.20 -2.33 25.91
N TYR C 320 -17.04 -2.04 24.91
CA TYR C 320 -18.23 -1.24 25.14
C TYR C 320 -19.15 -1.87 26.18
N LEU C 321 -19.44 -3.17 26.03
CA LEU C 321 -20.35 -3.82 26.97
C LEU C 321 -19.71 -3.92 28.36
N TYR C 322 -18.41 -4.18 28.40
CA TYR C 322 -17.69 -4.14 29.67
C TYR C 322 -17.89 -2.81 30.38
N ALA C 323 -17.68 -1.71 29.65
CA ALA C 323 -17.77 -0.39 30.25
C ALA C 323 -19.20 -0.08 30.69
N ILE C 324 -20.19 -0.39 29.85
CA ILE C 324 -21.58 -0.09 30.22
C ILE C 324 -22.00 -0.91 31.42
N LYS C 325 -21.65 -2.21 31.45
CA LYS C 325 -22.00 -3.03 32.61
C LYS C 325 -21.38 -2.48 33.88
N LYS C 326 -20.12 -2.05 33.81
CA LYS C 326 -19.45 -1.49 34.98
C LYS C 326 -20.14 -0.21 35.44
N ILE C 327 -20.44 0.69 34.52
CA ILE C 327 -21.12 1.94 34.89
C ILE C 327 -22.46 1.64 35.53
N LEU C 328 -23.23 0.70 34.95
CA LEU C 328 -24.56 0.40 35.47
C LEU C 328 -24.50 -0.25 36.85
N SER C 329 -23.39 -0.95 37.16
CA SER C 329 -23.24 -1.60 38.46
C SER C 329 -23.19 -0.60 39.60
N TRP C 330 -22.88 0.67 39.30
CA TRP C 330 -22.83 1.72 40.31
C TRP C 330 -24.20 2.10 40.84
N LYS C 331 -25.27 1.75 40.14
CA LYS C 331 -26.65 2.09 40.53
C LYS C 331 -26.82 3.60 40.68
N VAL C 332 -26.27 4.34 39.72
CA VAL C 332 -26.44 5.79 39.61
C VAL C 332 -27.33 6.05 38.41
N PRO C 333 -28.33 6.95 38.49
CA PRO C 333 -29.13 7.27 37.31
C PRO C 333 -28.22 7.66 36.14
N THR C 334 -28.47 7.05 34.97
CA THR C 334 -27.52 7.10 33.87
C THR C 334 -28.20 7.40 32.54
N LEU C 335 -27.60 8.31 31.78
CA LEU C 335 -28.01 8.60 30.43
CA LEU C 335 -28.00 8.62 30.42
C LEU C 335 -27.01 7.96 29.48
N ILE C 336 -27.51 7.17 28.53
CA ILE C 336 -26.65 6.53 27.53
C ILE C 336 -26.98 7.16 26.19
N LEU C 337 -25.99 7.78 25.57
CA LEU C 337 -26.18 8.41 24.26
C LEU C 337 -25.37 7.70 23.19
N GLY C 338 -25.74 8.00 21.94
CA GLY C 338 -25.01 7.54 20.78
C GLY C 338 -23.85 8.46 20.43
N GLY C 339 -23.65 8.68 19.15
CA GLY C 339 -22.55 9.51 18.70
C GLY C 339 -22.05 9.03 17.35
N GLY C 340 -20.72 8.96 17.21
CA GLY C 340 -20.12 8.44 16.00
C GLY C 340 -20.47 6.99 15.78
N GLY C 341 -20.10 6.51 14.60
CA GLY C 341 -20.38 5.14 14.21
C GLY C 341 -20.82 5.13 12.77
N TYR C 342 -19.90 4.75 11.86
CA TYR C 342 -20.09 5.02 10.45
C TYR C 342 -20.27 3.74 9.64
N ASN C 343 -20.19 2.58 10.28
CA ASN C 343 -20.67 1.32 9.75
C ASN C 343 -22.06 1.16 10.35
N PHE C 344 -23.10 1.51 9.59
CA PHE C 344 -24.43 1.60 10.20
C PHE C 344 -24.91 0.24 10.70
N PRO C 345 -24.80 -0.84 9.93
CA PRO C 345 -25.28 -2.13 10.47
C PRO C 345 -24.51 -2.55 11.72
N ASP C 346 -23.19 -2.35 11.75
CA ASP C 346 -22.44 -2.78 12.93
C ASP C 346 -22.71 -1.86 14.11
N THR C 347 -23.01 -0.57 13.85
CA THR C 347 -23.43 0.30 14.93
C THR C 347 -24.75 -0.17 15.52
N ALA C 348 -25.68 -0.58 14.65
CA ALA C 348 -26.94 -1.14 15.14
C ALA C 348 -26.70 -2.44 15.91
N ARG C 349 -25.80 -3.29 15.42
CA ARG C 349 -25.46 -4.51 16.16
C ARG C 349 -24.93 -4.19 17.55
N LEU C 350 -24.04 -3.18 17.65
CA LEU C 350 -23.47 -2.86 18.97
C LEU C 350 -24.53 -2.26 19.88
N TRP C 351 -25.27 -1.28 19.38
CA TRP C 351 -26.19 -0.56 20.25
C TRP C 351 -27.38 -1.43 20.64
N THR C 352 -27.74 -2.40 19.80
CA THR C 352 -28.75 -3.37 20.22
C THR C 352 -28.24 -4.19 21.40
N ARG C 353 -26.97 -4.62 21.36
CA ARG C 353 -26.45 -5.37 22.49
C ARG C 353 -26.31 -4.49 23.72
N VAL C 354 -25.95 -3.21 23.55
CA VAL C 354 -25.91 -2.30 24.70
C VAL C 354 -27.30 -2.18 25.31
N THR C 355 -28.32 -2.04 24.47
CA THR C 355 -29.68 -1.91 24.97
C THR C 355 -30.12 -3.16 25.73
N ALA C 356 -29.86 -4.34 25.16
CA ALA C 356 -30.25 -5.57 25.83
C ALA C 356 -29.52 -5.73 27.15
N LEU C 357 -28.22 -5.41 27.17
CA LEU C 357 -27.46 -5.51 28.41
C LEU C 357 -27.99 -4.55 29.46
N THR C 358 -28.39 -3.35 29.04
CA THR C 358 -28.93 -2.38 29.99
C THR C 358 -30.20 -2.89 30.63
N ILE C 359 -31.10 -3.50 29.82
CA ILE C 359 -32.28 -4.15 30.37
C ILE C 359 -31.88 -5.22 31.39
N GLU C 360 -30.91 -6.08 31.02
CA GLU C 360 -30.49 -7.16 31.92
C GLU C 360 -29.96 -6.62 33.23
N GLU C 361 -29.08 -5.62 33.16
CA GLU C 361 -28.42 -5.13 34.36
C GLU C 361 -29.40 -4.38 35.26
N VAL C 362 -30.27 -3.57 34.65
CA VAL C 362 -31.18 -2.75 35.44
C VAL C 362 -32.38 -3.56 35.93
N LYS C 363 -32.99 -4.35 35.04
CA LYS C 363 -34.17 -5.11 35.40
C LYS C 363 -33.87 -6.48 35.99
N GLY C 364 -32.60 -6.90 36.01
CA GLY C 364 -32.28 -8.26 36.46
C GLY C 364 -32.94 -9.34 35.63
N LYS C 365 -33.17 -9.07 34.34
CA LYS C 365 -34.07 -9.86 33.52
C LYS C 365 -33.33 -10.29 32.25
N LYS C 366 -33.16 -11.60 32.09
CA LYS C 366 -32.30 -12.13 31.03
C LYS C 366 -32.84 -11.75 29.65
N MET C 367 -31.97 -11.21 28.81
CA MET C 367 -32.29 -10.81 27.44
C MET C 367 -31.43 -11.63 26.50
N THR C 368 -31.87 -12.84 26.20
CA THR C 368 -31.12 -13.71 25.29
C THR C 368 -31.41 -13.28 23.87
N ILE C 369 -30.34 -12.96 23.15
CA ILE C 369 -30.42 -12.44 21.79
CA ILE C 369 -30.42 -12.43 21.79
C ILE C 369 -29.95 -13.52 20.84
N SER C 370 -30.81 -13.89 19.89
CA SER C 370 -30.42 -14.90 18.93
C SER C 370 -29.21 -14.44 18.13
N PRO C 371 -28.25 -15.33 17.83
CA PRO C 371 -27.13 -14.93 16.96
C PRO C 371 -27.55 -14.59 15.54
N GLU C 372 -28.68 -15.10 15.06
CA GLU C 372 -29.17 -14.76 13.73
C GLU C 372 -30.02 -13.50 13.82
N ILE C 373 -29.76 -12.56 12.93
CA ILE C 373 -30.58 -11.33 12.84
C ILE C 373 -32.04 -11.71 12.59
N PRO C 374 -33.00 -11.14 13.30
CA PRO C 374 -34.41 -11.49 13.06
C PRO C 374 -34.92 -10.87 11.77
N GLU C 375 -35.98 -11.47 11.25
CA GLU C 375 -36.71 -10.90 10.13
C GLU C 375 -37.16 -9.48 10.47
N HIS C 376 -36.89 -8.54 9.57
CA HIS C 376 -37.42 -7.19 9.64
C HIS C 376 -36.98 -6.49 8.35
N SER C 377 -37.53 -5.30 8.11
CA SER C 377 -37.38 -4.74 6.76
C SER C 377 -35.97 -4.23 6.47
N TYR C 378 -35.07 -4.18 7.45
CA TYR C 378 -33.67 -3.90 7.18
C TYR C 378 -32.80 -5.16 7.27
N PHE C 379 -33.40 -6.35 7.26
CA PHE C 379 -32.64 -7.59 7.35
C PHE C 379 -31.50 -7.63 6.31
N SER C 380 -31.78 -7.21 5.08
CA SER C 380 -30.79 -7.29 4.00
C SER C 380 -29.56 -6.43 4.24
N ARG C 381 -29.63 -5.50 5.18
CA ARG C 381 -28.46 -4.67 5.49
C ARG C 381 -27.43 -5.41 6.32
N TYR C 382 -27.73 -6.62 6.78
CA TYR C 382 -26.85 -7.33 7.71
C TYR C 382 -26.10 -8.46 7.02
N GLY C 383 -25.98 -8.43 5.71
CA GLY C 383 -25.25 -9.45 4.98
C GLY C 383 -23.75 -9.27 5.11
N PRO C 384 -22.97 -10.27 4.65
CA PRO C 384 -23.44 -11.51 4.01
C PRO C 384 -23.80 -12.62 4.98
N ASP C 385 -23.56 -12.39 6.27
CA ASP C 385 -23.69 -13.39 7.33
C ASP C 385 -25.03 -13.35 8.04
N PHE C 386 -25.65 -12.17 8.14
CA PHE C 386 -26.90 -11.96 8.86
C PHE C 386 -26.82 -12.46 10.30
N GLU C 387 -25.66 -12.23 10.93
CA GLU C 387 -25.44 -12.57 12.33
C GLU C 387 -25.26 -11.30 13.16
N LEU C 388 -25.50 -11.45 14.45
CA LEU C 388 -25.41 -10.28 15.34
C LEU C 388 -23.97 -9.91 15.67
N ASP C 389 -23.08 -10.89 15.85
CA ASP C 389 -21.67 -10.57 16.03
C ASP C 389 -21.16 -9.81 14.81
N ILE C 390 -20.38 -8.76 15.03
CA ILE C 390 -19.74 -8.13 13.88
C ILE C 390 -18.77 -9.10 13.21
N ASP C 391 -18.52 -8.87 11.92
CA ASP C 391 -17.73 -9.78 11.11
C ASP C 391 -16.25 -9.40 11.24
N TYR C 392 -15.67 -9.84 12.35
CA TYR C 392 -14.29 -9.48 12.68
C TYR C 392 -13.71 -10.62 13.51
N PHE C 393 -12.42 -10.87 13.31
CA PHE C 393 -11.73 -11.96 14.00
C PHE C 393 -10.57 -11.40 14.79
N PRO C 394 -10.75 -11.16 16.09
CA PRO C 394 -9.67 -10.61 16.91
C PRO C 394 -8.45 -11.50 16.89
N HIS C 395 -7.29 -10.88 16.84
CA HIS C 395 -6.03 -11.59 16.70
C HIS C 395 -4.92 -10.79 17.37
N LEU C 402 5.29 -3.12 25.89
CA LEU C 402 5.66 -1.72 25.77
C LEU C 402 4.46 -0.80 25.50
N ASP C 403 3.32 -1.40 25.13
CA ASP C 403 2.12 -0.66 24.79
C ASP C 403 1.25 -0.33 26.01
N SER C 404 1.76 -0.56 27.22
CA SER C 404 0.96 -0.33 28.41
C SER C 404 0.79 1.17 28.67
N ILE C 405 -0.10 1.48 29.60
CA ILE C 405 -0.43 2.88 29.91
C ILE C 405 -0.41 3.09 31.41
N GLN C 406 0.48 2.40 32.13
CA GLN C 406 0.46 2.54 33.58
C GLN C 406 0.82 3.97 34.03
N LYS C 407 1.67 4.68 33.28
CA LYS C 407 1.93 6.06 33.65
C LYS C 407 0.70 6.94 33.45
N HIS C 408 -0.17 6.58 32.51
CA HIS C 408 -1.45 7.29 32.39
C HIS C 408 -2.34 7.03 33.60
N HIS C 409 -2.45 5.77 34.04
CA HIS C 409 -3.16 5.48 35.28
C HIS C 409 -2.63 6.32 36.43
N ARG C 410 -1.31 6.35 36.58
CA ARG C 410 -0.72 7.12 37.67
C ARG C 410 -1.04 8.61 37.53
N ARG C 411 -0.94 9.16 36.32
CA ARG C 411 -1.23 10.56 36.10
C ARG C 411 -2.68 10.88 36.40
N ILE C 412 -3.59 10.03 35.93
CA ILE C 412 -5.02 10.29 36.11
C ILE C 412 -5.38 10.17 37.59
N LEU C 413 -4.79 9.21 38.31
CA LEU C 413 -5.11 9.09 39.73
C LEU C 413 -4.56 10.25 40.53
N GLU C 414 -3.36 10.74 40.18
CA GLU C 414 -2.86 11.97 40.80
C GLU C 414 -3.83 13.12 40.55
N GLN C 415 -4.29 13.27 39.30
CA GLN C 415 -5.26 14.32 39.00
C GLN C 415 -6.54 14.15 39.81
N LEU C 416 -7.01 12.90 39.97
CA LEU C 416 -8.21 12.65 40.77
C LEU C 416 -7.98 13.02 42.23
N ARG C 417 -6.78 12.73 42.75
CA ARG C 417 -6.42 13.17 44.10
C ARG C 417 -6.46 14.70 44.19
N ASN C 418 -5.90 15.38 43.19
CA ASN C 418 -5.88 16.84 43.18
C ASN C 418 -7.28 17.42 43.09
N TYR C 419 -8.14 16.78 42.29
CA TYR C 419 -9.54 17.20 42.21
C TYR C 419 -10.23 17.08 43.56
N ALA C 420 -10.03 15.95 44.23
CA ALA C 420 -10.66 15.74 45.54
C ALA C 420 -10.17 16.77 46.56
N ASP C 421 -8.85 17.04 46.59
CA ASP C 421 -8.32 18.00 47.55
CA ASP C 421 -8.32 18.00 47.55
C ASP C 421 -8.84 19.40 47.26
N LEU C 422 -8.83 19.81 45.99
CA LEU C 422 -9.32 21.14 45.63
C LEU C 422 -10.78 21.32 46.01
N ASN C 423 -11.59 20.29 45.84
CA ASN C 423 -13.03 20.40 46.05
C ASN C 423 -13.47 19.90 47.42
N LYS C 424 -12.52 19.59 48.30
CA LYS C 424 -12.79 19.18 49.68
C LYS C 424 -13.67 17.93 49.73
N LEU C 425 -13.37 16.96 48.86
CA LEU C 425 -14.06 15.68 48.86
C LEU C 425 -13.23 14.63 49.59
N ILE C 426 -13.92 13.69 50.23
CA ILE C 426 -13.23 12.56 50.82
C ILE C 426 -12.51 11.78 49.73
N TYR C 427 -11.23 11.49 49.96
CA TYR C 427 -10.45 10.68 49.05
C TYR C 427 -10.14 9.37 49.75
N ASP C 428 -10.88 8.32 49.37
CA ASP C 428 -10.79 7.03 50.05
C ASP C 428 -9.65 6.23 49.45
N TYR C 429 -8.44 6.46 49.97
CA TYR C 429 -7.26 5.81 49.43
C TYR C 429 -7.37 4.28 49.51
N ASP C 430 -7.85 3.76 50.63
CA ASP C 430 -7.91 2.32 50.79
C ASP C 430 -8.80 1.68 49.72
N GLN C 431 -9.91 2.34 49.37
CA GLN C 431 -10.79 1.78 48.36
C GLN C 431 -10.16 1.87 46.98
N VAL C 432 -9.59 3.02 46.62
CA VAL C 432 -8.94 3.15 45.32
C VAL C 432 -7.75 2.20 45.23
N TYR C 433 -6.97 2.10 46.31
CA TYR C 433 -5.84 1.18 46.30
C TYR C 433 -6.28 -0.25 46.08
N GLN C 434 -7.28 -0.70 46.87
CA GLN C 434 -7.76 -2.08 46.75
C GLN C 434 -8.28 -2.36 45.36
N LEU C 435 -8.88 -1.35 44.73
CA LEU C 435 -9.37 -1.47 43.36
C LEU C 435 -8.24 -1.77 42.39
N TYR C 436 -7.16 -0.96 42.45
CA TYR C 436 -6.02 -1.16 41.56
C TYR C 436 -5.19 -2.36 41.96
N ASN C 437 -5.23 -2.73 43.25
CA ASN C 437 -4.50 -3.89 43.73
C ASN C 437 -5.05 -5.19 43.15
N LEU C 438 -6.29 -5.19 42.68
CA LEU C 438 -6.85 -6.38 42.04
C LEU C 438 -6.05 -6.82 40.83
N THR C 439 -5.29 -5.92 40.21
CA THR C 439 -4.42 -6.25 39.09
C THR C 439 -2.95 -5.95 39.40
N GLY C 440 -2.59 -5.93 40.68
CA GLY C 440 -1.21 -5.69 41.07
C GLY C 440 -0.71 -4.31 40.78
N MET C 441 -1.59 -3.32 40.64
CA MET C 441 -1.20 -1.96 40.32
C MET C 441 -1.51 -0.97 41.44
N GLY C 442 -1.66 -1.46 42.67
CA GLY C 442 -1.94 -0.56 43.77
C GLY C 442 -0.88 0.49 44.00
N SER C 443 0.36 0.21 43.56
CA SER C 443 1.45 1.16 43.71
C SER C 443 1.23 2.44 42.92
N LEU C 444 0.33 2.43 41.94
CA LEU C 444 0.07 3.62 41.14
C LEU C 444 -0.84 4.61 41.85
N VAL C 445 -1.49 4.18 42.92
CA VAL C 445 -2.48 5.00 43.64
C VAL C 445 -1.78 5.94 44.61
N PRO C 446 -1.99 7.26 44.49
CA PRO C 446 -1.37 8.18 45.44
C PRO C 446 -2.20 8.27 46.73
N ARG C 447 -1.51 8.54 47.83
CA ARG C 447 -2.21 8.76 49.10
C ARG C 447 -2.81 10.16 49.14
N SER D 3 -15.33 35.15 -2.75
CA SER D 3 -14.98 35.02 -1.34
C SER D 3 -13.47 34.92 -1.17
N VAL D 4 -12.92 35.66 -0.21
CA VAL D 4 -11.52 35.52 0.18
C VAL D 4 -11.46 34.72 1.48
N GLY D 5 -10.79 33.57 1.43
CA GLY D 5 -10.63 32.75 2.61
C GLY D 5 -9.32 32.99 3.33
N ILE D 6 -9.28 32.67 4.62
CA ILE D 6 -8.04 32.72 5.39
C ILE D 6 -8.04 31.56 6.38
N VAL D 7 -6.89 30.92 6.50
CA VAL D 7 -6.74 29.76 7.38
C VAL D 7 -6.44 30.22 8.79
N TYR D 8 -7.31 29.88 9.73
CA TYR D 8 -6.98 30.02 11.14
C TYR D 8 -7.89 29.11 11.96
N GLY D 9 -7.65 29.13 13.26
CA GLY D 9 -8.29 28.27 14.23
C GLY D 9 -7.47 28.25 15.49
N ASP D 10 -8.13 27.91 16.61
CA ASP D 10 -7.46 28.05 17.90
C ASP D 10 -6.27 27.11 18.01
N GLN D 11 -6.45 25.82 17.76
CA GLN D 11 -5.32 24.91 17.86
C GLN D 11 -4.29 25.19 16.77
N TYR D 12 -4.76 25.55 15.57
CA TYR D 12 -3.84 25.92 14.49
C TYR D 12 -2.92 27.04 14.93
N ARG D 13 -3.49 28.07 15.56
CA ARG D 13 -2.68 29.18 16.06
C ARG D 13 -1.65 28.71 17.09
N GLN D 14 -2.07 27.86 18.03
CA GLN D 14 -1.13 27.40 19.04
C GLN D 14 0.03 26.64 18.42
N LEU D 15 -0.26 25.74 17.48
CA LEU D 15 0.80 24.99 16.83
C LEU D 15 1.68 25.88 15.96
N CYS D 16 1.08 26.83 15.21
CA CYS D 16 1.89 27.74 14.39
C CYS D 16 2.77 28.65 15.23
N CYS D 17 2.46 28.81 16.52
CA CYS D 17 3.27 29.62 17.43
C CYS D 17 4.17 28.78 18.32
N SER D 18 4.31 27.49 18.05
CA SER D 18 5.04 26.61 18.95
C SER D 18 6.50 26.39 18.55
N SER D 19 7.00 27.09 17.47
CA SER D 19 8.37 26.79 17.07
C SER D 19 9.35 27.79 17.69
N PRO D 20 10.59 27.33 17.91
CA PRO D 20 11.59 28.25 18.45
C PRO D 20 11.95 29.37 17.49
N LYS D 21 12.00 29.10 16.18
CA LYS D 21 12.45 30.14 15.25
C LYS D 21 11.39 31.21 15.04
N PHE D 22 10.14 30.81 14.83
CA PHE D 22 9.12 31.80 14.48
C PHE D 22 8.27 32.25 15.65
N GLY D 23 8.42 31.63 16.82
CA GLY D 23 7.82 32.17 18.03
C GLY D 23 6.37 32.50 17.84
N ASP D 24 5.98 33.71 18.24
CA ASP D 24 4.58 34.11 18.19
C ASP D 24 4.24 34.93 16.94
N ARG D 25 5.05 34.83 15.88
CA ARG D 25 4.82 35.66 14.70
C ARG D 25 3.41 35.50 14.15
N TYR D 26 2.92 34.26 14.05
CA TYR D 26 1.61 34.02 13.47
C TYR D 26 0.52 34.69 14.29
N ALA D 27 0.70 34.71 15.61
CA ALA D 27 -0.25 35.40 16.48
C ALA D 27 -0.28 36.90 16.18
N LEU D 28 0.89 37.51 15.99
CA LEU D 28 0.93 38.95 15.67
C LEU D 28 0.21 39.21 14.35
N VAL D 29 0.53 38.40 13.34
CA VAL D 29 -0.09 38.53 12.02
C VAL D 29 -1.61 38.46 12.13
N MET D 30 -2.11 37.37 12.72
CA MET D 30 -3.57 37.20 12.74
C MET D 30 -4.23 38.21 13.67
N ASP D 31 -3.59 38.58 14.77
CA ASP D 31 -4.20 39.56 15.66
C ASP D 31 -4.19 40.97 15.06
N LEU D 32 -3.20 41.28 14.21
CA LEU D 32 -3.22 42.58 13.55
C LEU D 32 -4.30 42.63 12.48
N ILE D 33 -4.46 41.54 11.71
CA ILE D 33 -5.58 41.41 10.79
C ILE D 33 -6.91 41.59 11.54
N ASN D 34 -7.04 40.95 12.70
CA ASN D 34 -8.25 41.08 13.50
C ASN D 34 -8.40 42.51 14.04
N ALA D 35 -7.31 43.11 14.50
CA ALA D 35 -7.37 44.45 15.08
C ALA D 35 -7.84 45.47 14.06
N TYR D 36 -7.59 45.20 12.78
CA TYR D 36 -8.02 46.08 11.70
C TYR D 36 -9.39 45.72 11.13
N LYS D 37 -10.15 44.87 11.82
CA LYS D 37 -11.53 44.55 11.49
C LYS D 37 -11.66 43.81 10.16
N LEU D 38 -10.63 43.06 9.75
CA LEU D 38 -10.70 42.36 8.47
C LEU D 38 -11.32 40.97 8.57
N ILE D 39 -11.35 40.37 9.78
CA ILE D 39 -11.84 38.99 9.91
C ILE D 39 -13.27 38.84 9.40
N PRO D 40 -14.21 39.75 9.69
CA PRO D 40 -15.56 39.57 9.15
C PRO D 40 -15.64 39.66 7.62
N GLU D 41 -14.63 40.25 6.97
CA GLU D 41 -14.57 40.26 5.52
C GLU D 41 -14.10 38.95 4.93
N LEU D 42 -13.60 38.04 5.75
CA LEU D 42 -12.89 36.85 5.29
C LEU D 42 -13.66 35.59 5.67
N SER D 43 -13.51 34.57 4.85
CA SER D 43 -14.08 33.26 5.10
CA SER D 43 -14.09 33.26 5.12
C SER D 43 -13.04 32.39 5.81
N ARG D 44 -13.31 32.00 7.05
CA ARG D 44 -12.34 31.15 7.75
C ARG D 44 -12.32 29.77 7.11
N VAL D 45 -11.13 29.33 6.72
CA VAL D 45 -10.93 28.00 6.15
C VAL D 45 -10.30 27.15 7.24
N PRO D 46 -10.97 26.10 7.70
CA PRO D 46 -10.42 25.28 8.79
C PRO D 46 -9.32 24.37 8.27
N PRO D 47 -8.23 24.20 9.03
CA PRO D 47 -7.19 23.25 8.63
C PRO D 47 -7.75 21.86 8.43
N LEU D 48 -7.18 21.14 7.47
CA LEU D 48 -7.58 19.77 7.19
C LEU D 48 -7.18 18.85 8.34
N GLN D 49 -8.09 17.95 8.73
CA GLN D 49 -7.77 16.87 9.64
C GLN D 49 -8.19 15.57 9.01
N TRP D 50 -7.61 14.46 9.48
CA TRP D 50 -7.71 13.18 8.80
C TRP D 50 -8.44 12.15 9.64
N ASP D 51 -8.95 11.13 8.92
CA ASP D 51 -9.72 10.06 9.52
C ASP D 51 -8.86 9.06 10.30
N SER D 52 -7.55 9.07 10.13
CA SER D 52 -6.71 8.03 10.72
C SER D 52 -5.25 8.42 10.51
N PRO D 53 -4.34 7.82 11.29
CA PRO D 53 -2.91 7.98 10.98
C PRO D 53 -2.57 7.58 9.56
N SER D 54 -3.16 6.49 9.05
CA SER D 54 -2.85 6.04 7.68
C SER D 54 -3.23 7.10 6.66
N ARG D 55 -4.39 7.75 6.85
CA ARG D 55 -4.80 8.80 5.91
C ARG D 55 -3.87 10.00 5.98
N MET D 56 -3.42 10.36 7.18
CA MET D 56 -2.45 11.44 7.31
C MET D 56 -1.14 11.09 6.60
N TYR D 57 -0.64 9.87 6.81
CA TYR D 57 0.60 9.47 6.15
C TYR D 57 0.44 9.46 4.64
N GLU D 58 -0.70 8.97 4.14
CA GLU D 58 -0.93 8.99 2.70
CA GLU D 58 -0.94 8.99 2.70
C GLU D 58 -0.86 10.41 2.15
N ALA D 59 -1.43 11.37 2.88
CA ALA D 59 -1.40 12.75 2.43
C ALA D 59 0.02 13.28 2.38
N VAL D 60 0.77 13.10 3.47
CA VAL D 60 2.08 13.75 3.56
C VAL D 60 3.07 13.07 2.63
N THR D 61 2.97 11.73 2.48
CA THR D 61 3.90 11.01 1.63
C THR D 61 3.51 11.08 0.15
N ALA D 62 2.49 11.86 -0.19
CA ALA D 62 2.33 12.27 -1.58
C ALA D 62 3.57 13.00 -2.09
N PHE D 63 4.36 13.58 -1.17
CA PHE D 63 5.65 14.17 -1.55
C PHE D 63 6.79 13.60 -0.73
N HIS D 64 6.65 13.57 0.60
CA HIS D 64 7.77 13.17 1.45
C HIS D 64 7.89 11.65 1.54
N SER D 65 9.11 11.19 1.81
CA SER D 65 9.30 9.75 1.96
C SER D 65 8.75 9.29 3.31
N THR D 66 8.29 8.04 3.36
CA THR D 66 7.79 7.51 4.62
C THR D 66 8.86 7.54 5.70
N GLU D 67 10.10 7.20 5.33
CA GLU D 67 11.17 7.16 6.32
C GLU D 67 11.46 8.55 6.87
N TYR D 68 11.38 9.58 6.01
CA TYR D 68 11.55 10.94 6.52
C TYR D 68 10.42 11.31 7.46
N VAL D 69 9.16 11.02 7.08
CA VAL D 69 8.05 11.33 7.97
C VAL D 69 8.20 10.57 9.29
N ASP D 70 8.58 9.29 9.22
CA ASP D 70 8.80 8.51 10.44
C ASP D 70 9.83 9.19 11.34
N ALA D 71 10.92 9.66 10.74
CA ALA D 71 12.00 10.27 11.53
C ALA D 71 11.57 11.60 12.13
N LEU D 72 10.79 12.38 11.38
CA LEU D 72 10.30 13.65 11.93
C LEU D 72 9.36 13.39 13.11
N LYS D 73 8.50 12.39 13.00
CA LYS D 73 7.64 12.04 14.12
C LYS D 73 8.47 11.54 15.30
N LYS D 74 9.50 10.73 15.03
CA LYS D 74 10.34 10.25 16.11
C LYS D 74 11.07 11.41 16.79
N LEU D 75 11.48 12.41 15.99
CA LEU D 75 12.18 13.56 16.56
C LEU D 75 11.30 14.27 17.58
N GLN D 76 10.03 14.45 17.24
CA GLN D 76 9.09 15.04 18.19
C GLN D 76 8.98 14.19 19.46
N MET D 77 8.79 12.88 19.31
CA MET D 77 8.69 12.02 20.48
C MET D 77 9.93 12.12 21.35
N LEU D 78 11.11 12.13 20.73
CA LEU D 78 12.35 12.19 21.51
C LEU D 78 12.49 13.52 22.24
N HIS D 79 12.00 14.61 21.65
CA HIS D 79 12.08 15.89 22.30
C HIS D 79 10.98 16.12 23.32
N CYS D 80 10.02 15.21 23.42
CA CYS D 80 9.03 15.23 24.48
C CYS D 80 9.43 14.40 25.69
N GLU D 81 10.60 13.79 25.66
CA GLU D 81 11.16 13.11 26.81
C GLU D 81 12.40 13.86 27.27
N GLU D 82 12.79 13.62 28.52
CA GLU D 82 13.89 14.37 29.12
C GLU D 82 15.25 13.87 28.68
N LYS D 83 15.36 12.61 28.27
CA LYS D 83 16.65 12.01 27.96
C LYS D 83 17.21 12.53 26.65
N GLU D 84 18.54 12.64 26.59
CA GLU D 84 19.21 13.02 25.36
C GLU D 84 19.09 11.91 24.32
N LEU D 85 19.32 12.27 23.06
CA LEU D 85 19.28 11.29 21.99
C LEU D 85 20.49 10.36 22.05
N THR D 86 20.27 9.11 21.67
CA THR D 86 21.38 8.18 21.53
C THR D 86 22.22 8.59 20.32
N ALA D 87 23.45 8.08 20.29
CA ALA D 87 24.29 8.28 19.11
C ALA D 87 23.58 7.81 17.84
N ASP D 88 22.94 6.64 17.91
CA ASP D 88 22.24 6.14 16.73
C ASP D 88 21.11 7.08 16.31
N ASP D 89 20.37 7.63 17.26
CA ASP D 89 19.28 8.53 16.85
C ASP D 89 19.83 9.86 16.33
N GLU D 90 20.97 10.32 16.87
CA GLU D 90 21.60 11.52 16.29
C GLU D 90 21.97 11.27 14.83
N LEU D 91 22.54 10.10 14.53
CA LEU D 91 22.91 9.77 13.16
CA LEU D 91 22.91 9.77 13.16
C LEU D 91 21.68 9.70 12.27
N LEU D 92 20.62 9.06 12.76
CA LEU D 92 19.37 8.99 12.01
C LEU D 92 18.89 10.39 11.65
N MET D 93 18.79 11.29 12.64
CA MET D 93 18.30 12.62 12.37
C MET D 93 19.24 13.37 11.42
N ASP D 94 20.55 13.21 11.61
CA ASP D 94 21.49 13.83 10.69
C ASP D 94 21.27 13.39 9.26
N SER D 95 20.87 12.13 9.04
CA SER D 95 20.68 11.62 7.68
C SER D 95 19.49 12.28 6.95
N PHE D 96 18.62 12.99 7.68
CA PHE D 96 17.51 13.75 7.11
C PHE D 96 17.68 15.26 7.30
N SER D 97 18.86 15.68 7.74
CA SER D 97 19.17 17.07 8.04
C SER D 97 18.24 17.64 9.10
N LEU D 98 17.79 16.78 10.01
CA LEU D 98 16.98 17.21 11.15
C LEU D 98 17.92 17.62 12.29
N ASN D 99 18.63 18.72 12.04
CA ASN D 99 19.67 19.22 12.93
C ASN D 99 19.98 20.65 12.51
N TYR D 100 20.96 21.25 13.20
CA TYR D 100 21.43 22.61 12.92
C TYR D 100 20.27 23.58 12.76
N ASP D 101 20.00 24.07 11.54
CA ASP D 101 18.94 25.06 11.37
C ASP D 101 17.55 24.45 11.36
N CYS D 102 17.42 23.13 11.36
CA CYS D 102 16.15 22.43 11.46
C CYS D 102 16.15 21.51 12.68
N PRO D 103 16.30 22.07 13.88
CA PRO D 103 16.45 21.23 15.06
C PRO D 103 15.14 20.61 15.48
N GLY D 104 15.23 19.69 16.43
CA GLY D 104 14.05 19.20 17.09
C GLY D 104 13.54 20.16 18.15
N PHE D 105 12.25 20.00 18.45
CA PHE D 105 11.61 20.66 19.58
C PHE D 105 10.33 19.88 19.88
N PRO D 106 9.73 20.08 21.06
CA PRO D 106 8.67 19.14 21.48
C PRO D 106 7.48 19.08 20.55
N SER D 107 7.23 20.11 19.74
CA SER D 107 6.09 20.11 18.83
C SER D 107 6.50 20.08 17.35
N VAL D 108 7.73 19.66 17.02
CA VAL D 108 8.24 19.86 15.67
C VAL D 108 7.36 19.17 14.62
N PHE D 109 6.85 17.97 14.91
CA PHE D 109 5.99 17.31 13.92
C PHE D 109 4.62 17.98 13.84
N ASP D 110 3.98 18.21 14.98
CA ASP D 110 2.68 18.87 14.95
C ASP D 110 2.76 20.26 14.33
N TYR D 111 3.85 20.98 14.60
CA TYR D 111 4.05 22.30 14.02
C TYR D 111 4.16 22.23 12.51
N SER D 112 5.00 21.32 12.01
CA SER D 112 5.19 21.29 10.56
CA SER D 112 5.23 21.22 10.57
C SER D 112 3.99 20.70 9.85
N LEU D 113 3.32 19.71 10.48
CA LEU D 113 2.12 19.13 9.88
C LEU D 113 0.99 20.17 9.82
N ALA D 114 0.94 21.06 10.81
CA ALA D 114 -0.12 22.07 10.83
C ALA D 114 -0.07 22.95 9.59
N ALA D 115 1.13 23.37 9.16
CA ALA D 115 1.21 24.17 7.94
C ALA D 115 0.66 23.40 6.74
N VAL D 116 0.95 22.09 6.69
CA VAL D 116 0.41 21.23 5.63
C VAL D 116 -1.12 21.18 5.71
N GLN D 117 -1.65 20.98 6.92
CA GLN D 117 -3.10 20.96 7.09
C GLN D 117 -3.75 22.23 6.60
N GLY D 118 -3.13 23.38 6.90
CA GLY D 118 -3.71 24.64 6.48
C GLY D 118 -3.66 24.81 4.97
N SER D 119 -2.51 24.51 4.37
CA SER D 119 -2.38 24.77 2.94
C SER D 119 -3.16 23.75 2.11
N LEU D 120 -3.30 22.51 2.57
CA LEU D 120 -4.18 21.56 1.89
C LEU D 120 -5.62 22.01 1.94
N ALA D 121 -6.08 22.46 3.12
CA ALA D 121 -7.45 22.94 3.23
C ALA D 121 -7.66 24.16 2.34
N ALA D 122 -6.65 25.02 2.26
CA ALA D 122 -6.74 26.18 1.38
C ALA D 122 -6.90 25.75 -0.08
N ALA D 123 -6.12 24.77 -0.52
CA ALA D 123 -6.27 24.27 -1.88
C ALA D 123 -7.67 23.71 -2.11
N SER D 124 -8.19 22.94 -1.15
CA SER D 124 -9.51 22.34 -1.29
C SER D 124 -10.59 23.41 -1.43
N ALA D 125 -10.48 24.49 -0.67
CA ALA D 125 -11.46 25.56 -0.77
C ALA D 125 -11.44 26.23 -2.14
N LEU D 126 -10.27 26.30 -2.77
CA LEU D 126 -10.19 26.81 -4.13
C LEU D 126 -10.80 25.83 -5.13
N ILE D 127 -10.52 24.54 -4.96
CA ILE D 127 -10.96 23.54 -5.93
C ILE D 127 -12.48 23.49 -5.98
N CYS D 128 -13.13 23.47 -4.83
CA CYS D 128 -14.58 23.39 -4.79
C CYS D 128 -15.24 24.74 -5.01
N ARG D 129 -14.47 25.79 -5.29
CA ARG D 129 -14.94 27.14 -5.60
C ARG D 129 -15.65 27.81 -4.42
N HIS D 130 -15.38 27.37 -3.19
CA HIS D 130 -15.89 28.12 -2.04
C HIS D 130 -15.24 29.49 -1.97
N CYS D 131 -13.95 29.57 -2.29
CA CYS D 131 -13.19 30.81 -2.24
C CYS D 131 -12.50 31.04 -3.58
N GLU D 132 -12.42 32.31 -3.98
CA GLU D 132 -11.66 32.68 -5.17
C GLU D 132 -10.18 32.82 -4.85
N VAL D 133 -9.86 33.21 -3.61
CA VAL D 133 -8.50 33.34 -3.11
C VAL D 133 -8.51 32.82 -1.68
N VAL D 134 -7.44 32.10 -1.29
CA VAL D 134 -7.29 31.71 0.10
C VAL D 134 -5.89 32.08 0.57
N ILE D 135 -5.82 32.65 1.76
CA ILE D 135 -4.58 33.05 2.41
C ILE D 135 -4.24 32.06 3.51
N ASN D 136 -2.97 31.66 3.59
CA ASN D 136 -2.48 30.88 4.74
C ASN D 136 -1.17 31.48 5.24
N TRP D 137 -1.25 32.34 6.25
CA TRP D 137 -0.04 32.91 6.81
C TRP D 137 0.70 31.94 7.73
N GLY D 138 0.15 30.74 7.95
CA GLY D 138 0.85 29.67 8.64
C GLY D 138 1.68 28.78 7.73
N GLY D 139 1.61 29.00 6.42
CA GLY D 139 2.31 28.13 5.49
C GLY D 139 3.35 28.83 4.64
N GLY D 140 3.85 28.14 3.61
CA GLY D 140 4.86 28.69 2.71
C GLY D 140 6.26 28.15 2.93
N TRP D 141 6.38 26.89 3.38
CA TRP D 141 7.68 26.37 3.81
C TRP D 141 8.40 25.71 2.63
N HIS D 142 8.92 26.60 1.76
CA HIS D 142 9.33 26.22 0.42
C HIS D 142 10.65 25.45 0.31
N HIS D 143 11.45 25.33 1.39
CA HIS D 143 12.74 24.65 1.27
C HIS D 143 12.69 23.15 1.54
N ALA D 144 11.61 22.64 2.15
CA ALA D 144 11.63 21.24 2.56
C ALA D 144 11.64 20.34 1.33
N LYS D 145 12.44 19.27 1.39
CA LYS D 145 12.61 18.34 0.27
C LYS D 145 11.98 17.01 0.65
N ARG D 146 11.91 16.12 -0.35
CA ARG D 146 11.25 14.82 -0.16
C ARG D 146 11.69 14.14 1.13
N SER D 147 13.00 14.09 1.38
CA SER D 147 13.56 13.41 2.54
C SER D 147 14.59 14.28 3.26
N GLU D 148 14.37 15.59 3.30
CA GLU D 148 15.37 16.48 3.90
C GLU D 148 14.70 17.74 4.42
N ALA D 149 14.92 18.05 5.70
CA ALA D 149 14.56 19.37 6.22
C ALA D 149 15.59 20.39 5.79
N SER D 150 15.14 21.63 5.55
CA SER D 150 16.03 22.68 5.09
C SER D 150 15.47 24.05 5.46
N GLY D 151 16.34 24.92 5.96
CA GLY D 151 15.90 26.31 6.15
C GLY D 151 14.73 26.48 7.08
N PHE D 152 14.71 25.74 8.19
CA PHE D 152 13.57 25.65 9.12
C PHE D 152 12.27 25.28 8.43
N CYS D 153 12.36 24.56 7.32
CA CYS D 153 11.20 23.98 6.65
C CYS D 153 11.28 22.48 6.81
N TYR D 154 10.28 21.90 7.47
CA TYR D 154 10.30 20.47 7.74
C TYR D 154 9.38 19.68 6.82
N LEU D 155 8.21 20.21 6.52
CA LEU D 155 7.32 19.58 5.54
C LEU D 155 6.90 20.63 4.53
N ASN D 156 6.91 20.27 3.26
CA ASN D 156 6.67 21.26 2.21
C ASN D 156 5.18 21.34 1.96
N ASP D 157 4.52 22.22 2.71
CA ASP D 157 3.10 22.44 2.56
C ASP D 157 2.76 22.97 1.18
N ILE D 158 3.69 23.67 0.52
CA ILE D 158 3.42 24.23 -0.79
C ILE D 158 3.31 23.12 -1.83
N VAL D 159 4.31 22.23 -1.84
CA VAL D 159 4.31 21.12 -2.78
C VAL D 159 3.03 20.30 -2.63
N LEU D 160 2.65 20.02 -1.39
CA LEU D 160 1.45 19.22 -1.16
C LEU D 160 0.19 19.94 -1.62
N ALA D 161 0.10 21.26 -1.36
CA ALA D 161 -1.05 22.01 -1.87
C ALA D 161 -1.07 22.01 -3.39
N ILE D 162 0.08 22.24 -4.03
CA ILE D 162 0.10 22.26 -5.50
C ILE D 162 -0.27 20.90 -6.06
N HIS D 163 0.26 19.84 -5.48
CA HIS D 163 -0.10 18.48 -5.90
C HIS D 163 -1.61 18.28 -5.85
N ARG D 164 -2.24 18.77 -4.78
CA ARG D 164 -3.70 18.67 -4.69
C ARG D 164 -4.36 19.45 -5.80
N LEU D 165 -3.84 20.64 -6.12
CA LEU D 165 -4.44 21.44 -7.19
C LEU D 165 -4.30 20.76 -8.55
N VAL D 166 -3.10 20.28 -8.88
CA VAL D 166 -2.91 19.70 -10.22
C VAL D 166 -3.66 18.40 -10.37
N SER D 167 -3.97 17.72 -9.28
CA SER D 167 -4.63 16.41 -9.34
C SER D 167 -6.16 16.52 -9.25
N SER D 168 -6.70 17.74 -9.22
CA SER D 168 -8.13 17.92 -9.08
C SER D 168 -8.88 17.76 -10.39
N THR D 169 -8.16 17.80 -11.52
CA THR D 169 -8.74 17.54 -12.83
C THR D 169 -9.23 16.11 -12.96
N GLN D 178 -5.67 19.30 -18.43
CA GLN D 178 -5.77 20.72 -18.75
C GLN D 178 -5.36 21.61 -17.57
N THR D 179 -5.07 21.01 -16.42
CA THR D 179 -4.77 21.77 -15.20
C THR D 179 -3.31 22.17 -15.17
N ARG D 180 -3.05 23.47 -15.06
CA ARG D 180 -1.69 23.98 -14.95
C ARG D 180 -1.63 24.93 -13.77
N VAL D 181 -0.55 24.86 -13.00
CA VAL D 181 -0.36 25.73 -11.85
C VAL D 181 0.84 26.61 -12.09
N LEU D 182 0.69 27.91 -11.82
CA LEU D 182 1.81 28.84 -11.79
C LEU D 182 2.15 29.12 -10.34
N TYR D 183 3.38 28.81 -9.94
CA TYR D 183 3.89 29.07 -8.60
C TYR D 183 4.83 30.27 -8.64
N VAL D 184 4.55 31.26 -7.80
CA VAL D 184 5.32 32.51 -7.73
C VAL D 184 5.88 32.64 -6.32
N ASP D 185 7.20 32.75 -6.20
CA ASP D 185 7.89 32.73 -4.91
C ASP D 185 8.58 34.07 -4.69
N LEU D 186 7.99 34.91 -3.83
CA LEU D 186 8.49 36.27 -3.59
C LEU D 186 9.45 36.36 -2.40
N ASP D 187 9.70 35.25 -1.73
CA ASP D 187 10.61 35.22 -0.58
C ASP D 187 11.99 35.74 -0.98
N LEU D 188 12.72 36.26 0.02
CA LEU D 188 14.11 36.65 -0.23
C LEU D 188 14.95 35.48 -0.73
N HIS D 189 14.59 34.26 -0.35
CA HIS D 189 15.37 33.08 -0.66
C HIS D 189 14.77 32.32 -1.84
N HIS D 190 15.65 31.63 -2.57
CA HIS D 190 15.21 30.81 -3.69
C HIS D 190 14.27 29.71 -3.23
N GLY D 191 13.15 29.54 -3.96
CA GLY D 191 12.20 28.48 -3.67
C GLY D 191 12.64 27.14 -4.21
N ASP D 192 13.71 26.58 -3.61
CA ASP D 192 14.38 25.41 -4.19
C ASP D 192 13.56 24.14 -4.02
N GLY D 193 12.93 23.94 -2.86
CA GLY D 193 12.20 22.71 -2.64
C GLY D 193 11.02 22.54 -3.58
N VAL D 194 10.27 23.62 -3.80
CA VAL D 194 9.14 23.56 -4.73
C VAL D 194 9.63 23.35 -6.15
N GLU D 195 10.65 24.12 -6.53
CA GLU D 195 11.26 23.99 -7.85
C GLU D 195 11.69 22.56 -8.12
N GLU D 196 12.40 21.96 -7.14
CA GLU D 196 12.89 20.59 -7.30
C GLU D 196 11.72 19.61 -7.42
N ALA D 197 10.70 19.77 -6.57
CA ALA D 197 9.58 18.85 -6.57
C ALA D 197 8.93 18.75 -7.95
N PHE D 198 8.91 19.86 -8.70
CA PHE D 198 8.22 19.90 -9.99
C PHE D 198 9.18 20.06 -11.17
N TRP D 199 10.46 19.72 -10.94
CA TRP D 199 11.52 19.90 -11.94
C TRP D 199 11.20 19.18 -13.25
N TYR D 200 10.50 18.06 -13.19
CA TYR D 200 10.20 17.26 -14.36
C TYR D 200 8.77 17.41 -14.85
N SER D 201 8.01 18.38 -14.30
CA SER D 201 6.60 18.51 -14.61
CA SER D 201 6.59 18.52 -14.58
C SER D 201 6.32 19.81 -15.34
N PRO D 202 5.84 19.76 -16.59
CA PRO D 202 5.48 21.00 -17.29
C PRO D 202 4.22 21.64 -16.76
N ARG D 203 3.40 20.91 -16.01
CA ARG D 203 2.10 21.44 -15.62
C ARG D 203 2.17 22.36 -14.40
N VAL D 204 3.28 22.34 -13.67
CA VAL D 204 3.53 23.26 -12.57
C VAL D 204 4.74 24.08 -12.98
N VAL D 205 4.52 25.33 -13.38
CA VAL D 205 5.61 26.24 -13.70
C VAL D 205 5.97 27.01 -12.45
N THR D 206 7.24 26.96 -12.06
CA THR D 206 7.70 27.66 -10.87
C THR D 206 8.49 28.89 -11.29
N PHE D 207 8.31 29.98 -10.55
CA PHE D 207 9.05 31.21 -10.77
C PHE D 207 9.41 31.79 -9.41
N SER D 208 10.71 31.84 -9.13
CA SER D 208 11.22 32.41 -7.88
C SER D 208 12.03 33.65 -8.22
N VAL D 209 11.75 34.74 -7.51
CA VAL D 209 12.62 35.92 -7.48
C VAL D 209 13.24 35.98 -6.09
N HIS D 210 14.54 36.27 -6.02
CA HIS D 210 15.26 36.09 -4.76
C HIS D 210 16.61 36.79 -4.85
N HIS D 211 17.25 36.92 -3.70
CA HIS D 211 18.67 37.23 -3.68
C HIS D 211 19.48 35.96 -3.90
N ALA D 212 20.55 36.09 -4.69
CA ALA D 212 21.57 35.06 -4.79
C ALA D 212 22.94 35.72 -4.81
N SER D 213 23.87 35.14 -4.06
CA SER D 213 25.25 35.61 -4.00
C SER D 213 26.09 34.50 -3.35
N PRO D 214 27.40 34.53 -3.52
CA PRO D 214 28.22 33.41 -3.03
C PRO D 214 28.07 33.25 -1.52
N GLY D 215 27.73 32.03 -1.11
CA GLY D 215 27.57 31.71 0.29
C GLY D 215 26.20 31.97 0.85
N PHE D 216 25.32 32.61 0.08
CA PHE D 216 23.98 32.93 0.54
C PHE D 216 23.06 31.73 0.34
N PHE D 217 22.26 31.43 1.35
CA PHE D 217 21.33 30.29 1.36
C PHE D 217 20.24 30.42 0.30
N PRO D 218 19.87 29.33 -0.38
CA PRO D 218 20.45 27.99 -0.35
C PRO D 218 21.48 27.76 -1.45
N GLY D 219 21.72 28.77 -2.30
CA GLY D 219 22.78 28.69 -3.30
C GLY D 219 22.29 28.48 -4.71
N THR D 220 21.04 28.07 -4.89
CA THR D 220 20.46 27.76 -6.19
C THR D 220 19.65 28.97 -6.71
N GLY D 221 18.98 28.76 -7.85
CA GLY D 221 18.23 29.81 -8.50
C GLY D 221 19.10 30.81 -9.21
N THR D 222 20.27 30.40 -9.69
CA THR D 222 21.16 31.31 -10.38
C THR D 222 22.08 30.48 -11.26
N TRP D 223 23.03 31.15 -11.93
CA TRP D 223 23.99 30.44 -12.75
C TRP D 223 24.75 29.43 -11.90
N ASN D 224 24.96 28.22 -12.45
CA ASN D 224 25.62 27.20 -11.65
C ASN D 224 26.60 26.41 -12.50
N MET D 225 27.39 25.58 -11.83
CA MET D 225 28.45 24.82 -12.48
C MET D 225 28.04 23.38 -12.80
N LEU D 231 32.03 26.68 -17.90
CA LEU D 231 31.24 27.92 -17.93
C LEU D 231 29.84 27.67 -17.38
N PRO D 232 29.36 28.56 -16.51
CA PRO D 232 28.07 28.32 -15.85
C PRO D 232 26.89 28.57 -16.77
N ILE D 233 25.85 27.76 -16.55
CA ILE D 233 24.59 27.89 -17.29
C ILE D 233 23.46 28.01 -16.27
N PHE D 234 22.28 28.33 -16.79
CA PHE D 234 21.07 28.46 -15.99
C PHE D 234 20.20 27.23 -16.25
N LEU D 235 20.15 26.32 -15.29
CA LEU D 235 19.25 25.18 -15.42
C LEU D 235 17.81 25.65 -15.23
N ASN D 236 16.87 24.90 -15.83
CA ASN D 236 15.50 25.41 -15.87
C ASN D 236 14.45 24.31 -15.96
N GLY D 237 14.75 23.12 -15.46
CA GLY D 237 13.87 21.98 -15.58
C GLY D 237 14.47 20.91 -16.45
N ALA D 238 13.90 19.71 -16.36
CA ALA D 238 14.47 18.57 -17.09
C ALA D 238 13.36 17.65 -17.58
N GLY D 239 13.73 16.77 -18.50
CA GLY D 239 12.73 15.88 -19.10
C GLY D 239 11.64 16.68 -19.77
N ARG D 240 10.40 16.25 -19.56
CA ARG D 240 9.28 17.00 -20.10
C ARG D 240 9.06 18.32 -19.37
N GLY D 241 9.75 18.51 -18.25
CA GLY D 241 9.75 19.76 -17.52
C GLY D 241 10.81 20.76 -17.93
N ARG D 242 11.54 20.51 -19.02
CA ARG D 242 12.54 21.48 -19.46
C ARG D 242 11.89 22.83 -19.72
N PHE D 243 12.58 23.89 -19.30
CA PHE D 243 12.15 25.29 -19.45
C PHE D 243 11.02 25.68 -18.51
N SER D 244 10.60 24.80 -17.59
CA SER D 244 9.43 25.08 -16.75
C SER D 244 9.79 25.62 -15.37
N ALA D 245 11.06 25.81 -15.06
CA ALA D 245 11.49 26.36 -13.78
C ALA D 245 12.19 27.69 -14.06
N PHE D 246 11.59 28.78 -13.59
CA PHE D 246 12.03 30.15 -13.85
C PHE D 246 12.64 30.76 -12.59
N ASN D 247 13.67 31.57 -12.79
CA ASN D 247 14.39 32.19 -11.68
C ASN D 247 14.88 33.56 -12.06
N LEU D 248 14.76 34.51 -11.12
CA LEU D 248 15.31 35.85 -11.27
C LEU D 248 16.15 36.18 -10.04
N PRO D 249 17.47 35.97 -10.09
CA PRO D 249 18.32 36.34 -8.97
C PRO D 249 18.67 37.82 -9.05
N LEU D 250 18.64 38.49 -7.90
CA LEU D 250 18.83 39.93 -7.84
C LEU D 250 19.91 40.28 -6.81
N GLU D 251 20.69 41.31 -7.14
CA GLU D 251 21.71 41.78 -6.21
C GLU D 251 21.06 42.50 -5.04
N GLU D 252 21.83 42.63 -3.96
CA GLU D 252 21.30 43.25 -2.75
C GLU D 252 21.03 44.73 -2.98
N GLY D 253 20.10 45.27 -2.17
CA GLY D 253 19.80 46.68 -2.16
C GLY D 253 18.61 47.12 -2.99
N ILE D 254 17.95 46.22 -3.70
CA ILE D 254 16.90 46.61 -4.63
C ILE D 254 15.69 47.17 -3.86
N ASN D 255 15.08 48.22 -4.41
CA ASN D 255 13.96 48.91 -3.78
C ASN D 255 12.64 48.46 -4.40
N ASP D 256 11.55 49.05 -3.91
CA ASP D 256 10.21 48.69 -4.38
C ASP D 256 10.08 48.83 -5.88
N LEU D 257 10.44 50.01 -6.42
CA LEU D 257 10.20 50.29 -7.83
C LEU D 257 11.03 49.38 -8.73
N ASP D 258 12.31 49.21 -8.42
CA ASP D 258 13.18 48.40 -9.28
C ASP D 258 12.78 46.93 -9.22
N TRP D 259 12.39 46.46 -8.04
CA TRP D 259 11.92 45.08 -7.92
C TRP D 259 10.59 44.88 -8.63
N SER D 260 9.68 45.86 -8.53
CA SER D 260 8.43 45.82 -9.27
C SER D 260 8.66 45.76 -10.77
N ASN D 261 9.55 46.63 -11.28
CA ASN D 261 9.84 46.62 -12.71
C ASN D 261 10.56 45.36 -13.13
N ALA D 262 11.35 44.75 -12.22
CA ALA D 262 12.05 43.52 -12.57
C ALA D 262 11.08 42.36 -12.76
N ILE D 263 10.07 42.24 -11.91
CA ILE D 263 9.22 41.06 -11.96
CA ILE D 263 9.20 41.07 -11.90
C ILE D 263 7.90 41.29 -12.68
N GLY D 264 7.44 42.54 -12.82
CA GLY D 264 6.17 42.84 -13.45
C GLY D 264 5.96 42.19 -14.81
N PRO D 265 6.85 42.50 -15.77
CA PRO D 265 6.72 41.89 -17.10
C PRO D 265 6.82 40.38 -17.10
N ILE D 266 7.64 39.80 -16.22
CA ILE D 266 7.75 38.35 -16.14
C ILE D 266 6.43 37.74 -15.71
N LEU D 267 5.82 38.32 -14.65
CA LEU D 267 4.54 37.82 -14.17
C LEU D 267 3.49 37.88 -15.26
N ASP D 268 3.36 39.03 -15.93
CA ASP D 268 2.34 39.15 -16.96
C ASP D 268 2.59 38.19 -18.11
N SER D 269 3.85 38.01 -18.50
CA SER D 269 4.14 37.09 -19.59
C SER D 269 3.86 35.64 -19.20
N LEU D 270 4.21 35.27 -17.96
CA LEU D 270 3.89 33.93 -17.47
C LEU D 270 2.40 33.65 -17.53
N ASN D 271 1.59 34.61 -17.12
CA ASN D 271 0.15 34.41 -17.11
C ASN D 271 -0.41 34.32 -18.52
N ILE D 272 0.06 35.18 -19.43
CA ILE D 272 -0.42 35.14 -20.82
C ILE D 272 -0.11 33.81 -21.46
N VAL D 273 1.12 33.31 -21.25
CA VAL D 273 1.57 32.11 -21.97
C VAL D 273 1.04 30.84 -21.31
N ILE D 274 1.12 30.76 -19.98
CA ILE D 274 0.76 29.52 -19.30
C ILE D 274 -0.76 29.38 -19.17
N GLN D 275 -1.48 30.51 -19.08
CA GLN D 275 -2.90 30.53 -18.76
C GLN D 275 -3.20 29.58 -17.60
N PRO D 276 -2.67 29.87 -16.42
CA PRO D 276 -2.79 28.91 -15.31
C PRO D 276 -4.22 28.74 -14.84
N SER D 277 -4.52 27.52 -14.40
CA SER D 277 -5.76 27.21 -13.70
C SER D 277 -5.74 27.71 -12.27
N TYR D 278 -4.56 27.70 -11.64
CA TYR D 278 -4.37 28.20 -10.29
C TYR D 278 -3.03 28.92 -10.20
N VAL D 279 -2.96 29.91 -9.32
CA VAL D 279 -1.70 30.56 -8.96
C VAL D 279 -1.47 30.32 -7.48
N VAL D 280 -0.25 29.92 -7.13
CA VAL D 280 0.15 29.79 -5.74
C VAL D 280 1.30 30.76 -5.52
N VAL D 281 1.14 31.67 -4.57
CA VAL D 281 2.13 32.72 -4.31
C VAL D 281 2.70 32.52 -2.92
N GLN D 282 4.02 32.40 -2.83
CA GLN D 282 4.70 32.41 -1.54
C GLN D 282 5.13 33.85 -1.29
N CYS D 283 4.72 34.42 -0.15
CA CYS D 283 4.89 35.85 0.12
CA CYS D 283 4.88 35.84 0.13
C CYS D 283 5.79 36.08 1.32
N GLY D 284 6.88 35.31 1.42
CA GLY D 284 7.86 35.53 2.48
C GLY D 284 8.23 37.00 2.59
N ALA D 285 8.25 37.53 3.80
CA ALA D 285 8.39 38.95 4.06
C ALA D 285 9.82 39.37 4.32
N ASP D 286 10.80 38.49 4.07
CA ASP D 286 12.18 38.84 4.40
C ASP D 286 12.83 39.71 3.33
N CYS D 287 12.11 40.15 2.30
CA CYS D 287 12.62 41.20 1.42
C CYS D 287 12.42 42.59 1.98
N LEU D 288 11.68 42.74 3.08
CA LEU D 288 11.47 44.05 3.65
C LEU D 288 12.80 44.68 4.03
N ALA D 289 12.90 45.99 3.87
CA ALA D 289 14.12 46.69 4.21
C ALA D 289 14.49 46.52 5.68
N THR D 290 13.51 46.25 6.54
CA THR D 290 13.68 46.12 7.98
C THR D 290 13.82 44.68 8.44
N ASP D 291 13.82 43.72 7.52
CA ASP D 291 14.14 42.36 7.92
C ASP D 291 15.58 42.30 8.40
N PRO D 292 15.90 41.52 9.44
CA PRO D 292 17.29 41.44 9.91
C PRO D 292 18.27 40.89 8.89
N HIS D 293 17.81 40.25 7.81
CA HIS D 293 18.75 39.88 6.75
C HIS D 293 19.37 41.12 6.13
N ARG D 294 18.57 42.19 6.01
CA ARG D 294 19.00 43.48 5.47
C ARG D 294 19.61 43.34 4.08
N ILE D 295 18.86 42.72 3.17
CA ILE D 295 19.33 42.46 1.81
C ILE D 295 18.59 43.32 0.79
N PHE D 296 17.27 43.19 0.70
CA PHE D 296 16.47 44.02 -0.19
C PHE D 296 15.86 45.19 0.61
N ARG D 297 15.24 46.11 -0.11
CA ARG D 297 14.70 47.33 0.49
C ARG D 297 13.24 47.52 0.15
N LEU D 298 12.47 46.43 0.13
CA LEU D 298 11.05 46.57 -0.12
C LEU D 298 10.35 47.09 1.14
N THR D 299 9.16 47.63 0.93
CA THR D 299 8.35 48.17 2.01
C THR D 299 6.98 47.50 2.02
N ASN D 300 6.12 47.97 2.92
CA ASN D 300 4.69 47.69 2.87
C ASN D 300 3.89 48.92 2.49
N PHE D 301 4.52 49.92 1.89
CA PHE D 301 3.86 51.19 1.64
C PHE D 301 2.74 51.04 0.61
N TYR D 302 1.62 51.71 0.86
CA TYR D 302 0.46 51.66 -0.04
C TYR D 302 -0.09 53.07 -0.20
N PRO D 303 0.47 53.86 -1.12
CA PRO D 303 0.12 55.27 -1.34
C PRO D 303 -1.38 55.53 -1.46
N LEU D 317 5.04 52.46 -4.09
CA LEU D 317 4.20 51.29 -3.82
C LEU D 317 5.02 50.04 -3.50
N SER D 318 4.68 49.40 -2.37
CA SER D 318 5.30 48.14 -1.98
C SER D 318 5.44 47.19 -3.16
N GLY D 319 6.66 46.66 -3.34
CA GLY D 319 6.84 45.61 -4.34
C GLY D 319 5.90 44.45 -4.13
N TYR D 320 5.76 44.02 -2.87
CA TYR D 320 4.85 42.93 -2.54
C TYR D 320 3.43 43.25 -2.97
N LEU D 321 2.94 44.44 -2.63
CA LEU D 321 1.56 44.78 -2.96
C LEU D 321 1.37 44.95 -4.46
N TYR D 322 2.38 45.50 -5.14
CA TYR D 322 2.38 45.55 -6.60
C TYR D 322 2.20 44.16 -7.19
N ALA D 323 2.99 43.19 -6.72
CA ALA D 323 2.95 41.85 -7.30
C ALA D 323 1.62 41.15 -7.01
N ILE D 324 1.13 41.28 -5.77
CA ILE D 324 -0.13 40.62 -5.43
C ILE D 324 -1.27 41.25 -6.23
N LYS D 325 -1.30 42.57 -6.33
CA LYS D 325 -2.35 43.23 -7.09
C LYS D 325 -2.34 42.77 -8.55
N LYS D 326 -1.15 42.66 -9.14
CA LYS D 326 -1.07 42.19 -10.52
C LYS D 326 -1.58 40.76 -10.66
N ILE D 327 -1.11 39.86 -9.78
CA ILE D 327 -1.54 38.47 -9.85
C ILE D 327 -3.06 38.37 -9.70
N LEU D 328 -3.63 39.10 -8.75
CA LEU D 328 -5.09 39.05 -8.55
C LEU D 328 -5.85 39.65 -9.71
N SER D 329 -5.25 40.57 -10.48
CA SER D 329 -5.94 41.12 -11.65
C SER D 329 -6.23 40.06 -12.70
N TRP D 330 -5.55 38.92 -12.65
CA TRP D 330 -5.75 37.87 -13.64
C TRP D 330 -7.05 37.12 -13.42
N LYS D 331 -7.62 37.22 -12.21
CA LYS D 331 -8.88 36.55 -11.86
C LYS D 331 -8.75 35.04 -12.05
N VAL D 332 -7.65 34.49 -11.54
CA VAL D 332 -7.40 33.06 -11.50
C VAL D 332 -7.45 32.66 -10.03
N PRO D 333 -8.08 31.54 -9.67
CA PRO D 333 -8.07 31.11 -8.26
C PRO D 333 -6.66 31.04 -7.73
N THR D 334 -6.44 31.69 -6.57
CA THR D 334 -5.09 31.95 -6.08
C THR D 334 -4.94 31.57 -4.61
N LEU D 335 -3.83 30.92 -4.30
CA LEU D 335 -3.43 30.61 -2.93
C LEU D 335 -2.28 31.53 -2.55
N ILE D 336 -2.42 32.26 -1.45
CA ILE D 336 -1.39 33.18 -0.96
C ILE D 336 -0.85 32.61 0.34
N LEU D 337 0.45 32.36 0.38
CA LEU D 337 1.09 31.76 1.54
C LEU D 337 2.11 32.70 2.16
N GLY D 338 2.48 32.38 3.41
CA GLY D 338 3.55 33.13 4.08
C GLY D 338 4.93 32.60 3.73
N GLY D 339 5.81 32.52 4.71
CA GLY D 339 7.18 32.07 4.48
C GLY D 339 8.13 32.77 5.44
N GLY D 340 9.28 33.17 4.92
CA GLY D 340 10.23 33.94 5.70
C GLY D 340 9.63 35.24 6.20
N GLY D 341 10.37 35.89 7.09
CA GLY D 341 9.94 37.12 7.71
C GLY D 341 10.37 37.11 9.16
N TYR D 342 11.49 37.77 9.46
CA TYR D 342 12.11 37.61 10.77
C TYR D 342 12.02 38.87 11.62
N ASN D 343 11.46 39.95 11.08
CA ASN D 343 10.99 41.09 11.86
C ASN D 343 9.49 40.83 12.04
N PHE D 344 9.10 40.33 13.21
CA PHE D 344 7.72 39.84 13.29
C PHE D 344 6.70 40.97 13.18
N PRO D 345 6.88 42.13 13.84
CA PRO D 345 5.89 43.20 13.68
C PRO D 345 5.81 43.71 12.25
N ASP D 346 6.95 43.84 11.58
CA ASP D 346 6.90 44.34 10.21
C ASP D 346 6.35 43.29 9.26
N THR D 347 6.55 42.01 9.56
CA THR D 347 5.90 40.96 8.78
C THR D 347 4.39 41.03 8.97
N ALA D 348 3.93 41.24 10.20
CA ALA D 348 2.51 41.45 10.40
C ALA D 348 2.01 42.70 9.68
N ARG D 349 2.79 43.79 9.74
CA ARG D 349 2.42 45.00 9.00
C ARG D 349 2.25 44.74 7.51
N LEU D 350 3.17 43.98 6.92
CA LEU D 350 3.06 43.69 5.50
C LEU D 350 1.87 42.79 5.20
N TRP D 351 1.76 41.66 5.93
CA TRP D 351 0.74 40.68 5.57
C TRP D 351 -0.65 41.19 5.88
N THR D 352 -0.79 42.09 6.85
CA THR D 352 -2.07 42.76 7.06
C THR D 352 -2.46 43.58 5.82
N ARG D 353 -1.51 44.33 5.28
CA ARG D 353 -1.79 45.08 4.05
C ARG D 353 -2.06 44.14 2.88
N VAL D 354 -1.33 43.02 2.77
CA VAL D 354 -1.63 42.10 1.67
C VAL D 354 -3.05 41.58 1.80
N THR D 355 -3.47 41.25 3.02
CA THR D 355 -4.80 40.71 3.25
C THR D 355 -5.87 41.72 2.90
N ALA D 356 -5.69 42.98 3.31
CA ALA D 356 -6.65 44.03 2.96
C ALA D 356 -6.70 44.26 1.45
N LEU D 357 -5.54 44.30 0.78
CA LEU D 357 -5.51 44.45 -0.67
C LEU D 357 -6.25 43.31 -1.36
N THR D 358 -6.06 42.08 -0.86
CA THR D 358 -6.73 40.93 -1.47
C THR D 358 -8.25 41.08 -1.39
N ILE D 359 -8.76 41.50 -0.23
CA ILE D 359 -10.19 41.75 -0.06
C ILE D 359 -10.67 42.79 -1.06
N GLU D 360 -9.92 43.89 -1.20
CA GLU D 360 -10.32 44.98 -2.09
C GLU D 360 -10.38 44.54 -3.55
N GLU D 361 -9.33 43.87 -4.02
CA GLU D 361 -9.26 43.49 -5.42
C GLU D 361 -10.28 42.41 -5.76
N VAL D 362 -10.49 41.46 -4.84
CA VAL D 362 -11.35 40.33 -5.15
C VAL D 362 -12.81 40.71 -5.01
N LYS D 363 -13.16 41.37 -3.91
CA LYS D 363 -14.55 41.72 -3.63
C LYS D 363 -14.96 43.07 -4.20
N GLY D 364 -14.01 43.89 -4.66
CA GLY D 364 -14.35 45.24 -5.06
C GLY D 364 -14.79 46.12 -3.93
N LYS D 365 -14.41 45.77 -2.71
CA LYS D 365 -14.92 46.40 -1.50
C LYS D 365 -13.81 47.25 -0.89
N LYS D 366 -14.05 48.56 -0.81
CA LYS D 366 -13.05 49.48 -0.27
C LYS D 366 -12.67 49.06 1.15
N MET D 367 -11.35 48.93 1.39
CA MET D 367 -10.81 48.68 2.73
C MET D 367 -10.07 49.93 3.19
N THR D 368 -10.42 50.43 4.38
CA THR D 368 -9.81 51.63 4.94
C THR D 368 -9.03 51.22 6.18
N ILE D 369 -7.72 51.22 6.09
CA ILE D 369 -6.85 50.83 7.18
C ILE D 369 -6.28 52.09 7.83
N SER D 370 -6.51 52.25 9.14
CA SER D 370 -5.96 53.40 9.84
C SER D 370 -4.42 53.38 9.78
N PRO D 371 -3.78 54.53 9.55
CA PRO D 371 -2.30 54.55 9.54
C PRO D 371 -1.68 54.28 10.91
N GLU D 372 -2.48 54.25 11.97
CA GLU D 372 -1.99 53.99 13.32
C GLU D 372 -2.41 52.59 13.76
N ILE D 373 -1.48 51.85 14.35
CA ILE D 373 -1.76 50.50 14.83
C ILE D 373 -2.88 50.56 15.87
N PRO D 374 -3.97 49.82 15.69
CA PRO D 374 -5.05 49.85 16.70
C PRO D 374 -4.61 49.18 18.00
N GLU D 375 -5.22 49.61 19.10
CA GLU D 375 -4.98 48.92 20.37
C GLU D 375 -5.45 47.48 20.25
N HIS D 376 -4.60 46.56 20.70
CA HIS D 376 -4.91 45.14 20.71
C HIS D 376 -3.83 44.46 21.54
N SER D 377 -3.96 43.13 21.66
CA SER D 377 -3.07 42.32 22.48
C SER D 377 -1.60 42.68 22.31
N TYR D 378 -1.13 42.74 21.05
CA TYR D 378 0.28 42.94 20.75
C TYR D 378 0.61 44.38 20.37
N PHE D 379 -0.24 45.34 20.74
CA PHE D 379 0.01 46.74 20.40
C PHE D 379 1.44 47.17 20.77
N SER D 380 1.92 46.74 21.94
CA SER D 380 3.21 47.23 22.42
C SER D 380 4.36 46.79 21.54
N ARG D 381 4.17 45.72 20.75
CA ARG D 381 5.20 45.23 19.85
C ARG D 381 5.42 46.14 18.64
N TYR D 382 4.54 47.11 18.41
CA TYR D 382 4.67 47.99 17.26
C TYR D 382 5.26 49.35 17.63
N GLY D 383 5.89 49.45 18.80
CA GLY D 383 6.58 50.66 19.18
C GLY D 383 7.82 50.89 18.35
N PRO D 384 8.44 52.07 18.49
CA PRO D 384 7.97 53.10 19.41
C PRO D 384 6.92 54.05 18.82
N ASP D 385 6.62 53.93 17.52
CA ASP D 385 5.75 54.90 16.86
C ASP D 385 4.38 54.35 16.45
N PHE D 386 4.20 53.03 16.44
CA PHE D 386 2.87 52.42 16.31
C PHE D 386 2.14 52.85 15.03
N GLU D 387 2.91 52.96 13.95
CA GLU D 387 2.36 53.21 12.62
C GLU D 387 2.26 51.91 11.83
N LEU D 388 1.40 51.92 10.82
CA LEU D 388 1.28 50.72 9.97
C LEU D 388 2.41 50.66 8.94
N ASP D 389 2.84 51.79 8.39
CA ASP D 389 4.04 51.84 7.56
C ASP D 389 5.25 51.32 8.33
N ILE D 390 6.08 50.51 7.67
CA ILE D 390 7.35 50.14 8.32
C ILE D 390 8.23 51.39 8.47
N ASP D 391 9.19 51.30 9.39
CA ASP D 391 10.09 52.40 9.72
C ASP D 391 11.29 52.36 8.76
N TYR D 392 11.10 52.95 7.59
CA TYR D 392 12.15 52.96 6.58
C TYR D 392 12.01 54.18 5.70
N PHE D 393 13.13 54.89 5.49
CA PHE D 393 13.14 56.01 4.55
C PHE D 393 13.77 55.57 3.24
N PRO D 394 12.99 55.40 2.16
CA PRO D 394 13.52 54.98 0.86
C PRO D 394 14.35 56.09 0.20
N ASP D 403 20.70 46.87 -16.26
CA ASP D 403 21.54 46.20 -17.25
C ASP D 403 21.59 44.70 -16.99
N SER D 404 21.92 44.33 -15.75
CA SER D 404 21.85 42.94 -15.36
C SER D 404 20.42 42.41 -15.47
N ILE D 405 19.44 43.23 -15.10
CA ILE D 405 18.06 42.78 -15.11
C ILE D 405 17.55 42.63 -16.55
N GLN D 406 17.98 43.53 -17.45
CA GLN D 406 17.59 43.40 -18.85
C GLN D 406 18.12 42.10 -19.46
N LYS D 407 19.36 41.73 -19.12
CA LYS D 407 19.90 40.45 -19.56
C LYS D 407 19.04 39.30 -19.06
N HIS D 408 18.59 39.37 -17.81
CA HIS D 408 17.71 38.32 -17.27
C HIS D 408 16.39 38.28 -18.01
N HIS D 409 15.83 39.45 -18.33
CA HIS D 409 14.57 39.51 -19.05
C HIS D 409 14.67 38.84 -20.42
N ARG D 410 15.73 39.15 -21.17
CA ARG D 410 15.91 38.50 -22.47
C ARG D 410 16.04 37.00 -22.31
N ARG D 411 16.78 36.56 -21.29
CA ARG D 411 16.93 35.12 -21.04
C ARG D 411 15.60 34.48 -20.68
N ILE D 412 14.82 35.13 -19.82
CA ILE D 412 13.58 34.54 -19.35
C ILE D 412 12.54 34.51 -20.46
N LEU D 413 12.49 35.55 -21.28
CA LEU D 413 11.58 35.57 -22.43
C LEU D 413 11.92 34.46 -23.41
N GLU D 414 13.21 34.23 -23.63
CA GLU D 414 13.63 33.12 -24.48
C GLU D 414 13.21 31.79 -23.89
N GLN D 415 13.37 31.61 -22.57
CA GLN D 415 12.96 30.36 -21.94
C GLN D 415 11.45 30.18 -22.02
N LEU D 416 10.69 31.27 -21.87
CA LEU D 416 9.24 31.20 -21.99
C LEU D 416 8.82 30.77 -23.38
N ARG D 417 9.46 31.31 -24.42
CA ARG D 417 9.20 30.85 -25.79
C ARG D 417 9.51 29.36 -25.92
N ASN D 418 10.67 28.93 -25.41
CA ASN D 418 11.05 27.52 -25.48
C ASN D 418 10.06 26.66 -24.72
N TYR D 419 9.61 27.12 -23.54
CA TYR D 419 8.58 26.40 -22.80
C TYR D 419 7.31 26.27 -23.63
N ALA D 420 6.87 27.37 -24.25
CA ALA D 420 5.65 27.35 -25.06
C ALA D 420 5.81 26.42 -26.25
N ASP D 421 6.95 26.49 -26.95
CA ASP D 421 7.19 25.62 -28.09
C ASP D 421 7.16 24.15 -27.67
N LEU D 422 7.88 23.83 -26.59
CA LEU D 422 7.96 22.44 -26.15
C LEU D 422 6.58 21.89 -25.81
N ASN D 423 5.71 22.73 -25.25
CA ASN D 423 4.42 22.29 -24.77
C ASN D 423 3.28 22.67 -25.72
N LYS D 424 3.61 23.02 -26.96
CA LYS D 424 2.66 23.40 -28.02
C LYS D 424 1.55 24.30 -27.49
N LEU D 425 1.95 25.38 -26.81
CA LEU D 425 1.01 26.35 -26.27
C LEU D 425 0.88 27.55 -27.21
N ILE D 426 -0.33 28.09 -27.31
CA ILE D 426 -0.62 29.22 -28.18
C ILE D 426 -0.30 30.51 -27.44
N TYR D 427 0.39 31.43 -28.12
CA TYR D 427 0.69 32.74 -27.55
C TYR D 427 1.24 33.64 -28.64
N ASP D 428 0.94 34.93 -28.54
CA ASP D 428 1.43 35.93 -29.49
C ASP D 428 2.79 36.42 -29.00
N TYR D 429 3.85 36.07 -29.73
CA TYR D 429 5.20 36.37 -29.26
C TYR D 429 5.42 37.86 -29.10
N ASP D 430 4.92 38.67 -30.03
CA ASP D 430 5.23 40.09 -29.98
C ASP D 430 4.46 40.81 -28.87
N GLN D 431 3.23 40.39 -28.57
CA GLN D 431 2.52 40.94 -27.42
C GLN D 431 3.30 40.67 -26.13
N VAL D 432 3.76 39.43 -25.96
CA VAL D 432 4.56 39.09 -24.78
C VAL D 432 5.91 39.82 -24.83
N TYR D 433 6.47 39.98 -26.03
CA TYR D 433 7.71 40.73 -26.16
C TYR D 433 7.54 42.18 -25.73
N GLN D 434 6.42 42.81 -26.10
CA GLN D 434 6.22 44.22 -25.78
C GLN D 434 6.09 44.47 -24.29
N LEU D 435 5.74 43.45 -23.50
CA LEU D 435 5.65 43.63 -22.05
C LEU D 435 6.96 44.09 -21.45
N TYR D 436 8.08 43.70 -22.03
CA TYR D 436 9.40 44.03 -21.48
C TYR D 436 9.95 45.34 -22.02
ZN ZN E . 10.46 -32.65 11.37
K K F . 3.55 -33.01 13.08
K K G . -7.11 -22.47 13.80
C1 GOL H . -0.72 -26.36 23.61
O1 GOL H . -0.48 -26.32 25.00
C2 GOL H . 0.23 -25.45 22.86
O2 GOL H . 1.58 -25.75 23.18
C3 GOL H . -0.09 -25.71 21.39
O3 GOL H . 1.06 -25.90 20.64
C1 GOL I . 12.76 -27.42 -0.53
O1 GOL I . 12.57 -27.17 -1.88
C2 GOL I . 13.08 -28.88 -0.35
O2 GOL I . 13.31 -29.52 -1.59
C3 GOL I . 14.34 -28.95 0.50
O3 GOL I . 14.54 -30.31 0.79
C1 GOL J . 11.28 -22.07 -9.50
O1 GOL J . 10.66 -21.55 -8.36
C2 GOL J . 11.86 -20.95 -10.36
O2 GOL J . 11.96 -21.41 -11.67
C3 GOL J . 10.87 -19.79 -10.40
O3 GOL J . 11.51 -18.55 -10.21
N 5IB K . 11.11 -29.85 11.30
C 5IB K . 16.35 -28.13 15.47
O 5IB K . 16.44 -29.27 14.62
C1 5IB K . 15.41 -29.50 13.77
C10 5IB K . 18.33 -33.83 13.37
C11 5IB K . 19.24 -34.86 13.57
C12 5IB K . 20.28 -35.06 12.69
C13 5IB K . 20.41 -34.23 11.58
C14 5IB K . 21.38 -34.11 10.51
C15 5IB K . 22.58 -34.73 10.16
C16 5IB K . 23.30 -34.25 9.07
C17 5IB K . 22.85 -33.15 8.34
C18 5IB K . 21.66 -32.52 8.67
C19 5IB K . 20.97 -33.02 9.75
C2 5IB K . 14.27 -28.71 13.68
C20 5IB K . 19.50 -33.20 11.38
C3 5IB K . 13.27 -29.06 12.80
C4 5IB K . 13.37 -30.19 11.99
C5 5IB K . 12.20 -30.61 11.16
C6 5IB K . 14.53 -30.96 12.05
C7 5IB K . 15.56 -30.63 12.94
C8 5IB K . 17.29 -32.07 11.95
C9 5IB K . 18.43 -33.00 12.26
N1 5IB K . 16.84 -31.26 12.93
O1 5IB K . 12.23 -31.60 10.44
O2 5IB K . 9.91 -30.31 10.79
O3 5IB K . 16.83 -32.06 10.81
O4 5IB K . 19.81 -32.45 10.27
N 5IB L . 7.78 -12.61 -22.12
C 5IB L . 3.36 -15.30 -17.43
O 5IB L . 3.25 -13.94 -17.85
C1 5IB L . 4.11 -13.53 -18.85
C10 5IB L . 1.59 -9.41 -16.58
C11 5IB L . 1.04 -8.19 -16.20
C12 5IB L . 0.03 -7.62 -16.96
C13 5IB L . -0.43 -8.25 -18.10
C14 5IB L . -1.38 -7.91 -19.15
C15 5IB L . -2.16 -6.79 -19.46
C16 5IB L . -2.84 -6.75 -20.67
C17 5IB L . -2.76 -7.81 -21.57
C18 5IB L . -1.99 -8.93 -21.28
C19 5IB L . -1.31 -8.94 -20.08
C2 5IB L . 5.09 -14.32 -19.40
C20 5IB L . 0.13 -9.47 -18.48
C3 5IB L . 5.94 -13.78 -20.35
C4 5IB L . 5.84 -12.45 -20.74
C5 5IB L . 6.71 -11.89 -21.82
C6 5IB L . 4.87 -11.64 -20.16
C7 5IB L . 3.96 -12.17 -19.24
C8 5IB L . 1.78 -11.39 -18.02
C9 5IB L . 1.13 -10.07 -17.72
N1 5IB L . 2.89 -11.33 -18.81
O1 5IB L . 6.46 -10.83 -22.40
O2 5IB L . 8.69 -12.08 -23.02
O3 5IB L . 1.32 -12.44 -17.58
O4 5IB L . -0.40 -9.92 -19.68
ZN ZN M . 8.34 -9.91 -21.95
K K N . 15.35 -9.63 -23.03
K K O . 24.96 -19.79 -28.56
C1 GOL P . 23.14 -17.76 -16.37
O1 GOL P . 23.71 -18.20 -15.16
C2 GOL P . 21.98 -18.69 -16.71
O2 GOL P . 20.84 -18.35 -15.94
C3 GOL P . 21.71 -18.58 -18.22
O3 GOL P . 20.47 -17.99 -18.46
N 5IB Q . -16.73 12.26 16.28
C 5IB Q . -14.63 15.06 10.15
O 5IB Q . -14.99 13.69 10.28
C1 5IB Q . -15.47 13.28 11.50
C10 5IB Q . -14.42 9.19 8.35
C11 5IB Q . -14.25 7.97 7.71
C12 5IB Q . -15.33 7.32 7.14
C13 5IB Q . -16.60 7.88 7.21
C14 5IB Q . -17.92 7.46 6.81
C15 5IB Q . -18.47 6.33 6.21
C16 5IB Q . -19.85 6.23 6.07
C17 5IB Q . -20.69 7.26 6.52
C18 5IB Q . -20.16 8.39 7.12
C19 5IB Q . -18.79 8.46 7.26
C2 5IB Q . -15.53 14.09 12.63
C20 5IB Q . -16.77 9.11 7.86
C3 5IB Q . -15.97 13.56 13.82
C4 5IB Q . -16.34 12.22 13.92
C5 5IB Q . -16.93 11.61 15.16
C6 5IB Q . -16.24 11.40 12.80
C7 5IB Q . -15.85 11.91 11.58
C8 5IB Q . -15.75 11.11 9.10
C9 5IB Q . -15.68 9.79 8.42
N1 5IB Q . -15.94 11.05 10.45
O1 5IB Q . -17.57 10.56 15.11
O2 5IB Q . -17.23 11.73 17.46
O3 5IB Q . -15.66 12.16 8.46
O4 5IB Q . -18.11 9.48 7.89
ZN ZN R . -16.31 9.73 16.74
K K S . -14.15 9.69 23.48
K K T . -15.21 19.95 34.29
C1 GOL U . -28.95 11.10 15.38
O1 GOL U . -29.77 12.23 15.31
C2 GOL U . -28.89 10.53 13.99
O2 GOL U . -27.66 10.88 13.43
C3 GOL U . -28.96 9.04 14.20
O3 GOL U . -28.01 8.35 13.40
C1 GOL V . -5.44 18.34 27.19
O1 GOL V . -4.05 18.62 27.36
C2 GOL V . -5.94 19.31 26.12
O2 GOL V . -5.68 18.71 24.86
C3 GOL V . -7.42 19.59 26.29
O3 GOL V . -8.15 18.43 25.98
N 5IB W . 13.96 30.92 3.79
C 5IB W . 19.94 29.29 6.87
O 5IB W . 19.23 30.48 7.23
C1 5IB W . 18.02 30.70 6.63
C10 5IB W . 18.81 35.04 9.33
C11 5IB W . 19.24 36.22 9.94
C12 5IB W . 18.65 36.68 11.09
C13 5IB W . 17.62 35.95 11.68
C14 5IB W . 16.73 36.15 12.81
C15 5IB W . 16.46 37.19 13.69
C16 5IB W . 15.37 37.12 14.53
C17 5IB W . 14.53 36.01 14.51
C18 5IB W . 14.78 34.95 13.65
C19 5IB W . 15.86 35.06 12.80
C2 5IB W . 17.46 29.87 5.67
C20 5IB W . 17.20 34.76 11.08
C3 5IB W . 16.22 30.17 5.15
C4 5IB W . 15.53 31.31 5.55
C5 5IB W . 14.24 31.65 4.86
C6 5IB W . 16.08 32.13 6.53
C7 5IB W . 17.33 31.83 7.09
C8 5IB W . 17.08 33.24 9.06
C9 5IB W . 17.76 34.31 9.89
N1 5IB W . 17.85 32.50 8.24
O1 5IB W . 13.51 32.56 5.26
O2 5IB W . 12.85 31.24 3.02
O3 5IB W . 15.87 33.09 9.17
O4 5IB W . 16.14 34.19 11.76
ZN ZN X . 13.40 33.54 3.18
K K Y . 11.84 33.67 -3.75
K K Z . 8.21 22.70 -13.35
C1 GOL AA . 18.44 25.64 -10.04
O1 GOL AA . 17.56 26.55 -9.44
C2 GOL AA . 19.48 26.60 -10.55
O2 GOL AA . 20.67 26.60 -9.80
C3 GOL AA . 19.52 26.66 -12.08
O3 GOL AA . 20.66 27.33 -12.57
C1 GOL BA . -4.13 19.81 14.79
O1 GOL BA . -4.88 18.94 13.97
C2 GOL BA . -4.60 21.24 14.59
O2 GOL BA . -6.01 21.31 14.74
C3 GOL BA . -4.18 21.71 13.20
O3 GOL BA . -4.79 22.95 12.91
#